data_2L0D
#
_entry.id   2L0D
#
_entity_poly.entity_id   1
_entity_poly.type   'polypeptide(L)'
_entity_poly.pdbx_seq_one_letter_code
;MIPDLVPVSLTPVTVVPNTVNTMTATIENQGNKDSTSFNVSLLVDGIVVDTQTVTSLESENSTNVDFHWTLDGTANSYTL
TVNVDPENAVNEGNESNNTLTALVGTLEHHHHHH
;
_entity_poly.pdbx_strand_id   A
#
# COMPACT_ATOMS: atom_id res chain seq x y z
N MET A 1 1.31 24.60 2.08
CA MET A 1 0.77 23.71 3.13
C MET A 1 -0.15 22.68 2.49
N ILE A 2 0.40 21.53 2.15
CA ILE A 2 -0.35 20.49 1.46
C ILE A 2 0.08 19.11 1.95
N PRO A 3 -0.88 18.19 2.14
CA PRO A 3 -0.56 16.81 2.50
C PRO A 3 0.09 16.07 1.34
N ASP A 4 1.32 15.65 1.52
CA ASP A 4 2.03 14.90 0.51
C ASP A 4 2.04 13.44 0.89
N LEU A 5 0.93 12.78 0.62
CA LEU A 5 0.72 11.41 1.05
C LEU A 5 1.55 10.44 0.21
N VAL A 6 2.65 9.96 0.79
CA VAL A 6 3.56 9.10 0.08
C VAL A 6 3.59 7.69 0.66
N PRO A 7 3.07 6.71 -0.08
CA PRO A 7 3.27 5.31 0.24
C PRO A 7 4.76 4.96 0.14
N VAL A 8 5.39 4.76 1.28
CA VAL A 8 6.83 4.62 1.35
C VAL A 8 7.26 3.20 1.02
N SER A 9 6.73 2.25 1.76
CA SER A 9 7.10 0.86 1.59
C SER A 9 5.89 -0.06 1.73
N LEU A 10 6.02 -1.24 1.17
CA LEU A 10 4.99 -2.25 1.24
C LEU A 10 5.62 -3.57 1.68
N THR A 11 5.41 -3.93 2.94
CA THR A 11 6.03 -5.12 3.50
C THR A 11 4.99 -6.17 3.86
N PRO A 12 5.32 -7.46 3.72
CA PRO A 12 6.63 -7.90 3.22
C PRO A 12 6.73 -7.80 1.70
N VAL A 13 7.95 -7.62 1.20
CA VAL A 13 8.18 -7.49 -0.23
C VAL A 13 8.04 -8.83 -0.94
N THR A 14 8.14 -9.91 -0.18
CA THR A 14 7.97 -11.26 -0.69
C THR A 14 6.91 -11.97 0.15
N VAL A 15 5.90 -12.55 -0.49
CA VAL A 15 4.71 -13.02 0.21
C VAL A 15 4.56 -14.54 0.17
N VAL A 16 4.14 -15.11 1.29
CA VAL A 16 3.89 -16.54 1.36
C VAL A 16 2.48 -16.88 0.86
N PRO A 17 2.38 -17.74 -0.17
CA PRO A 17 1.10 -18.20 -0.70
C PRO A 17 0.48 -19.28 0.19
N ASN A 18 0.31 -18.96 1.45
CA ASN A 18 -0.21 -19.94 2.42
C ASN A 18 -1.47 -19.44 3.11
N THR A 19 -1.72 -18.14 3.07
CA THR A 19 -2.79 -17.56 3.86
C THR A 19 -3.25 -16.22 3.26
N VAL A 20 -4.14 -15.54 3.96
CA VAL A 20 -4.49 -14.18 3.62
C VAL A 20 -3.45 -13.26 4.22
N ASN A 21 -2.65 -12.67 3.36
CA ASN A 21 -1.47 -11.93 3.79
C ASN A 21 -1.83 -10.53 4.18
N THR A 22 -1.79 -10.26 5.48
CA THR A 22 -2.04 -8.94 6.00
C THR A 22 -0.78 -8.10 5.82
N MET A 23 -0.62 -7.54 4.64
CA MET A 23 0.56 -6.77 4.31
C MET A 23 0.45 -5.37 4.89
N THR A 24 1.59 -4.77 5.17
CA THR A 24 1.62 -3.48 5.81
C THR A 24 2.20 -2.42 4.87
N ALA A 25 1.35 -1.52 4.41
CA ALA A 25 1.79 -0.38 3.62
C ALA A 25 2.05 0.79 4.55
N THR A 26 3.27 1.27 4.53
CA THR A 26 3.64 2.40 5.37
C THR A 26 3.48 3.69 4.61
N ILE A 27 2.38 4.39 4.86
CA ILE A 27 2.10 5.64 4.20
C ILE A 27 2.59 6.79 5.06
N GLU A 28 3.51 7.57 4.53
CA GLU A 28 4.06 8.69 5.26
C GLU A 28 3.66 9.98 4.57
N ASN A 29 3.04 10.87 5.33
CA ASN A 29 2.63 12.17 4.80
C ASN A 29 3.83 13.12 4.81
N GLN A 30 4.56 13.13 3.73
CA GLN A 30 5.81 13.88 3.64
C GLN A 30 5.54 15.31 3.19
N GLY A 31 4.52 15.90 3.78
CA GLY A 31 4.17 17.28 3.53
C GLY A 31 3.65 17.92 4.80
N ASN A 32 3.96 19.18 4.99
CA ASN A 32 3.64 19.86 6.24
C ASN A 32 2.18 20.30 6.27
N LYS A 33 1.30 19.33 6.24
CA LYS A 33 -0.13 19.55 6.45
C LYS A 33 -0.79 18.23 6.80
N ASP A 34 -1.42 18.18 7.96
CA ASP A 34 -2.01 16.93 8.46
C ASP A 34 -3.21 16.55 7.61
N SER A 35 -3.18 15.33 7.08
CA SER A 35 -4.19 14.86 6.15
C SER A 35 -5.35 14.22 6.90
N THR A 36 -6.54 14.36 6.34
CA THR A 36 -7.74 13.78 6.91
C THR A 36 -7.93 12.35 6.41
N SER A 37 -9.14 11.81 6.55
CA SER A 37 -9.43 10.45 6.13
C SER A 37 -9.23 10.28 4.62
N PHE A 38 -8.55 9.20 4.24
CA PHE A 38 -8.24 8.94 2.84
C PHE A 38 -8.30 7.44 2.56
N ASN A 39 -8.76 7.09 1.36
CA ASN A 39 -8.98 5.69 1.01
C ASN A 39 -7.75 5.10 0.32
N VAL A 40 -7.05 4.21 1.00
CA VAL A 40 -5.87 3.58 0.42
C VAL A 40 -6.23 2.21 -0.12
N SER A 41 -6.10 2.07 -1.43
CA SER A 41 -6.45 0.83 -2.11
C SER A 41 -5.20 0.11 -2.61
N LEU A 42 -5.23 -1.21 -2.57
CA LEU A 42 -4.14 -2.01 -3.10
C LEU A 42 -4.52 -2.50 -4.50
N LEU A 43 -3.87 -1.95 -5.50
CA LEU A 43 -4.14 -2.31 -6.87
C LEU A 43 -3.10 -3.31 -7.38
N VAL A 44 -3.53 -4.54 -7.54
CA VAL A 44 -2.65 -5.59 -8.03
C VAL A 44 -2.69 -5.63 -9.55
N ASP A 45 -1.66 -5.05 -10.17
CA ASP A 45 -1.56 -4.98 -11.63
C ASP A 45 -2.73 -4.22 -12.24
N GLY A 46 -3.43 -3.44 -11.41
CA GLY A 46 -4.53 -2.65 -11.89
C GLY A 46 -5.82 -2.92 -11.13
N ILE A 47 -6.04 -4.17 -10.75
CA ILE A 47 -7.28 -4.55 -10.07
C ILE A 47 -7.21 -4.17 -8.60
N VAL A 48 -8.34 -3.78 -8.05
CA VAL A 48 -8.41 -3.36 -6.67
C VAL A 48 -8.85 -4.51 -5.79
N VAL A 49 -7.90 -5.12 -5.10
CA VAL A 49 -8.19 -6.31 -4.29
C VAL A 49 -8.72 -5.92 -2.91
N ASP A 50 -8.28 -4.77 -2.40
CA ASP A 50 -8.68 -4.36 -1.06
C ASP A 50 -8.49 -2.85 -0.88
N THR A 51 -9.42 -2.22 -0.19
CA THR A 51 -9.37 -0.78 0.07
C THR A 51 -9.57 -0.52 1.55
N GLN A 52 -8.61 0.17 2.16
CA GLN A 52 -8.67 0.46 3.58
C GLN A 52 -8.49 1.96 3.80
N THR A 53 -9.57 2.65 4.12
CA THR A 53 -9.52 4.07 4.39
C THR A 53 -8.89 4.34 5.76
N VAL A 54 -7.93 5.24 5.79
CA VAL A 54 -7.24 5.58 7.01
C VAL A 54 -7.88 6.80 7.66
N THR A 55 -8.03 6.77 8.98
CA THR A 55 -8.69 7.84 9.72
C THR A 55 -8.05 9.20 9.44
N SER A 56 -6.73 9.24 9.43
CA SER A 56 -6.00 10.48 9.27
C SER A 56 -4.51 10.17 9.15
N LEU A 57 -3.76 11.05 8.49
CA LEU A 57 -2.32 10.89 8.38
C LEU A 57 -1.63 12.21 8.66
N GLU A 58 -0.96 12.26 9.80
CA GLU A 58 -0.34 13.49 10.27
C GLU A 58 0.87 13.89 9.43
N SER A 59 1.21 15.16 9.50
CA SER A 59 2.35 15.70 8.78
C SER A 59 3.66 15.09 9.28
N GLU A 60 4.40 14.50 8.34
CA GLU A 60 5.68 13.87 8.61
C GLU A 60 5.54 12.66 9.53
N ASN A 61 4.32 12.13 9.61
CA ASN A 61 4.06 10.93 10.39
C ASN A 61 3.61 9.81 9.44
N SER A 62 3.81 8.57 9.86
CA SER A 62 3.50 7.44 9.00
C SER A 62 2.37 6.61 9.60
N THR A 63 1.54 6.04 8.75
CA THR A 63 0.49 5.14 9.19
C THR A 63 0.69 3.77 8.56
N ASN A 64 0.38 2.72 9.31
CA ASN A 64 0.50 1.37 8.82
C ASN A 64 -0.84 0.87 8.31
N VAL A 65 -0.91 0.68 6.99
CA VAL A 65 -2.13 0.20 6.36
C VAL A 65 -2.06 -1.30 6.15
N ASP A 66 -2.96 -2.04 6.77
CA ASP A 66 -2.95 -3.49 6.64
C ASP A 66 -3.91 -3.93 5.53
N PHE A 67 -3.35 -4.59 4.54
CA PHE A 67 -4.13 -5.08 3.41
C PHE A 67 -4.53 -6.53 3.62
N HIS A 68 -5.70 -6.88 3.13
CA HIS A 68 -6.23 -8.23 3.27
C HIS A 68 -6.23 -8.92 1.92
N TRP A 69 -5.13 -9.61 1.61
CA TRP A 69 -4.94 -10.18 0.29
C TRP A 69 -4.68 -11.68 0.38
N THR A 70 -5.62 -12.45 -0.14
CA THR A 70 -5.49 -13.90 -0.24
C THR A 70 -4.59 -14.26 -1.42
N LEU A 71 -3.43 -14.84 -1.14
CA LEU A 71 -2.53 -15.26 -2.21
C LEU A 71 -3.17 -16.34 -3.08
N ASP A 72 -3.33 -16.01 -4.35
CA ASP A 72 -3.94 -16.91 -5.30
C ASP A 72 -2.93 -17.91 -5.85
N GLY A 73 -1.71 -17.45 -6.04
CA GLY A 73 -0.69 -18.27 -6.68
C GLY A 73 -0.82 -18.22 -8.19
N THR A 74 -1.51 -17.20 -8.66
CA THR A 74 -1.74 -16.99 -10.08
C THR A 74 -0.45 -16.60 -10.80
N ALA A 75 0.44 -15.93 -10.07
CA ALA A 75 1.72 -15.50 -10.61
C ALA A 75 2.80 -15.56 -9.55
N ASN A 76 4.05 -15.42 -9.96
CA ASN A 76 5.16 -15.43 -9.03
C ASN A 76 5.54 -14.00 -8.66
N SER A 77 5.06 -13.07 -9.46
CA SER A 77 5.28 -11.66 -9.23
C SER A 77 3.98 -10.90 -9.33
N TYR A 78 3.66 -10.14 -8.31
CA TYR A 78 2.46 -9.32 -8.30
C TYR A 78 2.84 -7.85 -8.28
N THR A 79 2.21 -7.05 -9.14
CA THR A 79 2.50 -5.64 -9.18
C THR A 79 1.56 -4.89 -8.24
N LEU A 80 1.93 -4.85 -6.98
CA LEU A 80 1.09 -4.22 -5.97
C LEU A 80 1.28 -2.72 -5.98
N THR A 81 0.20 -2.03 -6.29
CA THR A 81 0.21 -0.60 -6.38
C THR A 81 -0.64 0.02 -5.29
N VAL A 82 -0.01 0.68 -4.33
CA VAL A 82 -0.73 1.36 -3.28
C VAL A 82 -1.10 2.76 -3.75
N ASN A 83 -2.34 2.91 -4.17
CA ASN A 83 -2.82 4.21 -4.62
C ASN A 83 -3.52 4.91 -3.48
N VAL A 84 -2.89 5.95 -2.97
CA VAL A 84 -3.44 6.71 -1.86
C VAL A 84 -4.57 7.60 -2.35
N ASP A 85 -5.78 7.15 -2.05
CA ASP A 85 -7.02 7.84 -2.42
C ASP A 85 -7.06 8.18 -3.90
N PRO A 86 -7.45 7.22 -4.74
CA PRO A 86 -7.53 7.41 -6.20
C PRO A 86 -8.60 8.43 -6.58
N GLU A 87 -9.41 8.80 -5.60
CA GLU A 87 -10.45 9.79 -5.80
C GLU A 87 -9.90 11.19 -5.55
N ASN A 88 -8.72 11.23 -4.92
CA ASN A 88 -8.05 12.48 -4.57
C ASN A 88 -8.95 13.36 -3.71
N ALA A 89 -9.62 12.74 -2.75
CA ALA A 89 -10.48 13.47 -1.82
C ALA A 89 -9.65 14.44 -1.00
N VAL A 90 -8.43 14.03 -0.70
CA VAL A 90 -7.48 14.91 -0.05
C VAL A 90 -6.36 15.21 -1.05
N ASN A 91 -6.45 16.37 -1.70
CA ASN A 91 -5.53 16.71 -2.78
C ASN A 91 -4.09 16.71 -2.28
N GLU A 92 -3.32 15.75 -2.77
CA GLU A 92 -1.97 15.53 -2.31
C GLU A 92 -0.98 16.46 -2.98
N GLY A 93 0.22 16.51 -2.42
CA GLY A 93 1.32 17.28 -2.97
C GLY A 93 1.67 16.90 -4.40
N ASN A 94 2.72 16.11 -4.56
CA ASN A 94 3.18 15.72 -5.88
C ASN A 94 2.28 14.64 -6.47
N GLU A 95 2.04 14.73 -7.78
CA GLU A 95 1.10 13.86 -8.48
C GLU A 95 1.49 12.39 -8.36
N SER A 96 2.78 12.11 -8.53
CA SER A 96 3.26 10.72 -8.55
C SER A 96 3.63 10.23 -7.16
N ASN A 97 3.40 11.05 -6.15
CA ASN A 97 3.81 10.71 -4.80
C ASN A 97 2.77 9.89 -4.07
N ASN A 98 1.51 9.99 -4.50
CA ASN A 98 0.41 9.33 -3.81
C ASN A 98 0.30 7.86 -4.23
N THR A 99 1.10 7.46 -5.20
CA THR A 99 1.05 6.10 -5.70
C THR A 99 2.37 5.38 -5.43
N LEU A 100 2.28 4.07 -5.29
CA LEU A 100 3.45 3.22 -5.04
C LEU A 100 3.33 1.94 -5.84
N THR A 101 4.07 1.84 -6.93
CA THR A 101 4.08 0.64 -7.75
C THR A 101 5.29 -0.22 -7.41
N ALA A 102 5.07 -1.30 -6.67
CA ALA A 102 6.16 -2.17 -6.26
C ALA A 102 5.82 -3.63 -6.52
N LEU A 103 6.79 -4.35 -7.06
CA LEU A 103 6.62 -5.78 -7.30
C LEU A 103 6.83 -6.57 -6.03
N VAL A 104 5.86 -7.41 -5.70
CA VAL A 104 6.01 -8.33 -4.59
C VAL A 104 6.13 -9.74 -5.14
N GLY A 105 7.08 -10.50 -4.61
CA GLY A 105 7.31 -11.84 -5.12
C GLY A 105 6.77 -12.87 -4.17
N THR A 106 6.74 -14.11 -4.58
CA THR A 106 6.33 -15.18 -3.69
C THR A 106 7.53 -15.66 -2.87
N LEU A 107 7.38 -15.65 -1.56
CA LEU A 107 8.48 -15.98 -0.66
C LEU A 107 8.93 -17.41 -0.85
N GLU A 108 10.24 -17.60 -0.95
CA GLU A 108 10.81 -18.92 -1.15
C GLU A 108 10.48 -19.83 0.02
N HIS A 109 10.64 -19.32 1.24
CA HIS A 109 10.35 -20.07 2.44
C HIS A 109 8.87 -19.99 2.78
N HIS A 110 8.21 -21.13 2.81
CA HIS A 110 6.79 -21.18 3.09
C HIS A 110 6.54 -21.68 4.51
N HIS A 111 5.59 -21.07 5.20
CA HIS A 111 5.24 -21.49 6.56
C HIS A 111 4.58 -22.86 6.51
N HIS A 112 3.96 -23.17 5.38
CA HIS A 112 3.35 -24.46 5.15
C HIS A 112 3.63 -24.89 3.72
N HIS A 113 3.87 -26.19 3.51
CA HIS A 113 4.17 -26.71 2.19
C HIS A 113 3.07 -26.34 1.22
N HIS A 114 1.85 -26.75 1.55
CA HIS A 114 0.66 -26.36 0.79
C HIS A 114 -0.56 -26.44 1.69
N MET A 1 -0.01 26.03 2.28
CA MET A 1 0.62 24.73 2.58
C MET A 1 -0.20 23.58 2.02
N ILE A 2 0.47 22.68 1.33
CA ILE A 2 -0.16 21.48 0.80
C ILE A 2 0.42 20.25 1.49
N PRO A 3 -0.41 19.24 1.77
CA PRO A 3 0.07 17.96 2.26
C PRO A 3 0.53 17.07 1.12
N ASP A 4 1.39 16.11 1.42
CA ASP A 4 1.91 15.22 0.40
C ASP A 4 1.97 13.83 0.96
N LEU A 5 1.15 12.94 0.42
CA LEU A 5 1.03 11.61 0.99
C LEU A 5 1.87 10.66 0.17
N VAL A 6 2.74 9.92 0.84
CA VAL A 6 3.64 9.04 0.14
C VAL A 6 3.50 7.63 0.66
N PRO A 7 3.55 6.63 -0.23
CA PRO A 7 3.70 5.25 0.12
C PRO A 7 5.16 4.86 0.01
N VAL A 8 5.84 4.85 1.14
CA VAL A 8 7.30 4.75 1.15
C VAL A 8 7.78 3.31 0.98
N SER A 9 6.98 2.35 1.41
CA SER A 9 7.39 0.96 1.35
C SER A 9 6.20 0.03 1.55
N LEU A 10 6.35 -1.21 1.10
CA LEU A 10 5.36 -2.25 1.30
C LEU A 10 6.03 -3.47 1.91
N THR A 11 5.49 -3.94 3.02
CA THR A 11 6.02 -5.11 3.70
C THR A 11 4.93 -6.17 3.84
N PRO A 12 5.23 -7.43 3.49
CA PRO A 12 6.55 -7.85 3.02
C PRO A 12 6.70 -7.79 1.51
N VAL A 13 7.90 -8.05 1.02
CA VAL A 13 8.16 -8.06 -0.40
C VAL A 13 7.95 -9.47 -0.99
N THR A 14 7.79 -10.43 -0.10
CA THR A 14 7.48 -11.79 -0.49
C THR A 14 6.15 -12.22 0.14
N VAL A 15 5.43 -13.12 -0.52
CA VAL A 15 4.11 -13.52 -0.03
C VAL A 15 3.85 -15.00 -0.25
N VAL A 16 2.94 -15.55 0.53
CA VAL A 16 2.56 -16.95 0.43
C VAL A 16 1.27 -17.10 -0.37
N PRO A 17 1.23 -18.01 -1.35
CA PRO A 17 0.01 -18.28 -2.14
C PRO A 17 -0.82 -19.41 -1.56
N ASN A 18 -0.49 -19.82 -0.34
CA ASN A 18 -1.15 -20.97 0.30
C ASN A 18 -2.20 -20.52 1.29
N THR A 19 -2.17 -19.24 1.65
CA THR A 19 -3.04 -18.70 2.67
C THR A 19 -3.15 -17.19 2.51
N VAL A 20 -4.03 -16.57 3.28
CA VAL A 20 -4.15 -15.12 3.25
C VAL A 20 -2.91 -14.48 3.85
N ASN A 21 -2.40 -13.52 3.14
CA ASN A 21 -1.17 -12.82 3.49
C ASN A 21 -1.49 -11.39 3.84
N THR A 22 -0.94 -10.91 4.94
CA THR A 22 -1.37 -9.62 5.46
C THR A 22 -0.26 -8.61 5.20
N MET A 23 -0.65 -7.61 4.43
CA MET A 23 0.27 -6.72 3.74
C MET A 23 0.24 -5.35 4.36
N THR A 24 1.39 -4.86 4.79
CA THR A 24 1.44 -3.59 5.47
C THR A 24 2.17 -2.58 4.60
N ALA A 25 1.48 -1.48 4.35
CA ALA A 25 1.93 -0.42 3.47
C ALA A 25 2.04 0.84 4.28
N THR A 26 3.14 1.56 4.15
CA THR A 26 3.40 2.65 5.07
C THR A 26 3.33 3.98 4.33
N ILE A 27 2.43 4.82 4.82
CA ILE A 27 2.08 6.07 4.18
C ILE A 27 2.46 7.22 5.08
N GLU A 28 3.33 8.08 4.60
CA GLU A 28 3.81 9.19 5.40
C GLU A 28 3.44 10.51 4.74
N ASN A 29 2.81 11.40 5.50
CA ASN A 29 2.47 12.72 4.99
C ASN A 29 3.66 13.64 5.11
N GLN A 30 4.42 13.74 4.03
CA GLN A 30 5.65 14.49 4.02
C GLN A 30 5.41 15.90 3.50
N GLY A 31 4.50 16.59 4.18
CA GLY A 31 4.17 17.95 3.82
C GLY A 31 3.89 18.77 5.07
N ASN A 32 3.81 20.08 4.91
CA ASN A 32 3.66 20.97 6.05
C ASN A 32 2.23 20.96 6.59
N LYS A 33 1.28 20.53 5.77
CA LYS A 33 -0.11 20.54 6.17
C LYS A 33 -0.57 19.14 6.57
N ASP A 34 -1.35 19.06 7.65
CA ASP A 34 -1.86 17.79 8.16
C ASP A 34 -3.03 17.33 7.29
N SER A 35 -3.11 16.03 7.02
CA SER A 35 -4.13 15.51 6.12
C SER A 35 -5.22 14.78 6.89
N THR A 36 -6.41 14.72 6.29
CA THR A 36 -7.57 14.10 6.92
C THR A 36 -7.78 12.66 6.43
N SER A 37 -9.00 12.14 6.63
CA SER A 37 -9.35 10.79 6.19
C SER A 37 -9.06 10.60 4.69
N PHE A 38 -8.48 9.45 4.36
CA PHE A 38 -8.20 9.11 2.98
C PHE A 38 -8.27 7.59 2.81
N ASN A 39 -8.69 7.15 1.65
CA ASN A 39 -8.88 5.71 1.40
C ASN A 39 -7.71 5.14 0.61
N VAL A 40 -7.07 4.10 1.13
CA VAL A 40 -5.94 3.49 0.45
C VAL A 40 -6.30 2.11 -0.05
N SER A 41 -6.07 1.89 -1.34
CA SER A 41 -6.42 0.64 -1.98
C SER A 41 -5.19 -0.04 -2.55
N LEU A 42 -5.18 -1.35 -2.48
CA LEU A 42 -4.07 -2.14 -3.03
C LEU A 42 -4.46 -2.70 -4.38
N LEU A 43 -3.80 -2.22 -5.42
CA LEU A 43 -4.09 -2.64 -6.77
C LEU A 43 -3.07 -3.66 -7.26
N VAL A 44 -3.53 -4.83 -7.63
CA VAL A 44 -2.68 -5.82 -8.25
C VAL A 44 -2.85 -5.75 -9.75
N ASP A 45 -1.79 -5.38 -10.46
CA ASP A 45 -1.83 -5.14 -11.91
C ASP A 45 -2.66 -3.91 -12.23
N GLY A 46 -3.97 -4.05 -12.14
CA GLY A 46 -4.87 -2.95 -12.39
C GLY A 46 -6.22 -3.17 -11.74
N ILE A 47 -6.27 -4.11 -10.81
CA ILE A 47 -7.51 -4.42 -10.11
C ILE A 47 -7.30 -4.26 -8.60
N VAL A 48 -8.34 -3.90 -7.90
CA VAL A 48 -8.24 -3.67 -6.46
C VAL A 48 -8.58 -4.94 -5.70
N VAL A 49 -7.65 -5.41 -4.88
CA VAL A 49 -7.88 -6.62 -4.10
C VAL A 49 -8.35 -6.29 -2.69
N ASP A 50 -7.94 -5.14 -2.18
CA ASP A 50 -8.33 -4.73 -0.83
C ASP A 50 -8.40 -3.20 -0.75
N THR A 51 -9.26 -2.71 0.13
CA THR A 51 -9.54 -1.29 0.26
C THR A 51 -9.77 -0.94 1.72
N GLN A 52 -8.98 -0.02 2.25
CA GLN A 52 -9.11 0.38 3.64
C GLN A 52 -9.04 1.89 3.77
N THR A 53 -10.06 2.48 4.39
CA THR A 53 -10.07 3.92 4.62
C THR A 53 -9.32 4.25 5.91
N VAL A 54 -8.31 5.10 5.79
CA VAL A 54 -7.51 5.49 6.94
C VAL A 54 -8.17 6.67 7.63
N THR A 55 -8.21 6.62 8.96
CA THR A 55 -8.87 7.65 9.76
C THR A 55 -8.34 9.04 9.46
N SER A 56 -7.02 9.20 9.51
CA SER A 56 -6.38 10.48 9.25
C SER A 56 -4.86 10.32 9.31
N LEU A 57 -4.17 10.82 8.31
CA LEU A 57 -2.72 10.76 8.31
C LEU A 57 -2.14 12.06 8.84
N GLU A 58 -1.52 11.98 10.01
CA GLU A 58 -0.94 13.15 10.64
C GLU A 58 0.30 13.60 9.90
N SER A 59 0.51 14.90 9.85
CA SER A 59 1.66 15.48 9.18
C SER A 59 2.96 15.01 9.81
N GLU A 60 3.90 14.60 8.96
CA GLU A 60 5.22 14.15 9.38
C GLU A 60 5.15 12.78 10.07
N ASN A 61 3.96 12.22 10.15
CA ASN A 61 3.78 10.91 10.76
C ASN A 61 3.48 9.86 9.69
N SER A 62 3.90 8.63 9.94
CA SER A 62 3.71 7.55 8.98
C SER A 62 2.70 6.54 9.51
N THR A 63 1.65 6.31 8.73
CA THR A 63 0.60 5.37 9.11
C THR A 63 0.73 4.07 8.33
N ASN A 64 0.60 2.95 9.01
CA ASN A 64 0.68 1.64 8.39
C ASN A 64 -0.70 1.13 8.02
N VAL A 65 -0.85 0.73 6.77
CA VAL A 65 -2.11 0.23 6.26
C VAL A 65 -2.14 -1.29 6.32
N ASP A 66 -3.05 -1.82 7.14
CA ASP A 66 -3.20 -3.26 7.29
C ASP A 66 -4.10 -3.82 6.19
N PHE A 67 -3.48 -4.43 5.18
CA PHE A 67 -4.22 -5.03 4.08
C PHE A 67 -4.33 -6.54 4.25
N HIS A 68 -5.42 -7.09 3.76
CA HIS A 68 -5.65 -8.54 3.82
C HIS A 68 -5.80 -9.08 2.41
N TRP A 69 -4.79 -9.79 1.94
CA TRP A 69 -4.74 -10.23 0.56
C TRP A 69 -4.80 -11.75 0.46
N THR A 70 -5.84 -12.24 -0.19
CA THR A 70 -5.90 -13.64 -0.58
C THR A 70 -5.25 -13.77 -1.94
N LEU A 71 -4.11 -14.48 -1.99
CA LEU A 71 -3.25 -14.50 -3.18
C LEU A 71 -4.05 -14.70 -4.47
N ASP A 72 -5.06 -15.57 -4.40
CA ASP A 72 -5.99 -15.81 -5.50
C ASP A 72 -5.37 -16.68 -6.58
N GLY A 73 -4.20 -16.27 -7.06
CA GLY A 73 -3.49 -17.06 -8.04
C GLY A 73 -2.15 -17.51 -7.50
N THR A 74 -1.21 -17.80 -8.40
CA THR A 74 0.12 -18.20 -8.01
C THR A 74 1.13 -17.82 -9.09
N ALA A 75 1.70 -16.64 -8.96
CA ALA A 75 2.72 -16.18 -9.88
C ALA A 75 3.95 -15.76 -9.10
N ASN A 76 5.12 -15.95 -9.70
CA ASN A 76 6.38 -15.71 -8.99
C ASN A 76 6.56 -14.26 -8.59
N SER A 77 5.95 -13.35 -9.32
CA SER A 77 6.07 -11.93 -9.02
C SER A 77 4.78 -11.19 -9.35
N TYR A 78 4.18 -10.58 -8.32
CA TYR A 78 2.98 -9.79 -8.49
C TYR A 78 3.28 -8.30 -8.39
N THR A 79 2.61 -7.53 -9.22
CA THR A 79 2.78 -6.09 -9.22
C THR A 79 1.73 -5.44 -8.32
N LEU A 80 2.14 -5.09 -7.11
CA LEU A 80 1.24 -4.50 -6.14
C LEU A 80 1.43 -2.99 -6.09
N THR A 81 0.34 -2.27 -6.30
CA THR A 81 0.38 -0.83 -6.36
C THR A 81 -0.52 -0.22 -5.30
N VAL A 82 0.09 0.50 -4.37
CA VAL A 82 -0.65 1.22 -3.35
C VAL A 82 -1.02 2.61 -3.86
N ASN A 83 -2.30 2.81 -4.16
CA ASN A 83 -2.77 4.12 -4.58
C ASN A 83 -3.45 4.82 -3.42
N VAL A 84 -2.93 5.98 -3.07
CA VAL A 84 -3.42 6.71 -1.93
C VAL A 84 -4.57 7.63 -2.33
N ASP A 85 -5.76 7.24 -1.88
CA ASP A 85 -7.00 7.99 -2.11
C ASP A 85 -7.33 8.10 -3.60
N PRO A 86 -7.99 7.07 -4.15
CA PRO A 86 -8.38 7.05 -5.57
C PRO A 86 -9.52 8.02 -5.88
N GLU A 87 -10.03 8.65 -4.83
CA GLU A 87 -11.08 9.65 -4.98
C GLU A 87 -10.46 11.03 -4.92
N ASN A 88 -9.23 11.07 -4.44
CA ASN A 88 -8.48 12.30 -4.25
C ASN A 88 -9.32 13.36 -3.53
N ALA A 89 -9.55 13.12 -2.26
CA ALA A 89 -10.28 14.05 -1.43
C ALA A 89 -9.32 15.04 -0.80
N VAL A 90 -8.11 14.56 -0.54
CA VAL A 90 -7.05 15.41 -0.02
C VAL A 90 -6.27 16.04 -1.16
N ASN A 91 -6.01 17.33 -1.07
CA ASN A 91 -5.22 18.01 -2.10
C ASN A 91 -3.75 17.70 -1.91
N GLU A 92 -3.25 16.75 -2.68
CA GLU A 92 -1.91 16.22 -2.50
C GLU A 92 -0.88 16.99 -3.31
N GLY A 93 0.36 16.93 -2.85
CA GLY A 93 1.49 17.46 -3.59
C GLY A 93 1.63 16.86 -4.97
N ASN A 94 2.53 15.91 -5.11
CA ASN A 94 2.78 15.29 -6.42
C ASN A 94 1.78 14.18 -6.68
N GLU A 95 1.05 14.28 -7.78
CA GLU A 95 0.11 13.24 -8.17
C GLU A 95 0.87 12.02 -8.69
N SER A 96 2.15 12.23 -8.99
CA SER A 96 3.04 11.15 -9.40
C SER A 96 3.71 10.51 -8.20
N ASN A 97 3.28 10.90 -7.01
CA ASN A 97 3.93 10.47 -5.77
C ASN A 97 3.00 9.63 -4.88
N ASN A 98 1.71 9.88 -4.97
CA ASN A 98 0.74 9.23 -4.06
C ASN A 98 0.50 7.77 -4.44
N THR A 99 1.32 7.24 -5.34
CA THR A 99 1.18 5.86 -5.77
C THR A 99 2.50 5.12 -5.60
N LEU A 100 2.43 3.87 -5.22
CA LEU A 100 3.61 3.03 -5.04
C LEU A 100 3.47 1.73 -5.80
N THR A 101 4.16 1.63 -6.91
CA THR A 101 4.20 0.39 -7.67
C THR A 101 5.39 -0.46 -7.21
N ALA A 102 5.11 -1.51 -6.48
CA ALA A 102 6.15 -2.37 -5.95
C ALA A 102 5.96 -3.79 -6.43
N LEU A 103 7.06 -4.54 -6.50
CA LEU A 103 7.00 -5.92 -6.93
C LEU A 103 7.13 -6.86 -5.74
N VAL A 104 6.15 -7.73 -5.58
CA VAL A 104 6.18 -8.70 -4.50
C VAL A 104 6.25 -10.10 -5.08
N GLY A 105 7.15 -10.91 -4.56
CA GLY A 105 7.36 -12.23 -5.10
C GLY A 105 6.89 -13.31 -4.16
N THR A 106 6.78 -14.52 -4.66
CA THR A 106 6.39 -15.65 -3.82
C THR A 106 7.51 -15.96 -2.82
N LEU A 107 7.12 -16.19 -1.57
CA LEU A 107 8.07 -16.44 -0.50
C LEU A 107 9.00 -17.60 -0.83
N GLU A 108 10.27 -17.27 -1.06
CA GLU A 108 11.29 -18.29 -1.26
C GLU A 108 11.58 -18.97 0.08
N HIS A 109 11.23 -20.24 0.18
CA HIS A 109 11.52 -21.01 1.38
C HIS A 109 13.01 -21.35 1.41
N HIS A 110 13.76 -20.56 2.16
CA HIS A 110 15.20 -20.75 2.25
C HIS A 110 15.54 -21.72 3.37
N HIS A 111 16.57 -22.53 3.15
CA HIS A 111 17.05 -23.46 4.18
C HIS A 111 17.70 -22.66 5.30
N HIS A 112 18.53 -21.70 4.91
CA HIS A 112 19.09 -20.75 5.84
C HIS A 112 18.28 -19.47 5.74
N HIS A 113 17.89 -18.92 6.88
CA HIS A 113 17.04 -17.73 6.86
C HIS A 113 17.85 -16.49 6.52
N HIS A 114 18.22 -16.42 5.25
CA HIS A 114 18.98 -15.31 4.70
C HIS A 114 18.58 -15.09 3.26
N MET A 1 -1.86 25.44 3.25
CA MET A 1 -0.87 24.36 3.50
C MET A 1 -1.26 23.11 2.73
N ILE A 2 -0.29 22.46 2.10
CA ILE A 2 -0.56 21.28 1.31
C ILE A 2 0.10 20.04 1.93
N PRO A 3 -0.59 18.88 1.89
CA PRO A 3 -0.03 17.61 2.31
C PRO A 3 0.69 16.89 1.16
N ASP A 4 1.34 15.77 1.47
CA ASP A 4 2.05 14.98 0.48
C ASP A 4 2.07 13.52 0.93
N LEU A 5 1.27 12.69 0.29
CA LEU A 5 1.01 11.35 0.78
C LEU A 5 1.86 10.32 0.06
N VAL A 6 2.90 9.86 0.72
CA VAL A 6 3.88 8.98 0.10
C VAL A 6 3.88 7.60 0.73
N PRO A 7 3.51 6.56 -0.04
CA PRO A 7 3.70 5.19 0.37
C PRO A 7 5.15 4.77 0.17
N VAL A 8 5.89 4.70 1.26
CA VAL A 8 7.34 4.53 1.17
C VAL A 8 7.75 3.06 1.22
N SER A 9 6.85 2.18 1.62
CA SER A 9 7.19 0.77 1.74
C SER A 9 5.96 -0.12 1.71
N LEU A 10 6.17 -1.38 1.34
CA LEU A 10 5.12 -2.37 1.29
C LEU A 10 5.69 -3.72 1.75
N THR A 11 5.20 -4.20 2.88
CA THR A 11 5.72 -5.44 3.46
C THR A 11 4.59 -6.43 3.73
N PRO A 12 4.86 -7.73 3.58
CA PRO A 12 6.17 -8.25 3.16
C PRO A 12 6.39 -8.10 1.66
N VAL A 13 7.66 -8.07 1.25
CA VAL A 13 7.99 -7.99 -0.17
C VAL A 13 7.89 -9.37 -0.80
N THR A 14 7.98 -10.40 0.02
CA THR A 14 7.83 -11.76 -0.42
C THR A 14 6.63 -12.41 0.25
N VAL A 15 5.73 -12.98 -0.54
CA VAL A 15 4.48 -13.50 -0.03
C VAL A 15 4.40 -15.01 -0.16
N VAL A 16 3.84 -15.65 0.85
CA VAL A 16 3.61 -17.08 0.81
C VAL A 16 2.22 -17.38 0.24
N PRO A 17 2.14 -18.19 -0.82
CA PRO A 17 0.87 -18.58 -1.43
C PRO A 17 0.18 -19.69 -0.65
N ASN A 18 0.08 -19.52 0.67
CA ASN A 18 -0.47 -20.55 1.54
C ASN A 18 -1.75 -20.09 2.22
N THR A 19 -2.02 -18.79 2.16
CA THR A 19 -3.12 -18.22 2.93
C THR A 19 -3.43 -16.80 2.47
N VAL A 20 -4.24 -16.09 3.26
CA VAL A 20 -4.51 -14.69 3.01
C VAL A 20 -3.43 -13.84 3.68
N ASN A 21 -2.64 -13.17 2.88
CA ASN A 21 -1.48 -12.46 3.36
C ASN A 21 -1.83 -11.05 3.78
N THR A 22 -1.29 -10.64 4.91
CA THR A 22 -1.50 -9.30 5.42
C THR A 22 -0.45 -8.35 4.87
N MET A 23 -0.85 -7.51 3.93
CA MET A 23 0.07 -6.59 3.30
C MET A 23 0.03 -5.25 4.02
N THR A 24 1.17 -4.85 4.54
CA THR A 24 1.29 -3.63 5.31
C THR A 24 2.04 -2.56 4.52
N ALA A 25 1.34 -1.49 4.18
CA ALA A 25 1.94 -0.40 3.43
C ALA A 25 2.18 0.80 4.33
N THR A 26 3.36 1.37 4.24
CA THR A 26 3.73 2.51 5.08
C THR A 26 3.45 3.82 4.37
N ILE A 27 2.45 4.55 4.85
CA ILE A 27 2.06 5.82 4.26
C ILE A 27 2.59 6.96 5.11
N GLU A 28 3.47 7.76 4.55
CA GLU A 28 4.02 8.90 5.27
C GLU A 28 3.60 10.20 4.60
N ASN A 29 3.06 11.12 5.38
CA ASN A 29 2.62 12.41 4.87
C ASN A 29 3.74 13.44 5.01
N GLN A 30 4.45 13.67 3.91
CA GLN A 30 5.62 14.54 3.93
C GLN A 30 5.24 15.94 3.48
N GLY A 31 4.25 16.52 4.12
CA GLY A 31 3.81 17.86 3.80
C GLY A 31 3.38 18.62 5.04
N ASN A 32 3.33 19.93 4.94
CA ASN A 32 3.05 20.78 6.11
C ASN A 32 1.53 20.94 6.29
N LYS A 33 0.81 19.84 6.21
CA LYS A 33 -0.60 19.82 6.50
C LYS A 33 -1.02 18.39 6.78
N ASP A 34 -1.98 18.20 7.67
CA ASP A 34 -2.50 16.86 7.94
C ASP A 34 -3.42 16.42 6.82
N SER A 35 -3.46 15.12 6.58
CA SER A 35 -4.41 14.55 5.66
C SER A 35 -5.50 13.85 6.45
N THR A 36 -6.74 14.15 6.14
CA THR A 36 -7.85 13.60 6.89
C THR A 36 -8.22 12.20 6.35
N SER A 37 -9.49 11.84 6.42
CA SER A 37 -9.91 10.50 6.02
C SER A 37 -9.70 10.28 4.53
N PHE A 38 -8.71 9.45 4.20
CA PHE A 38 -8.43 9.11 2.81
C PHE A 38 -8.50 7.59 2.62
N ASN A 39 -8.77 7.17 1.40
CA ASN A 39 -8.95 5.75 1.12
C ASN A 39 -7.75 5.17 0.40
N VAL A 40 -7.00 4.32 1.08
CA VAL A 40 -5.82 3.72 0.46
C VAL A 40 -6.16 2.33 -0.06
N SER A 41 -5.98 2.14 -1.35
CA SER A 41 -6.35 0.91 -2.02
C SER A 41 -5.12 0.19 -2.53
N LEU A 42 -5.09 -1.12 -2.35
CA LEU A 42 -4.01 -1.94 -2.88
C LEU A 42 -4.43 -2.54 -4.22
N LEU A 43 -3.78 -2.09 -5.27
CA LEU A 43 -4.06 -2.61 -6.60
C LEU A 43 -3.08 -3.71 -6.95
N VAL A 44 -3.61 -4.82 -7.45
CA VAL A 44 -2.79 -5.89 -7.94
C VAL A 44 -2.84 -5.90 -9.45
N ASP A 45 -1.82 -5.30 -10.06
CA ASP A 45 -1.67 -5.18 -11.51
C ASP A 45 -2.69 -4.21 -12.10
N GLY A 46 -3.96 -4.53 -11.97
CA GLY A 46 -5.00 -3.67 -12.48
C GLY A 46 -6.28 -3.70 -11.66
N ILE A 47 -6.35 -4.58 -10.67
CA ILE A 47 -7.56 -4.71 -9.87
C ILE A 47 -7.29 -4.33 -8.41
N VAL A 48 -8.30 -3.85 -7.72
CA VAL A 48 -8.16 -3.49 -6.32
C VAL A 48 -8.62 -4.65 -5.45
N VAL A 49 -7.72 -5.19 -4.63
CA VAL A 49 -8.05 -6.37 -3.83
C VAL A 49 -8.53 -5.98 -2.44
N ASP A 50 -8.01 -4.89 -1.90
CA ASP A 50 -8.37 -4.46 -0.55
C ASP A 50 -8.20 -2.94 -0.42
N THR A 51 -9.11 -2.32 0.32
CA THR A 51 -9.09 -0.88 0.53
C THR A 51 -9.27 -0.55 2.01
N GLN A 52 -8.43 0.31 2.53
CA GLN A 52 -8.52 0.73 3.92
C GLN A 52 -8.66 2.24 4.01
N THR A 53 -9.69 2.69 4.69
CA THR A 53 -9.89 4.12 4.89
C THR A 53 -9.14 4.58 6.14
N VAL A 54 -8.09 5.35 5.94
CA VAL A 54 -7.31 5.86 7.04
C VAL A 54 -7.99 7.09 7.63
N THR A 55 -8.26 7.04 8.93
CA THR A 55 -8.97 8.12 9.62
C THR A 55 -8.30 9.48 9.36
N SER A 56 -6.98 9.49 9.45
CA SER A 56 -6.20 10.71 9.25
C SER A 56 -4.72 10.40 9.41
N LEU A 57 -3.87 11.24 8.84
CA LEU A 57 -2.43 11.07 8.90
C LEU A 57 -1.76 12.40 9.20
N GLU A 58 -0.97 12.42 10.26
CA GLU A 58 -0.29 13.63 10.70
C GLU A 58 0.85 14.01 9.76
N SER A 59 1.26 15.26 9.83
CA SER A 59 2.37 15.76 9.04
C SER A 59 3.69 15.15 9.53
N GLU A 60 4.46 14.59 8.60
CA GLU A 60 5.76 14.01 8.88
C GLU A 60 5.61 12.74 9.72
N ASN A 61 4.42 12.16 9.70
CA ASN A 61 4.16 10.92 10.41
C ASN A 61 3.88 9.80 9.40
N SER A 62 4.27 8.60 9.75
CA SER A 62 4.05 7.45 8.88
C SER A 62 3.08 6.46 9.54
N THR A 63 2.03 6.12 8.82
CA THR A 63 1.03 5.21 9.30
C THR A 63 0.96 3.97 8.40
N ASN A 64 0.83 2.80 9.01
CA ASN A 64 0.82 1.55 8.27
C ASN A 64 -0.60 1.11 7.95
N VAL A 65 -0.81 0.72 6.70
CA VAL A 65 -2.11 0.26 6.24
C VAL A 65 -2.17 -1.26 6.28
N ASP A 66 -3.27 -1.80 6.78
CA ASP A 66 -3.41 -3.23 6.98
C ASP A 66 -4.31 -3.85 5.91
N PHE A 67 -3.70 -4.41 4.88
CA PHE A 67 -4.44 -5.08 3.82
C PHE A 67 -4.47 -6.58 4.06
N HIS A 68 -5.50 -7.24 3.55
CA HIS A 68 -5.56 -8.70 3.56
C HIS A 68 -5.86 -9.19 2.15
N TRP A 69 -4.91 -9.92 1.58
CA TRP A 69 -4.99 -10.34 0.19
C TRP A 69 -4.72 -11.84 0.07
N THR A 70 -5.67 -12.55 -0.53
CA THR A 70 -5.57 -13.99 -0.70
C THR A 70 -4.66 -14.36 -1.87
N LEU A 71 -3.53 -14.96 -1.58
CA LEU A 71 -2.62 -15.41 -2.64
C LEU A 71 -3.22 -16.56 -3.43
N ASP A 72 -3.39 -16.35 -4.72
CA ASP A 72 -3.94 -17.38 -5.59
C ASP A 72 -2.81 -18.27 -6.13
N GLY A 73 -1.67 -17.66 -6.39
CA GLY A 73 -0.54 -18.39 -6.94
C GLY A 73 -0.52 -18.34 -8.45
N THR A 74 -1.27 -17.41 -9.00
CA THR A 74 -1.37 -17.23 -10.45
C THR A 74 0.00 -16.89 -11.04
N ALA A 75 0.75 -16.08 -10.32
CA ALA A 75 2.06 -15.67 -10.75
C ALA A 75 3.03 -15.70 -9.58
N ASN A 76 4.32 -15.79 -9.87
CA ASN A 76 5.34 -15.81 -8.84
C ASN A 76 5.68 -14.38 -8.40
N SER A 77 5.21 -13.42 -9.17
CA SER A 77 5.42 -12.01 -8.86
C SER A 77 4.19 -11.19 -9.23
N TYR A 78 3.62 -10.51 -8.25
CA TYR A 78 2.45 -9.67 -8.46
C TYR A 78 2.83 -8.20 -8.45
N THR A 79 2.09 -7.39 -9.20
CA THR A 79 2.37 -5.96 -9.26
C THR A 79 1.47 -5.20 -8.28
N LEU A 80 1.93 -5.05 -7.05
CA LEU A 80 1.13 -4.40 -6.02
C LEU A 80 1.36 -2.90 -6.03
N THR A 81 0.29 -2.17 -6.25
CA THR A 81 0.35 -0.72 -6.32
C THR A 81 -0.50 -0.10 -5.22
N VAL A 82 0.13 0.64 -4.34
CA VAL A 82 -0.58 1.34 -3.28
C VAL A 82 -0.95 2.73 -3.76
N ASN A 83 -2.21 2.93 -4.11
CA ASN A 83 -2.66 4.24 -4.55
C ASN A 83 -3.39 4.93 -3.42
N VAL A 84 -2.80 6.00 -2.92
CA VAL A 84 -3.34 6.72 -1.78
C VAL A 84 -4.49 7.62 -2.21
N ASP A 85 -5.70 7.16 -1.92
CA ASP A 85 -6.94 7.85 -2.22
C ASP A 85 -7.10 8.10 -3.72
N PRO A 86 -7.70 7.13 -4.43
CA PRO A 86 -8.00 7.25 -5.86
C PRO A 86 -9.15 8.19 -6.12
N GLU A 87 -9.74 8.68 -5.04
CA GLU A 87 -10.86 9.59 -5.10
C GLU A 87 -10.37 11.02 -5.28
N ASN A 88 -9.11 11.25 -4.90
CA ASN A 88 -8.49 12.56 -4.95
C ASN A 88 -9.22 13.52 -4.00
N ALA A 89 -9.67 12.98 -2.88
CA ALA A 89 -10.33 13.76 -1.85
C ALA A 89 -9.30 14.56 -1.08
N VAL A 90 -8.13 13.97 -0.91
CA VAL A 90 -7.00 14.67 -0.33
C VAL A 90 -6.07 15.13 -1.45
N ASN A 91 -5.99 16.43 -1.65
CA ASN A 91 -5.18 17.00 -2.72
C ASN A 91 -3.72 17.10 -2.30
N GLU A 92 -2.84 16.52 -3.10
CA GLU A 92 -1.42 16.57 -2.82
C GLU A 92 -0.79 17.85 -3.33
N GLY A 93 0.42 18.11 -2.87
CA GLY A 93 1.32 19.00 -3.55
C GLY A 93 1.54 18.54 -4.98
N ASN A 94 2.68 17.90 -5.18
CA ASN A 94 2.97 17.23 -6.46
C ASN A 94 2.12 15.97 -6.58
N GLU A 95 0.91 16.10 -7.11
CA GLU A 95 0.00 14.95 -7.28
C GLU A 95 0.64 13.88 -8.14
N SER A 96 1.24 12.89 -7.47
CA SER A 96 2.05 11.85 -8.11
C SER A 96 2.71 10.98 -7.04
N ASN A 97 2.92 11.57 -5.86
CA ASN A 97 3.59 10.87 -4.77
C ASN A 97 2.67 9.84 -4.11
N ASN A 98 1.37 10.00 -4.33
CA ASN A 98 0.37 9.14 -3.69
C ASN A 98 0.34 7.73 -4.30
N THR A 99 1.40 7.33 -4.96
CA THR A 99 1.44 6.02 -5.59
C THR A 99 2.72 5.26 -5.23
N LEU A 100 2.61 3.95 -5.17
CA LEU A 100 3.74 3.08 -4.88
C LEU A 100 3.60 1.79 -5.66
N THR A 101 4.36 1.66 -6.73
CA THR A 101 4.36 0.44 -7.52
C THR A 101 5.45 -0.50 -7.02
N ALA A 102 5.07 -1.45 -6.19
CA ALA A 102 6.01 -2.37 -5.59
C ALA A 102 5.75 -3.79 -6.05
N LEU A 103 6.78 -4.45 -6.55
CA LEU A 103 6.65 -5.83 -6.98
C LEU A 103 6.85 -6.78 -5.83
N VAL A 104 5.83 -7.57 -5.56
CA VAL A 104 5.91 -8.55 -4.50
C VAL A 104 6.05 -9.94 -5.10
N GLY A 105 6.99 -10.71 -4.58
CA GLY A 105 7.24 -12.01 -5.13
C GLY A 105 6.96 -13.10 -4.13
N THR A 106 6.67 -14.28 -4.61
CA THR A 106 6.46 -15.41 -3.72
C THR A 106 7.74 -15.69 -2.93
N LEU A 107 7.58 -16.13 -1.69
CA LEU A 107 8.72 -16.37 -0.81
C LEU A 107 9.76 -17.27 -1.47
N GLU A 108 11.00 -16.80 -1.50
CA GLU A 108 12.12 -17.53 -2.12
C GLU A 108 12.24 -18.94 -1.54
N HIS A 109 11.86 -19.07 -0.28
CA HIS A 109 11.99 -20.34 0.43
C HIS A 109 11.16 -21.43 -0.24
N HIS A 110 10.12 -21.03 -0.97
CA HIS A 110 9.27 -22.00 -1.66
C HIS A 110 9.65 -22.07 -3.14
N HIS A 111 10.83 -21.58 -3.48
CA HIS A 111 11.41 -21.83 -4.79
C HIS A 111 12.49 -22.88 -4.66
N HIS A 112 13.22 -22.81 -3.56
CA HIS A 112 14.24 -23.80 -3.24
C HIS A 112 13.57 -25.07 -2.72
N HIS A 113 12.39 -24.88 -2.15
CA HIS A 113 11.54 -25.99 -1.73
C HIS A 113 10.32 -26.06 -2.62
N HIS A 114 9.56 -27.13 -2.51
CA HIS A 114 8.32 -27.28 -3.27
C HIS A 114 7.30 -28.04 -2.44
N MET A 1 -0.44 25.53 2.23
CA MET A 1 -0.27 24.28 3.00
C MET A 1 -0.91 23.12 2.27
N ILE A 2 -0.09 22.34 1.59
CA ILE A 2 -0.55 21.13 0.93
C ILE A 2 0.10 19.93 1.60
N PRO A 3 -0.64 18.82 1.76
CA PRO A 3 -0.10 17.58 2.28
C PRO A 3 0.85 16.94 1.27
N ASP A 4 1.74 16.11 1.76
CA ASP A 4 2.62 15.35 0.89
C ASP A 4 2.59 13.93 1.37
N LEU A 5 1.71 13.13 0.80
CA LEU A 5 1.51 11.79 1.31
C LEU A 5 2.27 10.85 0.41
N VAL A 6 3.11 10.04 1.03
CA VAL A 6 3.99 9.19 0.28
C VAL A 6 3.82 7.74 0.69
N PRO A 7 3.87 6.82 -0.26
CA PRO A 7 3.98 5.41 0.03
C PRO A 7 5.45 5.01 0.05
N VAL A 8 5.93 4.82 1.26
CA VAL A 8 7.37 4.76 1.51
C VAL A 8 7.92 3.37 1.17
N SER A 9 7.26 2.35 1.69
CA SER A 9 7.69 0.98 1.46
C SER A 9 6.54 0.00 1.67
N LEU A 10 6.72 -1.22 1.19
CA LEU A 10 5.72 -2.26 1.39
C LEU A 10 6.38 -3.50 1.97
N THR A 11 5.84 -3.97 3.08
CA THR A 11 6.31 -5.19 3.73
C THR A 11 5.17 -6.20 3.85
N PRO A 12 5.40 -7.46 3.47
CA PRO A 12 6.69 -7.94 2.99
C PRO A 12 6.84 -7.83 1.47
N VAL A 13 8.02 -8.18 0.98
CA VAL A 13 8.25 -8.18 -0.45
C VAL A 13 8.10 -9.59 -1.02
N THR A 14 8.03 -10.56 -0.13
CA THR A 14 7.73 -11.93 -0.48
C THR A 14 6.46 -12.38 0.24
N VAL A 15 5.71 -13.30 -0.35
CA VAL A 15 4.42 -13.69 0.20
C VAL A 15 4.15 -15.18 0.02
N VAL A 16 3.32 -15.72 0.88
CA VAL A 16 2.99 -17.13 0.84
C VAL A 16 1.61 -17.36 0.24
N PRO A 17 1.50 -18.27 -0.73
CA PRO A 17 0.22 -18.66 -1.31
C PRO A 17 -0.55 -19.61 -0.40
N ASN A 18 -1.80 -19.89 -0.76
CA ASN A 18 -2.68 -20.81 -0.02
C ASN A 18 -3.17 -20.18 1.28
N THR A 19 -3.14 -18.85 1.35
CA THR A 19 -3.58 -18.14 2.55
C THR A 19 -3.75 -16.65 2.26
N VAL A 20 -4.09 -15.88 3.29
CA VAL A 20 -4.26 -14.45 3.16
C VAL A 20 -3.03 -13.73 3.72
N ASN A 21 -2.53 -12.77 2.96
CA ASN A 21 -1.30 -12.07 3.35
C ASN A 21 -1.63 -10.67 3.83
N THR A 22 -1.02 -10.29 4.94
CA THR A 22 -1.22 -8.97 5.49
C THR A 22 -0.13 -8.03 5.02
N MET A 23 -0.43 -7.28 3.98
CA MET A 23 0.55 -6.42 3.35
C MET A 23 0.56 -5.05 4.00
N THR A 24 1.68 -4.70 4.62
CA THR A 24 1.82 -3.45 5.33
C THR A 24 2.43 -2.38 4.42
N ALA A 25 1.63 -1.39 4.07
CA ALA A 25 2.11 -0.26 3.30
C ALA A 25 2.40 0.92 4.22
N THR A 26 3.64 1.36 4.23
CA THR A 26 4.05 2.47 5.07
C THR A 26 3.73 3.79 4.38
N ILE A 27 2.74 4.51 4.88
CA ILE A 27 2.35 5.78 4.29
C ILE A 27 2.77 6.92 5.20
N GLU A 28 3.63 7.80 4.70
CA GLU A 28 4.15 8.89 5.51
C GLU A 28 3.73 10.23 4.92
N ASN A 29 3.24 11.13 5.77
CA ASN A 29 2.85 12.46 5.34
C ASN A 29 4.00 13.44 5.58
N GLN A 30 4.72 13.74 4.51
CA GLN A 30 5.93 14.54 4.61
C GLN A 30 5.67 15.95 4.09
N GLY A 31 4.64 16.60 4.61
CA GLY A 31 4.26 17.90 4.11
C GLY A 31 3.75 18.85 5.18
N ASN A 32 3.44 20.06 4.77
CA ASN A 32 3.09 21.14 5.71
C ASN A 32 1.58 21.18 6.00
N LYS A 33 0.92 20.04 5.92
CA LYS A 33 -0.49 19.97 6.22
C LYS A 33 -0.89 18.58 6.70
N ASP A 34 -1.82 18.54 7.64
CA ASP A 34 -2.37 17.27 8.11
C ASP A 34 -3.43 16.78 7.13
N SER A 35 -3.50 15.48 6.92
CA SER A 35 -4.44 14.93 5.95
C SER A 35 -5.65 14.28 6.63
N THR A 36 -6.81 14.49 6.04
CA THR A 36 -8.05 13.95 6.57
C THR A 36 -8.28 12.50 6.11
N SER A 37 -9.51 12.01 6.27
CA SER A 37 -9.85 10.65 5.86
C SER A 37 -9.64 10.45 4.36
N PHE A 38 -8.78 9.52 4.02
CA PHE A 38 -8.51 9.17 2.63
C PHE A 38 -8.43 7.67 2.48
N ASN A 39 -8.74 7.16 1.31
CA ASN A 39 -8.65 5.72 1.09
C ASN A 39 -7.32 5.34 0.48
N VAL A 40 -6.76 4.25 0.95
CA VAL A 40 -5.55 3.70 0.36
C VAL A 40 -5.85 2.29 -0.14
N SER A 41 -5.81 2.12 -1.45
CA SER A 41 -6.20 0.87 -2.07
C SER A 41 -4.98 0.14 -2.63
N LEU A 42 -4.96 -1.18 -2.45
CA LEU A 42 -3.89 -1.99 -2.99
C LEU A 42 -4.30 -2.60 -4.33
N LEU A 43 -3.59 -2.20 -5.38
CA LEU A 43 -3.85 -2.75 -6.70
C LEU A 43 -2.88 -3.87 -7.00
N VAL A 44 -3.42 -4.99 -7.42
CA VAL A 44 -2.62 -6.13 -7.82
C VAL A 44 -2.62 -6.26 -9.34
N ASP A 45 -1.58 -5.73 -9.96
CA ASP A 45 -1.39 -5.76 -11.42
C ASP A 45 -2.38 -4.87 -12.16
N GLY A 46 -3.65 -5.02 -11.87
CA GLY A 46 -4.66 -4.19 -12.52
C GLY A 46 -6.01 -4.27 -11.84
N ILE A 47 -6.05 -4.80 -10.62
CA ILE A 47 -7.29 -4.93 -9.89
C ILE A 47 -7.08 -4.49 -8.44
N VAL A 48 -8.14 -4.01 -7.80
CA VAL A 48 -8.06 -3.61 -6.40
C VAL A 48 -8.58 -4.73 -5.52
N VAL A 49 -7.69 -5.39 -4.79
CA VAL A 49 -8.08 -6.51 -3.96
C VAL A 49 -8.74 -6.06 -2.66
N ASP A 50 -8.24 -4.97 -2.09
CA ASP A 50 -8.79 -4.42 -0.85
C ASP A 50 -8.40 -2.97 -0.70
N THR A 51 -9.34 -2.17 -0.23
CA THR A 51 -9.10 -0.76 0.00
C THR A 51 -9.23 -0.43 1.48
N GLN A 52 -8.18 0.10 2.07
CA GLN A 52 -8.20 0.45 3.47
C GLN A 52 -8.32 1.96 3.64
N THR A 53 -9.35 2.38 4.34
CA THR A 53 -9.55 3.79 4.63
C THR A 53 -8.66 4.24 5.78
N VAL A 54 -7.93 5.31 5.59
CA VAL A 54 -7.16 5.90 6.67
C VAL A 54 -7.96 7.07 7.23
N THR A 55 -8.28 7.00 8.52
CA THR A 55 -9.14 7.98 9.15
C THR A 55 -8.51 9.38 9.11
N SER A 56 -7.20 9.45 9.28
CA SER A 56 -6.49 10.71 9.24
C SER A 56 -4.99 10.48 9.42
N LEU A 57 -4.19 11.16 8.63
CA LEU A 57 -2.75 11.06 8.76
C LEU A 57 -2.17 12.43 9.07
N GLU A 58 -1.63 12.58 10.27
CA GLU A 58 -1.09 13.85 10.73
C GLU A 58 0.16 14.22 9.94
N SER A 59 0.47 15.51 9.91
CA SER A 59 1.65 16.00 9.23
C SER A 59 2.91 15.48 9.91
N GLU A 60 3.82 14.92 9.10
CA GLU A 60 5.09 14.39 9.60
C GLU A 60 4.85 13.13 10.43
N ASN A 61 3.72 12.49 10.19
CA ASN A 61 3.37 11.23 10.83
C ASN A 61 3.24 10.15 9.75
N SER A 62 3.47 8.90 10.13
CA SER A 62 3.33 7.80 9.21
C SER A 62 2.43 6.72 9.82
N THR A 63 1.61 6.11 8.98
CA THR A 63 0.72 5.06 9.43
C THR A 63 0.94 3.80 8.59
N ASN A 64 0.73 2.64 9.21
CA ASN A 64 0.94 1.38 8.53
C ASN A 64 -0.38 0.83 8.01
N VAL A 65 -0.43 0.65 6.70
CA VAL A 65 -1.65 0.19 6.03
C VAL A 65 -1.60 -1.30 5.77
N ASP A 66 -2.37 -2.07 6.53
CA ASP A 66 -2.38 -3.52 6.39
C ASP A 66 -3.57 -3.96 5.55
N PHE A 67 -3.28 -4.47 4.37
CA PHE A 67 -4.34 -4.86 3.44
C PHE A 67 -4.72 -6.33 3.63
N HIS A 68 -5.87 -6.70 3.10
CA HIS A 68 -6.34 -8.07 3.13
C HIS A 68 -6.19 -8.70 1.76
N TRP A 69 -5.07 -9.38 1.56
CA TRP A 69 -4.77 -9.98 0.27
C TRP A 69 -4.92 -11.50 0.33
N THR A 70 -6.04 -12.02 -0.14
CA THR A 70 -6.21 -13.46 -0.25
C THR A 70 -5.37 -13.94 -1.43
N LEU A 71 -4.45 -14.85 -1.17
CA LEU A 71 -3.52 -15.26 -2.19
C LEU A 71 -3.59 -16.76 -2.44
N ASP A 72 -4.36 -17.11 -3.46
CA ASP A 72 -4.43 -18.48 -3.94
C ASP A 72 -3.06 -18.91 -4.47
N GLY A 73 -2.59 -18.21 -5.49
CA GLY A 73 -1.29 -18.51 -6.06
C GLY A 73 -1.34 -18.69 -7.56
N THR A 74 -1.61 -17.62 -8.28
CA THR A 74 -1.66 -17.65 -9.73
C THR A 74 -0.25 -17.70 -10.32
N ALA A 75 0.47 -16.60 -10.17
CA ALA A 75 1.83 -16.50 -10.67
C ALA A 75 2.83 -16.50 -9.52
N ASN A 76 4.10 -16.27 -9.83
CA ASN A 76 5.15 -16.24 -8.80
C ASN A 76 5.44 -14.80 -8.37
N SER A 77 5.03 -13.85 -9.19
CA SER A 77 5.26 -12.44 -8.90
C SER A 77 3.99 -11.62 -9.12
N TYR A 78 3.68 -10.76 -8.16
CA TYR A 78 2.51 -9.90 -8.24
C TYR A 78 2.91 -8.44 -8.23
N THR A 79 2.18 -7.62 -8.96
CA THR A 79 2.47 -6.20 -9.04
C THR A 79 1.59 -5.42 -8.07
N LEU A 80 2.09 -5.21 -6.86
CA LEU A 80 1.31 -4.54 -5.83
C LEU A 80 1.55 -3.04 -5.85
N THR A 81 0.52 -2.31 -6.21
CA THR A 81 0.59 -0.86 -6.32
C THR A 81 -0.33 -0.20 -5.31
N VAL A 82 0.24 0.61 -4.44
CA VAL A 82 -0.54 1.32 -3.44
C VAL A 82 -1.04 2.64 -4.02
N ASN A 83 -2.35 2.72 -4.25
CA ASN A 83 -2.97 3.97 -4.72
C ASN A 83 -3.46 4.78 -3.53
N VAL A 84 -2.81 5.91 -3.29
CA VAL A 84 -3.18 6.80 -2.20
C VAL A 84 -4.16 7.85 -2.68
N ASP A 85 -5.31 7.93 -2.00
CA ASP A 85 -6.34 8.92 -2.29
C ASP A 85 -6.94 8.72 -3.68
N PRO A 86 -7.96 7.85 -3.78
CA PRO A 86 -8.66 7.57 -5.03
C PRO A 86 -9.78 8.56 -5.32
N GLU A 87 -10.53 8.93 -4.28
CA GLU A 87 -11.69 9.82 -4.42
C GLU A 87 -11.24 11.27 -4.50
N ASN A 88 -9.97 11.51 -4.21
CA ASN A 88 -9.42 12.86 -4.12
C ASN A 88 -10.08 13.62 -2.99
N ALA A 89 -9.85 13.13 -1.79
CA ALA A 89 -10.37 13.75 -0.58
C ALA A 89 -9.27 14.55 0.08
N VAL A 90 -8.04 14.12 -0.14
CA VAL A 90 -6.88 14.84 0.34
C VAL A 90 -6.06 15.33 -0.85
N ASN A 91 -6.11 16.63 -1.08
CA ASN A 91 -5.41 17.23 -2.22
C ASN A 91 -3.89 17.08 -2.05
N GLU A 92 -3.31 16.17 -2.82
CA GLU A 92 -1.90 15.84 -2.71
C GLU A 92 -1.02 16.86 -3.40
N GLY A 93 0.19 17.00 -2.90
CA GLY A 93 1.22 17.79 -3.54
C GLY A 93 1.54 17.33 -4.96
N ASN A 94 2.64 16.60 -5.08
CA ASN A 94 3.18 16.19 -6.38
C ASN A 94 2.40 15.00 -6.94
N GLU A 95 2.01 15.10 -8.20
CA GLU A 95 1.30 14.01 -8.87
C GLU A 95 2.24 12.85 -9.19
N SER A 96 2.56 12.08 -8.15
CA SER A 96 3.45 10.93 -8.28
C SER A 96 3.24 9.99 -7.10
N ASN A 97 3.08 10.59 -5.92
CA ASN A 97 3.01 9.84 -4.66
C ASN A 97 1.75 8.98 -4.56
N ASN A 98 0.80 9.21 -5.45
CA ASN A 98 -0.48 8.51 -5.37
C ASN A 98 -0.34 7.04 -5.78
N THR A 99 0.85 6.65 -6.22
CA THR A 99 1.08 5.26 -6.62
C THR A 99 2.47 4.76 -6.23
N LEU A 100 2.50 3.68 -5.46
CA LEU A 100 3.75 2.97 -5.18
C LEU A 100 3.71 1.61 -5.88
N THR A 101 4.45 1.49 -6.96
CA THR A 101 4.47 0.26 -7.73
C THR A 101 5.57 -0.67 -7.22
N ALA A 102 5.19 -1.65 -6.42
CA ALA A 102 6.16 -2.57 -5.83
C ALA A 102 5.87 -4.01 -6.24
N LEU A 103 6.89 -4.68 -6.76
CA LEU A 103 6.76 -6.08 -7.14
C LEU A 103 7.00 -6.98 -5.94
N VAL A 104 6.05 -7.86 -5.68
CA VAL A 104 6.19 -8.82 -4.60
C VAL A 104 6.19 -10.23 -5.17
N GLY A 105 6.99 -11.11 -4.59
CA GLY A 105 7.12 -12.44 -5.12
C GLY A 105 6.78 -13.50 -4.11
N THR A 106 6.39 -14.67 -4.58
CA THR A 106 6.10 -15.78 -3.69
C THR A 106 7.36 -16.20 -2.94
N LEU A 107 7.20 -16.51 -1.65
CA LEU A 107 8.32 -16.91 -0.82
C LEU A 107 9.08 -18.06 -1.48
N GLU A 108 10.37 -17.84 -1.74
CA GLU A 108 11.16 -18.77 -2.53
C GLU A 108 11.38 -20.09 -1.79
N HIS A 109 11.23 -20.08 -0.48
CA HIS A 109 11.34 -21.30 0.31
C HIS A 109 10.00 -22.03 0.35
N HIS A 110 8.98 -21.40 -0.21
CA HIS A 110 7.67 -22.02 -0.38
C HIS A 110 7.39 -22.10 -1.87
N HIS A 111 8.00 -23.08 -2.53
CA HIS A 111 8.03 -23.16 -3.98
C HIS A 111 6.64 -23.16 -4.59
N HIS A 112 6.37 -22.15 -5.40
CA HIS A 112 5.13 -22.06 -6.12
C HIS A 112 5.26 -22.71 -7.49
N HIS A 113 4.37 -23.66 -7.75
CA HIS A 113 4.30 -24.31 -9.06
C HIS A 113 2.88 -24.33 -9.55
N HIS A 114 2.70 -24.02 -10.82
CA HIS A 114 1.37 -23.91 -11.42
C HIS A 114 1.12 -25.08 -12.36
N MET A 1 0.79 25.61 2.91
CA MET A 1 0.76 24.36 3.69
C MET A 1 -0.10 23.33 2.98
N ILE A 2 0.52 22.51 2.15
CA ILE A 2 -0.18 21.44 1.48
C ILE A 2 0.35 20.08 1.98
N PRO A 3 -0.53 19.08 2.13
CA PRO A 3 -0.12 17.73 2.48
C PRO A 3 0.39 16.97 1.26
N ASP A 4 1.21 15.96 1.49
CA ASP A 4 1.68 15.12 0.40
C ASP A 4 1.85 13.72 0.94
N LEU A 5 0.94 12.81 0.61
CA LEU A 5 0.96 11.51 1.24
C LEU A 5 1.62 10.53 0.30
N VAL A 6 2.63 9.84 0.81
CA VAL A 6 3.39 8.92 0.00
C VAL A 6 3.43 7.54 0.65
N PRO A 7 3.33 6.48 -0.15
CA PRO A 7 3.57 5.13 0.31
C PRO A 7 5.05 4.85 0.33
N VAL A 8 5.61 4.76 1.53
CA VAL A 8 7.04 4.71 1.72
C VAL A 8 7.59 3.34 1.32
N SER A 9 7.02 2.30 1.89
CA SER A 9 7.46 0.94 1.60
C SER A 9 6.32 -0.04 1.86
N LEU A 10 6.46 -1.25 1.33
CA LEU A 10 5.46 -2.30 1.50
C LEU A 10 6.12 -3.56 2.03
N THR A 11 5.59 -4.07 3.13
CA THR A 11 6.06 -5.31 3.72
C THR A 11 4.93 -6.33 3.81
N PRO A 12 5.14 -7.57 3.37
CA PRO A 12 6.41 -8.05 2.87
C PRO A 12 6.57 -7.86 1.36
N VAL A 13 7.73 -8.23 0.86
CA VAL A 13 7.99 -8.15 -0.57
C VAL A 13 7.82 -9.52 -1.22
N THR A 14 7.75 -10.55 -0.38
CA THR A 14 7.45 -11.90 -0.83
C THR A 14 6.17 -12.40 -0.16
N VAL A 15 5.45 -13.29 -0.82
CA VAL A 15 4.18 -13.79 -0.28
C VAL A 15 4.00 -15.26 -0.62
N VAL A 16 3.19 -15.96 0.15
CA VAL A 16 2.98 -17.38 -0.06
C VAL A 16 1.66 -17.60 -0.84
N PRO A 17 1.68 -18.42 -1.90
CA PRO A 17 0.54 -18.57 -2.83
C PRO A 17 -0.57 -19.51 -2.34
N ASN A 18 -0.58 -19.83 -1.06
CA ASN A 18 -1.52 -20.85 -0.56
C ASN A 18 -2.34 -20.36 0.62
N THR A 19 -2.07 -19.15 1.07
CA THR A 19 -2.68 -18.65 2.29
C THR A 19 -3.01 -17.17 2.16
N VAL A 20 -3.65 -16.59 3.17
CA VAL A 20 -3.89 -15.17 3.19
C VAL A 20 -2.62 -14.45 3.65
N ASN A 21 -2.30 -13.41 2.92
CA ASN A 21 -1.08 -12.67 3.11
C ASN A 21 -1.42 -11.27 3.58
N THR A 22 -0.75 -10.81 4.60
CA THR A 22 -1.11 -9.55 5.19
C THR A 22 -0.04 -8.54 4.82
N MET A 23 -0.49 -7.53 4.12
CA MET A 23 0.39 -6.60 3.44
C MET A 23 0.35 -5.27 4.14
N THR A 24 1.50 -4.82 4.56
CA THR A 24 1.58 -3.63 5.34
C THR A 24 2.25 -2.54 4.55
N ALA A 25 1.55 -1.43 4.44
CA ALA A 25 1.98 -0.30 3.67
C ALA A 25 2.13 0.88 4.60
N THR A 26 3.22 1.56 4.49
CA THR A 26 3.54 2.63 5.42
C THR A 26 3.50 3.94 4.67
N ILE A 27 2.64 4.82 5.13
CA ILE A 27 2.36 6.05 4.43
C ILE A 27 2.81 7.20 5.29
N GLU A 28 3.54 8.11 4.68
CA GLU A 28 4.08 9.24 5.39
C GLU A 28 3.65 10.51 4.70
N ASN A 29 3.48 11.57 5.48
CA ASN A 29 2.97 12.83 4.96
C ASN A 29 4.12 13.81 4.77
N GLN A 30 4.61 13.86 3.53
CA GLN A 30 5.71 14.73 3.17
C GLN A 30 5.16 16.09 2.76
N GLY A 31 4.51 16.73 3.72
CA GLY A 31 3.94 18.05 3.55
C GLY A 31 3.42 18.55 4.87
N ASN A 32 3.49 19.85 5.08
CA ASN A 32 3.39 20.42 6.42
C ASN A 32 1.94 20.66 6.87
N LYS A 33 0.98 20.19 6.11
CA LYS A 33 -0.41 20.28 6.54
C LYS A 33 -0.95 18.90 6.89
N ASP A 34 -1.75 18.83 7.95
CA ASP A 34 -2.43 17.60 8.34
C ASP A 34 -3.59 17.32 7.41
N SER A 35 -3.72 16.07 6.98
CA SER A 35 -4.71 15.71 5.98
C SER A 35 -6.00 15.25 6.63
N THR A 36 -6.84 14.54 5.87
CA THR A 36 -8.09 14.01 6.39
C THR A 36 -8.23 12.54 6.02
N SER A 37 -9.42 11.99 6.21
CA SER A 37 -9.71 10.60 5.87
C SER A 37 -9.46 10.33 4.39
N PHE A 38 -8.61 9.36 4.10
CA PHE A 38 -8.27 9.01 2.73
C PHE A 38 -8.27 7.50 2.56
N ASN A 39 -8.57 7.04 1.36
CA ASN A 39 -8.73 5.63 1.09
C ASN A 39 -7.48 5.04 0.45
N VAL A 40 -6.75 4.21 1.18
CA VAL A 40 -5.57 3.57 0.62
C VAL A 40 -5.92 2.17 0.16
N SER A 41 -5.84 1.96 -1.14
CA SER A 41 -6.22 0.71 -1.75
C SER A 41 -5.01 -0.01 -2.33
N LEU A 42 -4.98 -1.32 -2.20
CA LEU A 42 -3.91 -2.12 -2.76
C LEU A 42 -4.33 -2.68 -4.11
N LEU A 43 -3.66 -2.24 -5.16
CA LEU A 43 -3.95 -2.71 -6.49
C LEU A 43 -2.98 -3.80 -6.90
N VAL A 44 -3.50 -4.89 -7.43
CA VAL A 44 -2.70 -6.00 -7.90
C VAL A 44 -2.82 -6.11 -9.42
N ASP A 45 -1.80 -5.63 -10.12
CA ASP A 45 -1.74 -5.67 -11.58
C ASP A 45 -2.93 -4.94 -12.22
N GLY A 46 -3.59 -4.09 -11.45
CA GLY A 46 -4.69 -3.31 -11.98
C GLY A 46 -5.94 -3.40 -11.13
N ILE A 47 -6.21 -4.59 -10.61
CA ILE A 47 -7.42 -4.81 -9.83
C ILE A 47 -7.18 -4.45 -8.37
N VAL A 48 -8.21 -4.02 -7.68
CA VAL A 48 -8.10 -3.65 -6.28
C VAL A 48 -8.54 -4.82 -5.40
N VAL A 49 -7.65 -5.29 -4.54
CA VAL A 49 -7.95 -6.44 -3.70
C VAL A 49 -8.47 -6.03 -2.32
N ASP A 50 -7.97 -4.90 -1.82
CA ASP A 50 -8.37 -4.44 -0.48
C ASP A 50 -8.18 -2.93 -0.37
N THR A 51 -9.14 -2.26 0.26
CA THR A 51 -9.09 -0.82 0.43
C THR A 51 -9.28 -0.47 1.91
N GLN A 52 -8.32 0.25 2.48
CA GLN A 52 -8.40 0.62 3.88
C GLN A 52 -8.53 2.13 4.02
N THR A 53 -9.68 2.59 4.49
CA THR A 53 -9.91 4.01 4.72
C THR A 53 -9.22 4.45 6.02
N VAL A 54 -8.20 5.30 5.87
CA VAL A 54 -7.45 5.79 7.01
C VAL A 54 -8.18 6.99 7.63
N THR A 55 -8.11 7.10 8.95
CA THR A 55 -8.79 8.18 9.66
C THR A 55 -8.24 9.55 9.25
N SER A 56 -6.91 9.68 9.25
CA SER A 56 -6.25 10.93 8.92
C SER A 56 -4.73 10.74 8.97
N LEU A 57 -3.98 11.67 8.40
CA LEU A 57 -2.53 11.61 8.47
C LEU A 57 -1.94 13.00 8.69
N GLU A 58 -1.42 13.21 9.88
CA GLU A 58 -0.84 14.49 10.27
C GLU A 58 0.52 14.70 9.60
N SER A 59 1.10 15.87 9.79
CA SER A 59 2.37 16.19 9.16
C SER A 59 3.52 15.48 9.87
N GLU A 60 4.34 14.80 9.08
CA GLU A 60 5.51 14.07 9.60
C GLU A 60 5.09 12.90 10.47
N ASN A 61 3.84 12.49 10.33
CA ASN A 61 3.33 11.33 11.03
C ASN A 61 3.08 10.22 10.03
N SER A 62 3.22 8.98 10.45
CA SER A 62 3.09 7.87 9.53
C SER A 62 1.93 6.96 9.92
N THR A 63 1.38 6.26 8.94
CA THR A 63 0.30 5.32 9.19
C THR A 63 0.61 3.97 8.53
N ASN A 64 0.38 2.89 9.28
CA ASN A 64 0.55 1.55 8.75
C ASN A 64 -0.78 1.00 8.27
N VAL A 65 -0.82 0.61 7.01
CA VAL A 65 -2.00 0.04 6.40
C VAL A 65 -1.83 -1.47 6.24
N ASP A 66 -2.70 -2.25 6.86
CA ASP A 66 -2.61 -3.69 6.78
C ASP A 66 -3.74 -4.25 5.92
N PHE A 67 -3.39 -4.78 4.76
CA PHE A 67 -4.38 -5.28 3.81
C PHE A 67 -4.63 -6.77 4.03
N HIS A 68 -5.80 -7.22 3.58
CA HIS A 68 -6.16 -8.63 3.63
C HIS A 68 -6.13 -9.20 2.22
N TRP A 69 -5.06 -9.89 1.88
CA TRP A 69 -4.89 -10.41 0.53
C TRP A 69 -4.85 -11.94 0.54
N THR A 70 -5.91 -12.56 0.05
CA THR A 70 -5.96 -13.99 -0.11
C THR A 70 -5.24 -14.39 -1.41
N LEU A 71 -4.13 -15.09 -1.28
CA LEU A 71 -3.35 -15.47 -2.44
C LEU A 71 -4.05 -16.57 -3.23
N ASP A 72 -4.28 -16.32 -4.51
CA ASP A 72 -4.90 -17.29 -5.38
C ASP A 72 -3.84 -18.25 -5.92
N GLY A 73 -2.65 -17.71 -6.19
CA GLY A 73 -1.53 -18.53 -6.59
C GLY A 73 -1.50 -18.81 -8.08
N THR A 74 -1.44 -17.75 -8.87
CA THR A 74 -1.37 -17.89 -10.31
C THR A 74 -0.02 -17.44 -10.86
N ALA A 75 0.58 -16.45 -10.21
CA ALA A 75 1.85 -15.91 -10.68
C ALA A 75 2.90 -15.99 -9.58
N ASN A 76 4.15 -15.79 -9.97
CA ASN A 76 5.26 -15.76 -9.02
C ASN A 76 5.67 -14.33 -8.71
N SER A 77 5.06 -13.40 -9.42
CA SER A 77 5.34 -11.99 -9.22
C SER A 77 4.06 -11.18 -9.43
N TYR A 78 3.58 -10.57 -8.36
CA TYR A 78 2.38 -9.75 -8.43
C TYR A 78 2.74 -8.27 -8.37
N THR A 79 2.06 -7.48 -9.19
CA THR A 79 2.33 -6.06 -9.26
C THR A 79 1.47 -5.29 -8.27
N LEU A 80 1.96 -5.15 -7.05
CA LEU A 80 1.21 -4.50 -5.99
C LEU A 80 1.47 -3.00 -5.98
N THR A 81 0.40 -2.23 -6.07
CA THR A 81 0.50 -0.79 -6.07
C THR A 81 -0.35 -0.20 -4.96
N VAL A 82 0.28 0.59 -4.11
CA VAL A 82 -0.43 1.30 -3.06
C VAL A 82 -0.87 2.66 -3.59
N ASN A 83 -2.13 2.76 -4.01
CA ASN A 83 -2.65 4.01 -4.51
C ASN A 83 -3.31 4.77 -3.37
N VAL A 84 -2.74 5.91 -3.02
CA VAL A 84 -3.27 6.70 -1.94
C VAL A 84 -4.46 7.53 -2.40
N ASP A 85 -5.63 7.12 -1.91
CA ASP A 85 -6.92 7.73 -2.22
C ASP A 85 -7.13 7.95 -3.72
N PRO A 86 -7.74 6.96 -4.39
CA PRO A 86 -8.00 7.02 -5.84
C PRO A 86 -8.98 8.13 -6.22
N GLU A 87 -9.56 8.75 -5.19
CA GLU A 87 -10.51 9.83 -5.39
C GLU A 87 -9.80 11.18 -5.33
N ASN A 88 -8.67 11.20 -4.63
CA ASN A 88 -7.93 12.43 -4.34
C ASN A 88 -8.80 13.42 -3.59
N ALA A 89 -9.46 12.92 -2.55
CA ALA A 89 -10.28 13.76 -1.69
C ALA A 89 -9.41 14.79 -0.97
N VAL A 90 -8.14 14.43 -0.81
CA VAL A 90 -7.16 15.34 -0.23
C VAL A 90 -6.31 15.95 -1.34
N ASN A 91 -6.24 17.27 -1.39
CA ASN A 91 -5.41 17.97 -2.37
C ASN A 91 -3.95 17.85 -1.95
N GLU A 92 -3.16 17.18 -2.79
CA GLU A 92 -1.79 16.86 -2.42
C GLU A 92 -0.76 17.49 -3.35
N GLY A 93 0.48 17.41 -2.90
CA GLY A 93 1.62 17.94 -3.64
C GLY A 93 1.81 17.37 -5.04
N ASN A 94 2.74 16.42 -5.16
CA ASN A 94 3.23 15.98 -6.46
C ASN A 94 2.36 14.89 -7.10
N GLU A 95 2.93 14.21 -8.11
CA GLU A 95 2.18 13.24 -8.90
C GLU A 95 2.47 11.80 -8.48
N SER A 96 3.72 11.52 -8.12
CA SER A 96 4.16 10.15 -7.88
C SER A 96 3.87 9.70 -6.45
N ASN A 97 3.35 10.62 -5.65
CA ASN A 97 3.08 10.35 -4.24
C ASN A 97 1.91 9.39 -4.07
N ASN A 98 0.93 9.48 -4.96
CA ASN A 98 -0.28 8.68 -4.82
C ASN A 98 -0.06 7.23 -5.26
N THR A 99 1.13 6.89 -5.72
CA THR A 99 1.38 5.54 -6.19
C THR A 99 2.70 4.96 -5.71
N LEU A 100 2.62 3.74 -5.19
CA LEU A 100 3.80 2.94 -4.90
C LEU A 100 3.64 1.57 -5.54
N THR A 101 4.25 1.39 -6.70
CA THR A 101 4.18 0.11 -7.39
C THR A 101 5.41 -0.73 -7.08
N ALA A 102 5.21 -1.76 -6.27
CA ALA A 102 6.28 -2.64 -5.87
C ALA A 102 5.96 -4.07 -6.29
N LEU A 103 6.93 -4.75 -6.85
CA LEU A 103 6.74 -6.13 -7.26
C LEU A 103 6.96 -7.07 -6.11
N VAL A 104 5.94 -7.82 -5.78
CA VAL A 104 6.04 -8.81 -4.72
C VAL A 104 6.07 -10.20 -5.33
N GLY A 105 7.01 -11.00 -4.87
CA GLY A 105 7.20 -12.31 -5.45
C GLY A 105 6.75 -13.41 -4.53
N THR A 106 6.75 -14.63 -5.00
CA THR A 106 6.41 -15.76 -4.18
C THR A 106 7.55 -16.10 -3.25
N LEU A 107 7.24 -16.29 -1.97
CA LEU A 107 8.24 -16.53 -0.96
C LEU A 107 8.99 -17.84 -1.22
N GLU A 108 10.31 -17.73 -1.32
CA GLU A 108 11.17 -18.89 -1.53
C GLU A 108 10.95 -19.90 -0.42
N HIS A 109 10.94 -19.40 0.80
CA HIS A 109 10.71 -20.23 1.97
C HIS A 109 9.22 -20.55 2.05
N HIS A 110 8.86 -21.76 1.64
CA HIS A 110 7.46 -22.13 1.47
C HIS A 110 6.69 -22.00 2.78
N HIS A 111 7.41 -22.14 3.89
CA HIS A 111 6.86 -21.87 5.21
C HIS A 111 7.96 -21.23 6.03
N HIS A 112 7.60 -20.37 6.97
CA HIS A 112 8.59 -19.77 7.84
C HIS A 112 8.97 -20.76 8.92
N HIS A 113 9.74 -21.75 8.53
CA HIS A 113 10.12 -22.87 9.36
C HIS A 113 11.36 -23.53 8.75
N HIS A 114 11.47 -23.36 7.44
CA HIS A 114 12.67 -23.76 6.71
C HIS A 114 13.43 -22.52 6.29
N MET A 1 -0.70 25.55 2.45
CA MET A 1 -0.30 24.43 3.35
C MET A 1 -1.12 23.19 3.00
N ILE A 2 -0.49 22.28 2.29
CA ILE A 2 -1.18 21.12 1.73
C ILE A 2 -0.42 19.83 2.07
N PRO A 3 -1.12 18.70 2.24
CA PRO A 3 -0.48 17.39 2.47
C PRO A 3 0.21 16.84 1.22
N ASP A 4 1.05 15.85 1.42
CA ASP A 4 1.75 15.17 0.32
C ASP A 4 1.99 13.72 0.73
N LEU A 5 1.05 12.85 0.40
CA LEU A 5 1.02 11.50 0.93
C LEU A 5 1.91 10.58 0.11
N VAL A 6 2.93 10.03 0.75
CA VAL A 6 3.90 9.20 0.05
C VAL A 6 3.95 7.80 0.66
N PRO A 7 3.47 6.80 -0.08
CA PRO A 7 3.66 5.39 0.28
C PRO A 7 5.14 5.03 0.25
N VAL A 8 5.69 4.77 1.41
CA VAL A 8 7.14 4.63 1.57
C VAL A 8 7.59 3.20 1.28
N SER A 9 6.92 2.24 1.87
CA SER A 9 7.34 0.85 1.75
C SER A 9 6.14 -0.10 1.81
N LEU A 10 6.33 -1.29 1.26
CA LEU A 10 5.31 -2.33 1.26
C LEU A 10 5.95 -3.66 1.64
N THR A 11 5.60 -4.17 2.81
CA THR A 11 6.22 -5.40 3.30
C THR A 11 5.14 -6.38 3.77
N PRO A 12 5.38 -7.69 3.64
CA PRO A 12 6.62 -8.24 3.09
C PRO A 12 6.67 -8.16 1.57
N VAL A 13 7.87 -8.00 1.03
CA VAL A 13 8.06 -7.97 -0.42
C VAL A 13 7.88 -9.37 -1.02
N THR A 14 7.72 -10.35 -0.15
CA THR A 14 7.45 -11.71 -0.54
C THR A 14 6.22 -12.23 0.20
N VAL A 15 5.31 -12.85 -0.52
CA VAL A 15 4.05 -13.30 0.04
C VAL A 15 3.84 -14.79 -0.18
N VAL A 16 3.03 -15.40 0.67
CA VAL A 16 2.71 -16.80 0.53
C VAL A 16 1.33 -16.99 -0.09
N PRO A 17 1.23 -17.88 -1.08
CA PRO A 17 -0.03 -18.18 -1.74
C PRO A 17 -0.91 -19.12 -0.92
N ASN A 18 -2.14 -19.34 -1.39
CA ASN A 18 -3.08 -20.26 -0.75
C ASN A 18 -3.45 -19.80 0.65
N THR A 19 -3.41 -18.48 0.88
CA THR A 19 -3.70 -17.93 2.19
C THR A 19 -3.83 -16.40 2.12
N VAL A 20 -4.28 -15.79 3.20
CA VAL A 20 -4.43 -14.35 3.26
C VAL A 20 -3.15 -13.70 3.81
N ASN A 21 -2.66 -12.70 3.10
CA ASN A 21 -1.45 -12.00 3.51
C ASN A 21 -1.78 -10.62 4.04
N THR A 22 -1.50 -10.40 5.32
CA THR A 22 -1.67 -9.10 5.92
C THR A 22 -0.42 -8.25 5.66
N MET A 23 -0.46 -7.48 4.60
CA MET A 23 0.71 -6.72 4.17
C MET A 23 0.67 -5.30 4.71
N THR A 24 1.85 -4.76 4.97
CA THR A 24 1.98 -3.46 5.58
C THR A 24 2.51 -2.43 4.59
N ALA A 25 1.68 -1.46 4.26
CA ALA A 25 2.09 -0.33 3.44
C ALA A 25 2.29 0.89 4.32
N THR A 26 3.52 1.32 4.46
CA THR A 26 3.84 2.45 5.31
C THR A 26 3.60 3.75 4.56
N ILE A 27 2.51 4.42 4.90
CA ILE A 27 2.16 5.68 4.25
C ILE A 27 2.63 6.85 5.09
N GLU A 28 3.53 7.63 4.55
CA GLU A 28 4.07 8.78 5.28
C GLU A 28 3.64 10.07 4.61
N ASN A 29 2.97 10.92 5.37
CA ASN A 29 2.54 12.21 4.87
C ASN A 29 3.72 13.18 4.88
N GLN A 30 4.35 13.34 3.73
CA GLN A 30 5.55 14.15 3.65
C GLN A 30 5.23 15.52 3.09
N GLY A 31 4.31 16.19 3.76
CA GLY A 31 3.90 17.51 3.35
C GLY A 31 3.61 18.38 4.54
N ASN A 32 3.25 19.64 4.31
CA ASN A 32 3.09 20.60 5.39
C ASN A 32 1.82 20.35 6.20
N LYS A 33 0.74 19.99 5.52
CA LYS A 33 -0.57 19.92 6.19
C LYS A 33 -0.96 18.50 6.54
N ASP A 34 -1.70 18.38 7.64
CA ASP A 34 -2.29 17.13 8.10
C ASP A 34 -3.35 16.65 7.11
N SER A 35 -3.36 15.36 6.86
CA SER A 35 -4.37 14.76 6.00
C SER A 35 -5.39 13.99 6.84
N THR A 36 -6.66 14.14 6.50
CA THR A 36 -7.72 13.47 7.23
C THR A 36 -8.01 12.09 6.61
N SER A 37 -9.27 11.76 6.40
CA SER A 37 -9.65 10.45 5.91
C SER A 37 -9.36 10.30 4.43
N PHE A 38 -8.36 9.49 4.12
CA PHE A 38 -7.97 9.21 2.75
C PHE A 38 -8.05 7.70 2.50
N ASN A 39 -8.37 7.31 1.29
CA ASN A 39 -8.60 5.90 0.99
C ASN A 39 -7.37 5.26 0.35
N VAL A 40 -6.75 4.31 1.03
CA VAL A 40 -5.55 3.67 0.50
C VAL A 40 -5.92 2.35 -0.15
N SER A 41 -5.77 2.31 -1.47
CA SER A 41 -6.13 1.14 -2.25
C SER A 41 -4.89 0.37 -2.68
N LEU A 42 -4.92 -0.94 -2.47
CA LEU A 42 -3.84 -1.80 -2.93
C LEU A 42 -4.25 -2.44 -4.25
N LEU A 43 -3.60 -2.02 -5.32
CA LEU A 43 -3.91 -2.55 -6.63
C LEU A 43 -2.91 -3.63 -7.02
N VAL A 44 -3.41 -4.65 -7.67
CA VAL A 44 -2.57 -5.68 -8.25
C VAL A 44 -2.58 -5.53 -9.76
N ASP A 45 -1.53 -4.90 -10.28
CA ASP A 45 -1.40 -4.60 -11.70
C ASP A 45 -2.44 -3.56 -12.15
N GLY A 46 -3.68 -4.00 -12.26
CA GLY A 46 -4.74 -3.11 -12.66
C GLY A 46 -6.05 -3.42 -11.95
N ILE A 47 -6.00 -4.36 -11.02
CA ILE A 47 -7.19 -4.76 -10.27
C ILE A 47 -7.03 -4.35 -8.81
N VAL A 48 -8.13 -4.13 -8.12
CA VAL A 48 -8.08 -3.74 -6.71
C VAL A 48 -8.49 -4.91 -5.84
N VAL A 49 -7.63 -5.28 -4.89
CA VAL A 49 -7.94 -6.38 -4.00
C VAL A 49 -8.56 -5.88 -2.70
N ASP A 50 -8.15 -4.70 -2.25
CA ASP A 50 -8.70 -4.11 -1.05
C ASP A 50 -8.47 -2.61 -1.03
N THR A 51 -9.46 -1.89 -0.53
CA THR A 51 -9.38 -0.44 -0.41
C THR A 51 -9.64 -0.04 1.03
N GLN A 52 -8.59 0.42 1.70
CA GLN A 52 -8.66 0.68 3.12
C GLN A 52 -8.64 2.18 3.41
N THR A 53 -9.75 2.70 3.90
CA THR A 53 -9.85 4.10 4.27
C THR A 53 -9.11 4.35 5.59
N VAL A 54 -8.11 5.22 5.55
CA VAL A 54 -7.40 5.59 6.74
C VAL A 54 -8.02 6.85 7.34
N THR A 55 -8.36 6.77 8.61
CA THR A 55 -9.10 7.84 9.28
C THR A 55 -8.36 9.18 9.22
N SER A 56 -7.03 9.16 9.34
CA SER A 56 -6.25 10.38 9.35
C SER A 56 -4.75 10.08 9.26
N LEU A 57 -3.97 11.10 8.93
CA LEU A 57 -2.53 11.01 8.88
C LEU A 57 -1.90 12.39 9.04
N GLU A 58 -1.19 12.58 10.14
CA GLU A 58 -0.62 13.89 10.46
C GLU A 58 0.64 14.17 9.64
N SER A 59 1.10 15.41 9.69
CA SER A 59 2.28 15.83 8.96
C SER A 59 3.53 15.08 9.44
N GLU A 60 4.22 14.47 8.48
CA GLU A 60 5.47 13.77 8.74
C GLU A 60 5.28 12.53 9.62
N ASN A 61 4.03 12.10 9.73
CA ASN A 61 3.72 10.87 10.47
C ASN A 61 3.56 9.74 9.46
N SER A 62 4.00 8.56 9.85
CA SER A 62 3.95 7.40 8.98
C SER A 62 3.00 6.36 9.54
N THR A 63 1.92 6.10 8.82
CA THR A 63 0.92 5.13 9.26
C THR A 63 1.06 3.82 8.47
N ASN A 64 1.23 2.72 9.20
CA ASN A 64 1.34 1.41 8.58
C ASN A 64 -0.04 0.87 8.22
N VAL A 65 -0.27 0.69 6.93
CA VAL A 65 -1.54 0.21 6.43
C VAL A 65 -1.49 -1.29 6.20
N ASP A 66 -2.16 -2.05 7.06
CA ASP A 66 -2.19 -3.49 6.94
C ASP A 66 -3.42 -3.94 6.15
N PHE A 67 -3.18 -4.46 4.97
CA PHE A 67 -4.27 -4.93 4.12
C PHE A 67 -4.52 -6.41 4.37
N HIS A 68 -5.63 -6.90 3.87
CA HIS A 68 -5.94 -8.32 3.93
C HIS A 68 -6.04 -8.89 2.52
N TRP A 69 -4.93 -9.45 2.05
CA TRP A 69 -4.84 -9.96 0.69
C TRP A 69 -5.17 -11.45 0.66
N THR A 70 -6.38 -11.78 0.26
CA THR A 70 -6.76 -13.17 0.06
C THR A 70 -6.12 -13.69 -1.21
N LEU A 71 -4.93 -14.26 -1.07
CA LEU A 71 -4.10 -14.59 -2.20
C LEU A 71 -4.28 -16.03 -2.64
N ASP A 72 -4.75 -16.19 -3.87
CA ASP A 72 -4.81 -17.49 -4.52
C ASP A 72 -3.40 -18.02 -4.74
N GLY A 73 -2.60 -17.24 -5.45
CA GLY A 73 -1.24 -17.64 -5.74
C GLY A 73 -1.10 -18.16 -7.14
N THR A 74 -1.60 -17.40 -8.09
CA THR A 74 -1.60 -17.80 -9.49
C THR A 74 -0.24 -17.51 -10.12
N ALA A 75 0.44 -16.49 -9.62
CA ALA A 75 1.74 -16.10 -10.11
C ALA A 75 2.77 -16.10 -8.99
N ASN A 76 4.05 -16.14 -9.35
CA ASN A 76 5.12 -16.13 -8.37
C ASN A 76 5.67 -14.71 -8.19
N SER A 77 5.14 -13.78 -8.97
CA SER A 77 5.51 -12.38 -8.86
C SER A 77 4.34 -11.48 -9.23
N TYR A 78 3.82 -10.77 -8.25
CA TYR A 78 2.71 -9.85 -8.45
C TYR A 78 3.18 -8.40 -8.43
N THR A 79 2.50 -7.55 -9.18
CA THR A 79 2.77 -6.13 -9.18
C THR A 79 1.79 -5.41 -8.27
N LEU A 80 2.21 -5.13 -7.05
CA LEU A 80 1.34 -4.44 -6.12
C LEU A 80 1.60 -2.94 -6.16
N THR A 81 0.52 -2.19 -6.25
CA THR A 81 0.61 -0.75 -6.38
C THR A 81 -0.29 -0.07 -5.34
N VAL A 82 0.33 0.63 -4.42
CA VAL A 82 -0.41 1.38 -3.42
C VAL A 82 -0.77 2.75 -3.97
N ASN A 83 -2.04 2.96 -4.25
CA ASN A 83 -2.50 4.26 -4.71
C ASN A 83 -3.23 4.97 -3.58
N VAL A 84 -2.67 6.07 -3.14
CA VAL A 84 -3.22 6.81 -2.02
C VAL A 84 -4.34 7.74 -2.49
N ASP A 85 -5.54 7.41 -2.01
CA ASP A 85 -6.77 8.19 -2.25
C ASP A 85 -7.14 8.24 -3.73
N PRO A 86 -7.94 7.26 -4.19
CA PRO A 86 -8.47 7.24 -5.55
C PRO A 86 -9.75 8.08 -5.67
N GLU A 87 -10.24 8.57 -4.52
CA GLU A 87 -11.44 9.39 -4.50
C GLU A 87 -11.05 10.85 -4.58
N ASN A 88 -9.78 11.12 -4.31
CA ASN A 88 -9.24 12.48 -4.32
C ASN A 88 -10.02 13.34 -3.34
N ALA A 89 -10.07 12.88 -2.11
CA ALA A 89 -10.75 13.58 -1.04
C ALA A 89 -9.78 14.46 -0.29
N VAL A 90 -8.53 14.02 -0.26
CA VAL A 90 -7.45 14.83 0.30
C VAL A 90 -6.53 15.30 -0.82
N ASN A 91 -6.69 16.55 -1.22
CA ASN A 91 -5.88 17.12 -2.28
C ASN A 91 -4.43 17.19 -1.85
N GLU A 92 -3.54 16.69 -2.70
CA GLU A 92 -2.13 16.57 -2.35
C GLU A 92 -1.28 17.57 -3.13
N GLY A 93 -0.06 17.77 -2.65
CA GLY A 93 0.95 18.50 -3.40
C GLY A 93 1.22 17.85 -4.74
N ASN A 94 2.30 17.10 -4.84
CA ASN A 94 2.62 16.38 -6.05
C ASN A 94 1.88 15.05 -6.07
N GLU A 95 0.78 15.00 -6.82
CA GLU A 95 -0.11 13.84 -6.85
C GLU A 95 0.50 12.67 -7.63
N SER A 96 1.81 12.66 -7.75
CA SER A 96 2.51 11.54 -8.35
C SER A 96 3.33 10.80 -7.30
N ASN A 97 3.33 11.35 -6.08
CA ASN A 97 4.05 10.72 -4.97
C ASN A 97 3.15 9.73 -4.25
N ASN A 98 1.86 9.82 -4.55
CA ASN A 98 0.84 9.03 -3.86
C ASN A 98 0.80 7.60 -4.36
N THR A 99 1.69 7.27 -5.28
CA THR A 99 1.70 5.94 -5.86
C THR A 99 2.98 5.20 -5.49
N LEU A 100 2.86 3.89 -5.34
CA LEU A 100 3.98 3.03 -5.00
C LEU A 100 3.86 1.70 -5.73
N THR A 101 4.63 1.54 -6.78
CA THR A 101 4.62 0.30 -7.55
C THR A 101 5.77 -0.60 -7.08
N ALA A 102 5.42 -1.70 -6.43
CA ALA A 102 6.42 -2.62 -5.91
C ALA A 102 6.13 -4.04 -6.35
N LEU A 103 7.17 -4.76 -6.72
CA LEU A 103 7.03 -6.15 -7.12
C LEU A 103 7.11 -7.06 -5.91
N VAL A 104 6.06 -7.83 -5.70
CA VAL A 104 6.01 -8.76 -4.59
C VAL A 104 6.01 -10.19 -5.11
N GLY A 105 6.99 -10.96 -4.70
CA GLY A 105 7.11 -12.32 -5.18
C GLY A 105 6.65 -13.29 -4.12
N THR A 106 6.59 -14.56 -4.47
CA THR A 106 6.25 -15.57 -3.49
C THR A 106 7.42 -15.79 -2.54
N LEU A 107 7.12 -16.26 -1.33
CA LEU A 107 8.13 -16.35 -0.28
C LEU A 107 9.28 -17.27 -0.66
N GLU A 108 10.43 -16.66 -0.93
CA GLU A 108 11.66 -17.40 -1.16
C GLU A 108 12.50 -17.37 0.12
N HIS A 109 12.66 -18.52 0.74
CA HIS A 109 13.34 -18.59 2.02
C HIS A 109 14.81 -18.93 1.81
N HIS A 110 15.69 -18.34 2.61
CA HIS A 110 17.12 -18.65 2.53
C HIS A 110 17.34 -20.03 3.10
N HIS A 111 18.22 -20.80 2.47
CA HIS A 111 18.54 -22.14 2.93
C HIS A 111 20.05 -22.34 2.94
N HIS A 112 20.49 -23.42 3.54
CA HIS A 112 21.91 -23.78 3.51
C HIS A 112 22.22 -24.50 2.20
N HIS A 113 21.19 -25.15 1.64
CA HIS A 113 21.32 -25.96 0.43
C HIS A 113 22.17 -27.19 0.71
N HIS A 114 23.49 -27.01 0.65
CA HIS A 114 24.42 -28.07 0.96
C HIS A 114 25.85 -27.54 0.88
N MET A 1 1.39 25.19 2.80
CA MET A 1 1.00 24.05 3.66
C MET A 1 0.04 23.13 2.92
N ILE A 2 0.59 22.04 2.39
CA ILE A 2 -0.22 21.04 1.71
C ILE A 2 0.31 19.65 2.06
N PRO A 3 -0.60 18.68 2.31
CA PRO A 3 -0.21 17.30 2.56
C PRO A 3 0.37 16.64 1.32
N ASP A 4 1.24 15.67 1.52
CA ASP A 4 1.87 14.95 0.43
C ASP A 4 1.99 13.48 0.83
N LEU A 5 0.97 12.70 0.49
CA LEU A 5 0.86 11.33 0.96
C LEU A 5 1.64 10.38 0.05
N VAL A 6 2.74 9.86 0.57
CA VAL A 6 3.63 9.01 -0.21
C VAL A 6 3.71 7.61 0.39
N PRO A 7 3.37 6.57 -0.39
CA PRO A 7 3.60 5.20 0.00
C PRO A 7 5.07 4.82 -0.22
N VAL A 8 5.84 4.81 0.85
CA VAL A 8 7.28 4.63 0.74
C VAL A 8 7.67 3.17 0.63
N SER A 9 6.87 2.27 1.21
CA SER A 9 7.19 0.86 1.23
C SER A 9 6.04 0.06 1.83
N LEU A 10 6.09 -1.26 1.66
CA LEU A 10 5.15 -2.16 2.30
C LEU A 10 5.87 -3.47 2.63
N THR A 11 5.42 -4.15 3.66
CA THR A 11 5.97 -5.45 4.02
C THR A 11 4.87 -6.49 4.20
N PRO A 12 5.13 -7.74 3.83
CA PRO A 12 6.39 -8.15 3.21
C PRO A 12 6.35 -8.06 1.68
N VAL A 13 7.52 -8.06 1.06
CA VAL A 13 7.60 -8.03 -0.39
C VAL A 13 7.66 -9.46 -0.95
N THR A 14 7.43 -10.42 -0.08
CA THR A 14 7.40 -11.81 -0.45
C THR A 14 6.29 -12.51 0.34
N VAL A 15 5.35 -13.14 -0.36
CA VAL A 15 4.12 -13.60 0.28
C VAL A 15 3.91 -15.10 0.13
N VAL A 16 3.08 -15.66 1.00
CA VAL A 16 2.74 -17.08 0.97
C VAL A 16 1.50 -17.31 0.11
N PRO A 17 1.62 -18.08 -0.98
CA PRO A 17 0.51 -18.31 -1.91
C PRO A 17 -0.50 -19.34 -1.40
N ASN A 18 -0.48 -19.63 -0.10
CA ASN A 18 -1.34 -20.67 0.45
C ASN A 18 -2.22 -20.12 1.57
N THR A 19 -2.34 -18.81 1.65
CA THR A 19 -3.16 -18.18 2.68
C THR A 19 -3.32 -16.68 2.38
N VAL A 20 -4.07 -16.00 3.25
CA VAL A 20 -4.24 -14.57 3.14
C VAL A 20 -3.09 -13.86 3.83
N ASN A 21 -2.41 -13.00 3.10
CA ASN A 21 -1.24 -12.32 3.62
C ASN A 21 -1.59 -10.95 4.15
N THR A 22 -1.26 -10.71 5.40
CA THR A 22 -1.45 -9.42 6.02
C THR A 22 -0.30 -8.49 5.62
N MET A 23 -0.57 -7.56 4.73
CA MET A 23 0.47 -6.69 4.22
C MET A 23 0.36 -5.32 4.88
N THR A 24 1.49 -4.78 5.27
CA THR A 24 1.53 -3.50 5.95
C THR A 24 2.26 -2.46 5.10
N ALA A 25 1.50 -1.57 4.49
CA ALA A 25 2.07 -0.48 3.70
C ALA A 25 2.32 0.73 4.57
N THR A 26 3.43 1.40 4.33
CA THR A 26 3.79 2.58 5.09
C THR A 26 3.54 3.84 4.27
N ILE A 27 2.52 4.59 4.66
CA ILE A 27 2.18 5.83 3.98
C ILE A 27 2.68 7.01 4.79
N GLU A 28 3.57 7.78 4.22
CA GLU A 28 4.17 8.90 4.93
C GLU A 28 3.69 10.22 4.35
N ASN A 29 3.25 11.12 5.22
CA ASN A 29 2.81 12.44 4.81
C ASN A 29 3.99 13.41 4.79
N GLN A 30 4.54 13.63 3.60
CA GLN A 30 5.75 14.42 3.44
C GLN A 30 5.40 15.87 3.12
N GLY A 31 4.39 16.38 3.80
CA GLY A 31 3.97 17.74 3.62
C GLY A 31 3.50 18.34 4.93
N ASN A 32 3.71 19.64 5.10
CA ASN A 32 3.46 20.28 6.38
C ASN A 32 1.99 20.68 6.50
N LYS A 33 1.13 19.68 6.43
CA LYS A 33 -0.28 19.84 6.74
C LYS A 33 -0.89 18.47 7.02
N ASP A 34 -1.72 18.40 8.04
CA ASP A 34 -2.31 17.14 8.45
C ASP A 34 -3.43 16.73 7.49
N SER A 35 -3.42 15.49 7.06
CA SER A 35 -4.39 15.01 6.08
C SER A 35 -5.57 14.34 6.78
N THR A 36 -6.75 14.51 6.19
CA THR A 36 -7.97 13.94 6.72
C THR A 36 -8.16 12.51 6.20
N SER A 37 -9.39 11.99 6.29
CA SER A 37 -9.71 10.66 5.82
C SER A 37 -9.37 10.51 4.34
N PHE A 38 -8.57 9.49 4.04
CA PHE A 38 -8.20 9.19 2.66
C PHE A 38 -8.24 7.68 2.47
N ASN A 39 -8.66 7.24 1.30
CA ASN A 39 -8.90 5.81 1.07
C ASN A 39 -7.76 5.19 0.27
N VAL A 40 -7.03 4.25 0.88
CA VAL A 40 -5.87 3.64 0.23
C VAL A 40 -6.22 2.25 -0.30
N SER A 41 -5.97 2.05 -1.58
CA SER A 41 -6.31 0.79 -2.23
C SER A 41 -5.05 0.10 -2.74
N LEU A 42 -5.00 -1.22 -2.56
CA LEU A 42 -3.89 -2.02 -3.06
C LEU A 42 -4.28 -2.63 -4.41
N LEU A 43 -3.69 -2.12 -5.47
CA LEU A 43 -3.98 -2.60 -6.81
C LEU A 43 -2.93 -3.62 -7.25
N VAL A 44 -3.37 -4.83 -7.51
CA VAL A 44 -2.48 -5.88 -7.96
C VAL A 44 -2.61 -6.06 -9.47
N ASP A 45 -1.62 -5.53 -10.18
CA ASP A 45 -1.54 -5.66 -11.64
C ASP A 45 -2.76 -5.08 -12.34
N GLY A 46 -3.47 -4.18 -11.68
CA GLY A 46 -4.61 -3.53 -12.30
C GLY A 46 -5.90 -3.73 -11.53
N ILE A 47 -5.99 -4.83 -10.78
CA ILE A 47 -7.19 -5.14 -10.02
C ILE A 47 -7.01 -4.70 -8.58
N VAL A 48 -8.10 -4.30 -7.94
CA VAL A 48 -8.05 -3.85 -6.56
C VAL A 48 -8.45 -4.98 -5.63
N VAL A 49 -7.49 -5.50 -4.88
CA VAL A 49 -7.75 -6.65 -4.01
C VAL A 49 -8.18 -6.22 -2.62
N ASP A 50 -7.68 -5.09 -2.16
CA ASP A 50 -7.98 -4.62 -0.81
C ASP A 50 -7.99 -3.09 -0.76
N THR A 51 -8.94 -2.55 -0.02
CA THR A 51 -9.08 -1.11 0.12
C THR A 51 -9.28 -0.75 1.59
N GLN A 52 -8.41 0.07 2.14
CA GLN A 52 -8.49 0.43 3.54
C GLN A 52 -8.45 1.95 3.69
N THR A 53 -9.55 2.52 4.17
CA THR A 53 -9.63 3.95 4.40
C THR A 53 -8.88 4.33 5.67
N VAL A 54 -8.04 5.35 5.57
CA VAL A 54 -7.31 5.84 6.73
C VAL A 54 -7.97 7.11 7.23
N THR A 55 -8.40 7.09 8.49
CA THR A 55 -9.16 8.20 9.07
C THR A 55 -8.39 9.52 9.04
N SER A 56 -7.08 9.48 9.25
CA SER A 56 -6.27 10.70 9.24
C SER A 56 -4.78 10.38 9.30
N LEU A 57 -3.97 11.27 8.74
CA LEU A 57 -2.52 11.16 8.81
C LEU A 57 -1.91 12.55 9.04
N GLU A 58 -1.29 12.71 10.19
CA GLU A 58 -0.72 14.00 10.58
C GLU A 58 0.49 14.38 9.75
N SER A 59 0.96 15.59 9.96
CA SER A 59 2.14 16.11 9.27
C SER A 59 3.38 15.31 9.65
N GLU A 60 4.12 14.87 8.63
CA GLU A 60 5.38 14.15 8.81
C GLU A 60 5.20 12.83 9.56
N ASN A 61 3.97 12.32 9.58
CA ASN A 61 3.70 11.05 10.25
C ASN A 61 3.60 9.94 9.21
N SER A 62 3.80 8.72 9.66
CA SER A 62 3.72 7.56 8.78
C SER A 62 2.66 6.58 9.28
N THR A 63 1.71 6.24 8.43
CA THR A 63 0.63 5.33 8.80
C THR A 63 0.87 3.95 8.20
N ASN A 64 0.66 2.92 9.00
CA ASN A 64 0.74 1.55 8.54
C ASN A 64 -0.65 1.07 8.11
N VAL A 65 -0.77 0.70 6.85
CA VAL A 65 -2.04 0.28 6.30
C VAL A 65 -2.15 -1.23 6.32
N ASP A 66 -3.31 -1.72 6.75
CA ASP A 66 -3.54 -3.15 6.91
C ASP A 66 -4.24 -3.71 5.68
N PHE A 67 -3.55 -4.56 4.93
CA PHE A 67 -4.12 -5.20 3.76
C PHE A 67 -4.28 -6.70 3.97
N HIS A 68 -5.39 -7.25 3.50
CA HIS A 68 -5.63 -8.69 3.57
C HIS A 68 -5.70 -9.26 2.16
N TRP A 69 -4.59 -9.80 1.69
CA TRP A 69 -4.50 -10.26 0.30
C TRP A 69 -4.49 -11.78 0.21
N THR A 70 -5.54 -12.32 -0.39
CA THR A 70 -5.64 -13.76 -0.64
C THR A 70 -4.88 -14.12 -1.92
N LEU A 71 -3.94 -15.04 -1.82
CA LEU A 71 -3.15 -15.44 -2.96
C LEU A 71 -3.85 -16.48 -3.80
N ASP A 72 -4.04 -16.17 -5.08
CA ASP A 72 -4.62 -17.09 -6.03
C ASP A 72 -3.55 -18.08 -6.50
N GLY A 73 -2.35 -17.56 -6.77
CA GLY A 73 -1.23 -18.40 -7.13
C GLY A 73 -1.13 -18.64 -8.63
N THR A 74 -1.38 -17.62 -9.42
CA THR A 74 -1.29 -17.74 -10.87
C THR A 74 0.05 -17.17 -11.37
N ALA A 75 0.73 -16.43 -10.50
CA ALA A 75 2.03 -15.86 -10.83
C ALA A 75 2.93 -15.85 -9.60
N ASN A 76 4.24 -15.91 -9.83
CA ASN A 76 5.20 -15.89 -8.73
C ASN A 76 5.62 -14.46 -8.40
N SER A 77 5.21 -13.54 -9.25
CA SER A 77 5.52 -12.13 -9.05
C SER A 77 4.33 -11.27 -9.44
N TYR A 78 3.84 -10.49 -8.49
CA TYR A 78 2.71 -9.60 -8.75
C TYR A 78 3.11 -8.14 -8.60
N THR A 79 2.39 -7.28 -9.30
CA THR A 79 2.64 -5.85 -9.26
C THR A 79 1.69 -5.20 -8.27
N LEU A 80 2.12 -5.12 -7.01
CA LEU A 80 1.29 -4.54 -5.97
C LEU A 80 1.50 -3.04 -5.91
N THR A 81 0.47 -2.32 -6.26
CA THR A 81 0.54 -0.89 -6.40
C THR A 81 -0.37 -0.20 -5.38
N VAL A 82 0.24 0.51 -4.44
CA VAL A 82 -0.51 1.24 -3.43
C VAL A 82 -0.84 2.63 -3.96
N ASN A 83 -2.12 2.86 -4.26
CA ASN A 83 -2.54 4.17 -4.69
C ASN A 83 -3.31 4.86 -3.57
N VAL A 84 -2.80 6.00 -3.15
CA VAL A 84 -3.35 6.73 -2.03
C VAL A 84 -4.50 7.63 -2.46
N ASP A 85 -5.70 7.26 -2.01
CA ASP A 85 -6.92 8.03 -2.17
C ASP A 85 -7.26 8.31 -3.63
N PRO A 86 -7.96 7.38 -4.29
CA PRO A 86 -8.46 7.57 -5.65
C PRO A 86 -9.61 8.56 -5.70
N GLU A 87 -10.10 8.92 -4.51
CA GLU A 87 -11.20 9.86 -4.37
C GLU A 87 -10.69 11.30 -4.47
N ASN A 88 -9.43 11.49 -4.09
CA ASN A 88 -8.79 12.80 -4.06
C ASN A 88 -9.58 13.75 -3.18
N ALA A 89 -9.82 13.32 -1.96
CA ALA A 89 -10.55 14.11 -0.98
C ALA A 89 -9.59 15.07 -0.29
N VAL A 90 -8.33 14.68 -0.25
CA VAL A 90 -7.30 15.51 0.33
C VAL A 90 -6.54 16.24 -0.76
N ASN A 91 -6.26 17.52 -0.54
CA ASN A 91 -5.42 18.27 -1.46
C ASN A 91 -3.98 17.87 -1.26
N GLU A 92 -3.40 17.21 -2.25
CA GLU A 92 -2.07 16.65 -2.11
C GLU A 92 -1.08 17.32 -3.03
N GLY A 93 0.18 17.31 -2.60
CA GLY A 93 1.28 17.89 -3.37
C GLY A 93 1.43 17.30 -4.76
N ASN A 94 2.39 16.41 -4.90
CA ASN A 94 2.76 15.86 -6.21
C ASN A 94 1.93 14.63 -6.55
N GLU A 95 1.26 14.66 -7.69
CA GLU A 95 0.33 13.60 -8.09
C GLU A 95 1.03 12.25 -8.22
N SER A 96 2.28 12.27 -8.67
CA SER A 96 3.03 11.03 -8.89
C SER A 96 3.49 10.41 -7.58
N ASN A 97 3.18 11.08 -6.47
CA ASN A 97 3.54 10.60 -5.15
C ASN A 97 2.43 9.74 -4.57
N ASN A 98 1.26 9.81 -5.18
CA ASN A 98 0.08 9.09 -4.71
C ASN A 98 0.21 7.58 -4.89
N THR A 99 1.13 7.17 -5.74
CA THR A 99 1.18 5.76 -6.12
C THR A 99 2.55 5.15 -5.84
N LEU A 100 2.53 3.86 -5.52
CA LEU A 100 3.73 3.09 -5.24
C LEU A 100 3.69 1.78 -6.02
N THR A 101 4.47 1.71 -7.08
CA THR A 101 4.54 0.52 -7.89
C THR A 101 5.60 -0.43 -7.34
N ALA A 102 5.18 -1.43 -6.58
CA ALA A 102 6.10 -2.37 -5.97
C ALA A 102 5.93 -3.77 -6.55
N LEU A 103 7.02 -4.52 -6.60
CA LEU A 103 7.00 -5.87 -7.12
C LEU A 103 7.28 -6.86 -5.99
N VAL A 104 6.33 -7.75 -5.76
CA VAL A 104 6.45 -8.73 -4.70
C VAL A 104 6.63 -10.12 -5.29
N GLY A 105 7.22 -11.02 -4.52
CA GLY A 105 7.42 -12.37 -4.99
C GLY A 105 6.77 -13.37 -4.07
N THR A 106 6.72 -14.60 -4.49
CA THR A 106 6.22 -15.67 -3.65
C THR A 106 7.34 -16.13 -2.71
N LEU A 107 6.97 -16.39 -1.46
CA LEU A 107 7.96 -16.69 -0.43
C LEU A 107 8.87 -17.85 -0.82
N GLU A 108 10.17 -17.57 -0.87
CA GLU A 108 11.17 -18.58 -1.17
C GLU A 108 11.12 -19.68 -0.14
N HIS A 109 10.73 -19.30 1.09
CA HIS A 109 10.76 -20.17 2.26
C HIS A 109 12.10 -20.91 2.35
N HIS A 110 13.10 -20.20 2.87
CA HIS A 110 14.45 -20.73 2.99
C HIS A 110 14.49 -21.88 3.99
N HIS A 111 13.47 -21.95 4.84
CA HIS A 111 13.30 -23.10 5.71
C HIS A 111 12.66 -24.23 4.92
N HIS A 112 13.47 -25.18 4.48
CA HIS A 112 12.98 -26.26 3.65
C HIS A 112 12.55 -27.46 4.49
N HIS A 113 11.24 -27.55 4.70
CA HIS A 113 10.67 -28.76 5.29
C HIS A 113 10.61 -29.84 4.23
N HIS A 114 10.70 -29.41 2.97
CA HIS A 114 10.74 -30.29 1.83
C HIS A 114 11.13 -29.50 0.59
N MET A 1 -0.89 23.76 5.57
CA MET A 1 -1.16 24.27 4.21
C MET A 1 -1.46 23.14 3.25
N ILE A 2 -0.45 22.33 2.98
CA ILE A 2 -0.62 21.22 2.04
C ILE A 2 0.19 20.01 2.50
N PRO A 3 -0.40 18.81 2.41
CA PRO A 3 0.28 17.56 2.72
C PRO A 3 0.86 16.87 1.49
N ASP A 4 1.66 15.85 1.73
CA ASP A 4 2.18 14.97 0.69
C ASP A 4 2.08 13.52 1.15
N LEU A 5 1.10 12.79 0.64
CA LEU A 5 0.87 11.42 1.07
C LEU A 5 1.68 10.46 0.21
N VAL A 6 2.89 10.17 0.66
CA VAL A 6 3.81 9.38 -0.12
C VAL A 6 3.90 7.96 0.42
N PRO A 7 3.40 6.98 -0.34
CA PRO A 7 3.64 5.57 -0.05
C PRO A 7 5.12 5.26 -0.12
N VAL A 8 5.67 4.83 0.99
CA VAL A 8 7.11 4.73 1.15
C VAL A 8 7.61 3.36 0.73
N SER A 9 6.94 2.31 1.21
CA SER A 9 7.34 0.95 0.91
C SER A 9 6.19 -0.01 1.16
N LEU A 10 6.39 -1.26 0.79
CA LEU A 10 5.39 -2.30 0.93
C LEU A 10 6.03 -3.57 1.48
N THR A 11 5.46 -4.11 2.54
CA THR A 11 5.98 -5.32 3.16
C THR A 11 4.82 -6.21 3.60
N PRO A 12 5.00 -7.54 3.60
CA PRO A 12 6.26 -8.18 3.22
C PRO A 12 6.48 -8.20 1.70
N VAL A 13 7.73 -8.12 1.29
CA VAL A 13 8.08 -8.19 -0.12
C VAL A 13 7.91 -9.61 -0.66
N THR A 14 7.94 -10.59 0.24
CA THR A 14 7.68 -11.95 -0.12
C THR A 14 6.40 -12.44 0.55
N VAL A 15 5.50 -13.01 -0.23
CA VAL A 15 4.18 -13.38 0.27
C VAL A 15 3.98 -14.89 0.28
N VAL A 16 3.18 -15.35 1.23
CA VAL A 16 2.89 -16.77 1.38
C VAL A 16 1.68 -17.15 0.55
N PRO A 17 1.86 -17.97 -0.49
CA PRO A 17 0.79 -18.35 -1.43
C PRO A 17 -0.08 -19.49 -0.92
N ASN A 18 -0.43 -19.47 0.35
CA ASN A 18 -1.31 -20.48 0.93
C ASN A 18 -2.01 -19.96 2.18
N THR A 19 -2.20 -18.64 2.24
CA THR A 19 -2.86 -18.02 3.37
C THR A 19 -3.13 -16.54 3.06
N VAL A 20 -3.69 -15.83 4.03
CA VAL A 20 -3.95 -14.41 3.87
C VAL A 20 -2.75 -13.60 4.33
N ASN A 21 -2.18 -12.85 3.42
CA ASN A 21 -1.00 -12.05 3.71
C ASN A 21 -1.40 -10.68 4.21
N THR A 22 -0.88 -10.31 5.36
CA THR A 22 -1.10 -8.98 5.91
C THR A 22 -0.17 -7.99 5.23
N MET A 23 -0.63 -7.42 4.12
CA MET A 23 0.20 -6.52 3.35
C MET A 23 0.20 -5.15 4.00
N THR A 24 1.36 -4.77 4.51
CA THR A 24 1.50 -3.53 5.25
C THR A 24 2.14 -2.47 4.37
N ALA A 25 1.36 -1.43 4.05
CA ALA A 25 1.86 -0.34 3.23
C ALA A 25 2.21 0.85 4.11
N THR A 26 3.45 1.30 4.01
CA THR A 26 3.89 2.44 4.79
C THR A 26 3.57 3.75 4.06
N ILE A 27 2.63 4.51 4.60
CA ILE A 27 2.26 5.79 4.01
C ILE A 27 2.79 6.92 4.89
N GLU A 28 3.61 7.78 4.33
CA GLU A 28 4.18 8.89 5.09
C GLU A 28 3.71 10.23 4.53
N ASN A 29 3.17 11.06 5.41
CA ASN A 29 2.73 12.39 5.01
C ASN A 29 3.87 13.38 5.18
N GLN A 30 4.47 13.76 4.07
CA GLN A 30 5.64 14.62 4.08
C GLN A 30 5.23 16.07 3.79
N GLY A 31 4.33 16.59 4.60
CA GLY A 31 3.87 17.95 4.43
C GLY A 31 3.60 18.62 5.75
N ASN A 32 3.35 19.93 5.73
CA ASN A 32 3.19 20.68 6.97
C ASN A 32 1.75 20.64 7.45
N LYS A 33 0.91 19.92 6.72
CA LYS A 33 -0.49 19.83 7.07
C LYS A 33 -0.88 18.37 7.28
N ASP A 34 -1.58 18.12 8.38
CA ASP A 34 -2.13 16.80 8.63
C ASP A 34 -3.22 16.50 7.62
N SER A 35 -3.25 15.27 7.16
CA SER A 35 -4.26 14.84 6.22
C SER A 35 -5.34 14.05 6.96
N THR A 36 -6.59 14.33 6.64
CA THR A 36 -7.69 13.64 7.29
C THR A 36 -7.93 12.28 6.63
N SER A 37 -9.16 11.99 6.24
CA SER A 37 -9.48 10.65 5.76
C SER A 37 -9.29 10.54 4.25
N PHE A 38 -8.43 9.61 3.85
CA PHE A 38 -8.21 9.34 2.44
C PHE A 38 -8.35 7.84 2.19
N ASN A 39 -8.92 7.48 1.06
CA ASN A 39 -9.16 6.08 0.76
C ASN A 39 -7.97 5.48 0.02
N VAL A 40 -7.36 4.46 0.60
CA VAL A 40 -6.16 3.87 0.02
C VAL A 40 -6.52 2.52 -0.58
N SER A 41 -5.84 2.15 -1.66
CA SER A 41 -6.18 0.93 -2.37
C SER A 41 -4.93 0.16 -2.78
N LEU A 42 -5.00 -1.16 -2.64
CA LEU A 42 -3.93 -2.03 -3.08
C LEU A 42 -4.33 -2.73 -4.36
N LEU A 43 -3.67 -2.37 -5.44
CA LEU A 43 -3.95 -2.96 -6.74
C LEU A 43 -2.92 -4.05 -7.04
N VAL A 44 -3.39 -5.13 -7.65
CA VAL A 44 -2.51 -6.22 -8.05
C VAL A 44 -2.67 -6.47 -9.55
N ASP A 45 -1.67 -6.05 -10.31
CA ASP A 45 -1.64 -6.24 -11.76
C ASP A 45 -2.85 -5.61 -12.45
N GLY A 46 -3.45 -4.62 -11.79
CA GLY A 46 -4.56 -3.91 -12.39
C GLY A 46 -5.83 -3.99 -11.57
N ILE A 47 -6.03 -5.11 -10.89
CA ILE A 47 -7.25 -5.30 -10.11
C ILE A 47 -7.04 -4.83 -8.68
N VAL A 48 -8.09 -4.36 -8.06
CA VAL A 48 -8.02 -3.87 -6.68
C VAL A 48 -8.45 -4.98 -5.73
N VAL A 49 -7.50 -5.50 -4.98
CA VAL A 49 -7.79 -6.64 -4.09
C VAL A 49 -8.21 -6.18 -2.70
N ASP A 50 -7.78 -4.98 -2.31
CA ASP A 50 -8.09 -4.45 -1.00
C ASP A 50 -8.22 -2.93 -1.07
N THR A 51 -9.13 -2.38 -0.27
CA THR A 51 -9.36 -0.95 -0.23
C THR A 51 -9.63 -0.51 1.20
N GLN A 52 -8.72 0.27 1.75
CA GLN A 52 -8.80 0.68 3.14
C GLN A 52 -8.81 2.20 3.23
N THR A 53 -9.90 2.76 3.73
CA THR A 53 -9.98 4.20 3.93
C THR A 53 -9.27 4.58 5.23
N VAL A 54 -8.16 5.29 5.12
CA VAL A 54 -7.39 5.69 6.29
C VAL A 54 -8.08 6.86 6.99
N THR A 55 -8.20 6.75 8.30
CA THR A 55 -8.92 7.74 9.09
C THR A 55 -8.25 9.11 9.02
N SER A 56 -6.93 9.12 9.15
CA SER A 56 -6.16 10.36 9.13
C SER A 56 -4.67 10.05 9.22
N LEU A 57 -3.86 10.92 8.64
CA LEU A 57 -2.41 10.78 8.69
C LEU A 57 -1.78 12.10 9.13
N GLU A 58 -1.03 12.04 10.22
CA GLU A 58 -0.44 13.22 10.85
C GLU A 58 0.69 13.81 10.01
N SER A 59 1.04 15.06 10.32
CA SER A 59 2.12 15.75 9.62
C SER A 59 3.46 15.11 9.95
N GLU A 60 4.18 14.72 8.89
CA GLU A 60 5.52 14.15 8.99
C GLU A 60 5.52 12.82 9.77
N ASN A 61 4.37 12.18 9.85
CA ASN A 61 4.26 10.90 10.52
C ASN A 61 3.93 9.81 9.49
N SER A 62 4.32 8.59 9.80
CA SER A 62 4.08 7.46 8.90
C SER A 62 3.03 6.54 9.49
N THR A 63 2.07 6.16 8.67
CA THR A 63 1.03 5.22 9.09
C THR A 63 1.01 4.01 8.16
N ASN A 64 1.07 2.83 8.76
CA ASN A 64 1.07 1.60 7.99
C ASN A 64 -0.36 1.10 7.79
N VAL A 65 -0.67 0.70 6.57
CA VAL A 65 -2.03 0.27 6.23
C VAL A 65 -2.14 -1.25 6.31
N ASP A 66 -3.27 -1.70 6.85
CA ASP A 66 -3.54 -3.12 7.03
C ASP A 66 -4.36 -3.66 5.85
N PHE A 67 -3.67 -4.27 4.89
CA PHE A 67 -4.34 -4.90 3.76
C PHE A 67 -4.47 -6.40 3.97
N HIS A 68 -5.55 -6.98 3.49
CA HIS A 68 -5.78 -8.41 3.63
C HIS A 68 -5.77 -9.10 2.27
N TRP A 69 -4.67 -9.72 1.95
CA TRP A 69 -4.50 -10.38 0.66
C TRP A 69 -4.66 -11.89 0.82
N THR A 70 -5.84 -12.39 0.52
CA THR A 70 -6.08 -13.82 0.53
C THR A 70 -5.43 -14.45 -0.71
N LEU A 71 -4.26 -15.03 -0.52
CA LEU A 71 -3.49 -15.53 -1.64
C LEU A 71 -3.50 -17.05 -1.71
N ASP A 72 -4.24 -17.55 -2.68
CA ASP A 72 -4.29 -18.99 -2.94
C ASP A 72 -3.05 -19.43 -3.70
N GLY A 73 -2.38 -18.47 -4.33
CA GLY A 73 -1.16 -18.76 -5.04
C GLY A 73 -1.40 -19.14 -6.49
N THR A 74 -1.46 -18.13 -7.35
CA THR A 74 -1.66 -18.36 -8.78
C THR A 74 -0.36 -18.11 -9.54
N ALA A 75 0.42 -17.15 -9.06
CA ALA A 75 1.71 -16.83 -9.67
C ALA A 75 2.77 -16.68 -8.58
N ASN A 76 4.01 -16.46 -8.99
CA ASN A 76 5.11 -16.31 -8.03
C ASN A 76 5.57 -14.86 -7.97
N SER A 77 5.07 -14.06 -8.89
CA SER A 77 5.43 -12.65 -8.98
C SER A 77 4.20 -11.80 -9.22
N TYR A 78 3.90 -10.93 -8.27
CA TYR A 78 2.72 -10.07 -8.37
C TYR A 78 3.12 -8.60 -8.39
N THR A 79 2.41 -7.82 -9.18
CA THR A 79 2.67 -6.39 -9.28
C THR A 79 1.69 -5.62 -8.41
N LEU A 80 2.11 -5.32 -7.18
CA LEU A 80 1.26 -4.62 -6.24
C LEU A 80 1.47 -3.11 -6.34
N THR A 81 0.37 -2.39 -6.31
CA THR A 81 0.42 -0.95 -6.42
C THR A 81 -0.45 -0.32 -5.35
N VAL A 82 0.14 0.55 -4.54
CA VAL A 82 -0.60 1.26 -3.51
C VAL A 82 -1.02 2.62 -4.03
N ASN A 83 -2.32 2.78 -4.28
CA ASN A 83 -2.81 4.05 -4.79
C ASN A 83 -3.42 4.86 -3.66
N VAL A 84 -2.86 6.02 -3.41
CA VAL A 84 -3.28 6.86 -2.31
C VAL A 84 -4.35 7.86 -2.77
N ASP A 85 -5.59 7.58 -2.36
CA ASP A 85 -6.73 8.43 -2.63
C ASP A 85 -7.02 8.56 -4.13
N PRO A 86 -7.89 7.69 -4.64
CA PRO A 86 -8.35 7.75 -6.02
C PRO A 86 -9.66 8.54 -6.15
N GLU A 87 -9.99 9.29 -5.11
CA GLU A 87 -11.27 9.99 -5.05
C GLU A 87 -11.08 11.48 -4.80
N ASN A 88 -9.83 11.90 -4.64
CA ASN A 88 -9.48 13.32 -4.45
C ASN A 88 -10.14 13.88 -3.19
N ALA A 89 -9.94 13.18 -2.08
CA ALA A 89 -10.46 13.62 -0.81
C ALA A 89 -9.45 14.50 -0.11
N VAL A 90 -8.18 14.19 -0.32
CA VAL A 90 -7.09 14.98 0.23
C VAL A 90 -6.22 15.53 -0.90
N ASN A 91 -6.21 16.84 -1.04
CA ASN A 91 -5.38 17.49 -2.06
C ASN A 91 -3.94 17.57 -1.58
N GLU A 92 -3.00 17.19 -2.43
CA GLU A 92 -1.60 17.11 -2.05
C GLU A 92 -0.72 17.99 -2.91
N GLY A 93 0.55 18.06 -2.51
CA GLY A 93 1.60 18.66 -3.31
C GLY A 93 1.72 17.99 -4.67
N ASN A 94 2.72 17.12 -4.78
CA ASN A 94 2.94 16.37 -6.02
C ASN A 94 1.76 15.45 -6.32
N GLU A 95 1.55 15.16 -7.59
CA GLU A 95 0.50 14.24 -7.99
C GLU A 95 1.08 12.84 -8.24
N SER A 96 2.40 12.76 -8.12
CA SER A 96 3.10 11.50 -8.28
C SER A 96 3.15 10.74 -6.97
N ASN A 97 2.66 11.36 -5.90
CA ASN A 97 2.65 10.73 -4.58
C ASN A 97 1.65 9.60 -4.55
N ASN A 98 0.55 9.79 -5.25
CA ASN A 98 -0.65 8.95 -5.09
C ASN A 98 -0.49 7.55 -5.66
N THR A 99 0.74 7.09 -5.88
CA THR A 99 0.96 5.78 -6.43
C THR A 99 2.28 5.18 -5.94
N LEU A 100 2.31 3.86 -5.85
CA LEU A 100 3.52 3.11 -5.48
C LEU A 100 3.46 1.72 -6.09
N THR A 101 4.17 1.52 -7.18
CA THR A 101 4.23 0.23 -7.83
C THR A 101 5.43 -0.57 -7.32
N ALA A 102 5.15 -1.66 -6.63
CA ALA A 102 6.21 -2.50 -6.08
C ALA A 102 5.97 -3.95 -6.43
N LEU A 103 7.02 -4.62 -6.88
CA LEU A 103 6.95 -6.04 -7.21
C LEU A 103 7.16 -6.89 -5.98
N VAL A 104 6.22 -7.79 -5.73
CA VAL A 104 6.32 -8.70 -4.60
C VAL A 104 6.38 -10.14 -5.13
N GLY A 105 7.11 -10.98 -4.43
CA GLY A 105 7.28 -12.35 -4.86
C GLY A 105 6.84 -13.32 -3.81
N THR A 106 6.64 -14.57 -4.20
CA THR A 106 6.25 -15.59 -3.24
C THR A 106 7.41 -15.92 -2.31
N LEU A 107 7.08 -16.32 -1.09
CA LEU A 107 8.06 -16.63 -0.06
C LEU A 107 9.11 -17.61 -0.56
N GLU A 108 10.37 -17.18 -0.50
CA GLU A 108 11.50 -17.98 -0.98
C GLU A 108 11.62 -19.28 -0.20
N HIS A 109 11.92 -19.18 1.10
CA HIS A 109 11.90 -20.35 1.97
C HIS A 109 10.47 -20.68 2.35
N HIS A 110 9.93 -21.68 1.69
CA HIS A 110 8.51 -22.01 1.84
C HIS A 110 8.21 -22.49 3.26
N HIS A 111 7.17 -21.94 3.84
CA HIS A 111 6.75 -22.33 5.18
C HIS A 111 5.32 -22.83 5.14
N HIS A 112 5.06 -23.92 5.84
CA HIS A 112 3.73 -24.51 5.86
C HIS A 112 3.12 -24.41 7.25
N HIS A 113 1.82 -24.20 7.30
CA HIS A 113 1.10 -24.12 8.56
C HIS A 113 0.49 -25.47 8.88
N HIS A 114 1.16 -26.23 9.74
CA HIS A 114 0.70 -27.55 10.11
C HIS A 114 -0.04 -27.47 11.43
N MET A 1 -0.34 25.37 3.25
CA MET A 1 -0.55 24.05 3.89
C MET A 1 -1.14 23.06 2.90
N ILE A 2 -0.32 22.07 2.54
CA ILE A 2 -0.75 21.01 1.65
C ILE A 2 -0.11 19.69 2.07
N PRO A 3 -0.88 18.60 2.10
CA PRO A 3 -0.36 17.27 2.42
C PRO A 3 0.48 16.69 1.30
N ASP A 4 1.28 15.70 1.64
CA ASP A 4 2.07 14.97 0.66
C ASP A 4 2.15 13.51 1.11
N LEU A 5 1.24 12.70 0.62
CA LEU A 5 1.04 11.35 1.13
C LEU A 5 1.90 10.35 0.37
N VAL A 6 3.00 9.97 0.97
CA VAL A 6 3.98 9.12 0.31
C VAL A 6 3.91 7.70 0.82
N PRO A 7 3.48 6.76 -0.03
CA PRO A 7 3.63 5.34 0.25
C PRO A 7 5.12 4.96 0.21
N VAL A 8 5.70 4.80 1.38
CA VAL A 8 7.14 4.70 1.53
C VAL A 8 7.63 3.29 1.21
N SER A 9 6.99 2.30 1.79
CA SER A 9 7.40 0.91 1.61
C SER A 9 6.22 -0.03 1.67
N LEU A 10 6.43 -1.27 1.24
CA LEU A 10 5.40 -2.30 1.24
C LEU A 10 6.01 -3.62 1.66
N THR A 11 5.74 -4.03 2.89
CA THR A 11 6.34 -5.24 3.44
C THR A 11 5.26 -6.21 3.93
N PRO A 12 5.49 -7.53 3.79
CA PRO A 12 6.69 -8.08 3.15
C PRO A 12 6.57 -8.09 1.63
N VAL A 13 7.70 -8.10 0.94
CA VAL A 13 7.73 -8.06 -0.52
C VAL A 13 7.54 -9.46 -1.11
N THR A 14 7.65 -10.48 -0.28
CA THR A 14 7.37 -11.83 -0.69
C THR A 14 6.18 -12.38 0.08
N VAL A 15 5.19 -12.88 -0.64
CA VAL A 15 3.97 -13.38 -0.01
C VAL A 15 3.83 -14.88 -0.18
N VAL A 16 2.94 -15.47 0.61
CA VAL A 16 2.67 -16.89 0.50
C VAL A 16 1.29 -17.11 -0.09
N PRO A 17 1.20 -17.76 -1.27
CA PRO A 17 -0.07 -18.00 -1.97
C PRO A 17 -0.91 -19.10 -1.30
N ASN A 18 -0.79 -19.21 0.01
CA ASN A 18 -1.46 -20.24 0.79
C ASN A 18 -2.63 -19.66 1.57
N THR A 19 -2.52 -18.40 1.94
CA THR A 19 -3.45 -17.77 2.85
C THR A 19 -3.54 -16.27 2.57
N VAL A 20 -4.39 -15.58 3.32
CA VAL A 20 -4.52 -14.14 3.18
C VAL A 20 -3.30 -13.46 3.79
N ASN A 21 -2.59 -12.70 2.99
CA ASN A 21 -1.36 -12.06 3.43
C ASN A 21 -1.65 -10.66 3.95
N THR A 22 -1.26 -10.41 5.18
CA THR A 22 -1.44 -9.10 5.78
C THR A 22 -0.20 -8.26 5.49
N MET A 23 -0.29 -7.46 4.45
CA MET A 23 0.83 -6.64 4.02
C MET A 23 0.73 -5.24 4.58
N THR A 24 1.84 -4.74 5.07
CA THR A 24 1.87 -3.44 5.70
C THR A 24 2.59 -2.42 4.82
N ALA A 25 1.86 -1.42 4.37
CA ALA A 25 2.42 -0.33 3.59
C ALA A 25 2.53 0.93 4.43
N THR A 26 3.73 1.44 4.59
CA THR A 26 3.95 2.63 5.40
C THR A 26 3.68 3.88 4.57
N ILE A 27 2.63 4.61 4.94
CA ILE A 27 2.31 5.86 4.26
C ILE A 27 2.74 7.03 5.14
N GLU A 28 3.62 7.86 4.63
CA GLU A 28 4.13 8.98 5.39
C GLU A 28 3.74 10.31 4.75
N ASN A 29 3.13 11.18 5.54
CA ASN A 29 2.68 12.48 5.06
C ASN A 29 3.79 13.51 5.25
N GLN A 30 4.48 13.82 4.17
CA GLN A 30 5.63 14.71 4.21
C GLN A 30 5.26 16.09 3.69
N GLY A 31 4.22 16.67 4.27
CA GLY A 31 3.76 17.97 3.86
C GLY A 31 3.27 18.78 5.04
N ASN A 32 3.03 20.07 4.83
CA ASN A 32 2.68 20.96 5.93
C ASN A 32 1.16 21.03 6.10
N LYS A 33 0.52 19.88 6.09
CA LYS A 33 -0.92 19.79 6.32
C LYS A 33 -1.31 18.37 6.69
N ASP A 34 -2.15 18.24 7.70
CA ASP A 34 -2.62 16.93 8.14
C ASP A 34 -3.81 16.52 7.27
N SER A 35 -3.72 15.35 6.66
CA SER A 35 -4.75 14.90 5.74
C SER A 35 -5.88 14.18 6.47
N THR A 36 -7.09 14.38 6.00
CA THR A 36 -8.28 13.77 6.59
C THR A 36 -8.45 12.33 6.10
N SER A 37 -9.64 11.77 6.31
CA SER A 37 -9.92 10.38 5.94
C SER A 37 -9.74 10.14 4.43
N PHE A 38 -8.75 9.33 4.10
CA PHE A 38 -8.47 8.99 2.71
C PHE A 38 -8.42 7.47 2.57
N ASN A 39 -8.70 6.98 1.38
CA ASN A 39 -8.71 5.53 1.17
C ASN A 39 -7.43 5.08 0.49
N VAL A 40 -6.77 4.11 1.09
CA VAL A 40 -5.55 3.55 0.53
C VAL A 40 -5.84 2.14 0.02
N SER A 41 -5.80 1.99 -1.29
CA SER A 41 -6.17 0.74 -1.94
C SER A 41 -4.96 0.05 -2.53
N LEU A 42 -4.94 -1.27 -2.41
CA LEU A 42 -3.87 -2.07 -2.98
C LEU A 42 -4.34 -2.71 -4.28
N LEU A 43 -3.73 -2.31 -5.38
CA LEU A 43 -4.06 -2.85 -6.68
C LEU A 43 -3.04 -3.90 -7.11
N VAL A 44 -3.51 -5.07 -7.45
CA VAL A 44 -2.64 -6.15 -7.90
C VAL A 44 -2.77 -6.32 -9.40
N ASP A 45 -1.75 -5.85 -10.11
CA ASP A 45 -1.69 -5.96 -11.57
C ASP A 45 -2.90 -5.33 -12.24
N GLY A 46 -3.47 -4.32 -11.59
CA GLY A 46 -4.60 -3.61 -12.15
C GLY A 46 -5.90 -3.93 -11.45
N ILE A 47 -5.94 -5.04 -10.72
CA ILE A 47 -7.16 -5.45 -10.03
C ILE A 47 -7.13 -4.97 -8.59
N VAL A 48 -8.29 -4.67 -8.04
CA VAL A 48 -8.37 -4.18 -6.67
C VAL A 48 -8.72 -5.33 -5.74
N VAL A 49 -7.79 -5.68 -4.87
CA VAL A 49 -7.99 -6.79 -3.96
C VAL A 49 -8.46 -6.31 -2.59
N ASP A 50 -7.92 -5.20 -2.13
CA ASP A 50 -8.23 -4.70 -0.79
C ASP A 50 -8.07 -3.19 -0.72
N THR A 51 -8.94 -2.54 0.03
CA THR A 51 -8.91 -1.10 0.18
C THR A 51 -9.13 -0.72 1.64
N GLN A 52 -8.17 -0.03 2.22
CA GLN A 52 -8.24 0.34 3.62
C GLN A 52 -8.54 1.83 3.76
N THR A 53 -9.42 2.18 4.67
CA THR A 53 -9.80 3.57 4.91
C THR A 53 -9.01 4.14 6.08
N VAL A 54 -8.15 5.10 5.81
CA VAL A 54 -7.35 5.71 6.86
C VAL A 54 -8.08 6.91 7.43
N THR A 55 -8.35 6.86 8.74
CA THR A 55 -9.09 7.92 9.42
C THR A 55 -8.42 9.28 9.23
N SER A 56 -7.11 9.31 9.34
CA SER A 56 -6.37 10.56 9.19
C SER A 56 -4.86 10.27 9.20
N LEU A 57 -4.11 11.10 8.50
CA LEU A 57 -2.66 11.00 8.49
C LEU A 57 -2.06 12.37 8.70
N GLU A 58 -1.41 12.55 9.84
CA GLU A 58 -0.88 13.84 10.23
C GLU A 58 0.49 14.09 9.59
N SER A 59 0.88 15.36 9.57
CA SER A 59 2.14 15.76 8.99
C SER A 59 3.32 15.21 9.79
N GLU A 60 4.35 14.73 9.07
CA GLU A 60 5.55 14.15 9.68
C GLU A 60 5.24 12.81 10.33
N ASN A 61 4.01 12.34 10.16
CA ASN A 61 3.59 11.07 10.72
C ASN A 61 3.54 10.00 9.64
N SER A 62 3.83 8.77 10.03
CA SER A 62 3.78 7.66 9.11
C SER A 62 2.80 6.60 9.63
N THR A 63 1.81 6.28 8.81
CA THR A 63 0.81 5.30 9.18
C THR A 63 1.06 3.98 8.46
N ASN A 64 1.15 2.90 9.22
CA ASN A 64 1.33 1.58 8.66
C ASN A 64 -0.01 1.01 8.23
N VAL A 65 -0.16 0.76 6.94
CA VAL A 65 -1.40 0.29 6.37
C VAL A 65 -1.40 -1.23 6.24
N ASP A 66 -2.30 -1.88 6.95
CA ASP A 66 -2.38 -3.33 6.93
C ASP A 66 -3.45 -3.79 5.95
N PHE A 67 -3.03 -4.34 4.83
CA PHE A 67 -3.97 -4.82 3.83
C PHE A 67 -4.30 -6.28 4.08
N HIS A 68 -5.45 -6.69 3.61
CA HIS A 68 -5.87 -8.08 3.71
C HIS A 68 -5.97 -8.66 2.31
N TRP A 69 -4.86 -9.19 1.82
CA TRP A 69 -4.79 -9.64 0.43
C TRP A 69 -5.00 -11.15 0.33
N THR A 70 -6.12 -11.51 -0.26
CA THR A 70 -6.39 -12.89 -0.62
C THR A 70 -5.79 -13.15 -2.00
N LEU A 71 -4.85 -14.08 -2.06
CA LEU A 71 -4.01 -14.24 -3.26
C LEU A 71 -4.84 -14.45 -4.52
N ASP A 72 -5.87 -15.29 -4.43
CA ASP A 72 -6.81 -15.52 -5.54
C ASP A 72 -6.14 -16.33 -6.66
N GLY A 73 -4.90 -16.75 -6.44
CA GLY A 73 -4.17 -17.53 -7.41
C GLY A 73 -2.78 -17.87 -6.94
N THR A 74 -1.90 -18.18 -7.87
CA THR A 74 -0.51 -18.50 -7.56
C THR A 74 0.38 -18.21 -8.77
N ALA A 75 0.96 -17.02 -8.78
CA ALA A 75 1.91 -16.63 -9.81
C ALA A 75 3.29 -16.49 -9.19
N ASN A 76 4.32 -16.28 -9.99
CA ASN A 76 5.67 -16.17 -9.45
C ASN A 76 5.90 -14.77 -8.88
N SER A 77 5.22 -13.79 -9.45
CA SER A 77 5.36 -12.40 -9.03
C SER A 77 4.06 -11.63 -9.28
N TYR A 78 3.87 -10.54 -8.55
CA TYR A 78 2.68 -9.72 -8.69
C TYR A 78 3.04 -8.24 -8.71
N THR A 79 2.21 -7.44 -9.36
CA THR A 79 2.45 -6.01 -9.45
C THR A 79 1.53 -5.26 -8.49
N LEU A 80 1.99 -5.06 -7.26
CA LEU A 80 1.16 -4.44 -6.25
C LEU A 80 1.39 -2.94 -6.20
N THR A 81 0.31 -2.20 -6.38
CA THR A 81 0.37 -0.75 -6.38
C THR A 81 -0.52 -0.19 -5.28
N VAL A 82 0.07 0.54 -4.36
CA VAL A 82 -0.67 1.23 -3.33
C VAL A 82 -1.14 2.58 -3.84
N ASN A 83 -2.43 2.71 -4.11
CA ASN A 83 -2.98 3.98 -4.57
C ASN A 83 -3.54 4.75 -3.38
N VAL A 84 -2.92 5.88 -3.10
CA VAL A 84 -3.34 6.73 -2.00
C VAL A 84 -4.45 7.68 -2.45
N ASP A 85 -5.65 7.45 -1.93
CA ASP A 85 -6.85 8.25 -2.19
C ASP A 85 -7.25 8.22 -3.66
N PRO A 86 -8.20 7.32 -4.00
CA PRO A 86 -8.75 7.23 -5.34
C PRO A 86 -9.92 8.21 -5.53
N GLU A 87 -10.22 8.98 -4.50
CA GLU A 87 -11.30 9.95 -4.56
C GLU A 87 -10.76 11.34 -4.86
N ASN A 88 -9.47 11.53 -4.60
CA ASN A 88 -8.79 12.81 -4.79
C ASN A 88 -9.36 13.86 -3.85
N ALA A 89 -9.75 13.40 -2.67
CA ALA A 89 -10.26 14.28 -1.64
C ALA A 89 -9.12 15.09 -1.05
N VAL A 90 -7.97 14.43 -0.93
CA VAL A 90 -6.78 15.06 -0.42
C VAL A 90 -5.89 15.53 -1.56
N ASN A 91 -5.67 16.83 -1.65
CA ASN A 91 -4.78 17.38 -2.65
C ASN A 91 -3.34 17.34 -2.14
N GLU A 92 -2.41 16.92 -2.97
CA GLU A 92 -1.06 16.68 -2.52
C GLU A 92 -0.06 17.61 -3.17
N GLY A 93 1.09 17.75 -2.51
CA GLY A 93 2.23 18.46 -3.06
C GLY A 93 2.69 17.90 -4.39
N ASN A 94 3.76 17.11 -4.34
CA ASN A 94 4.30 16.50 -5.55
C ASN A 94 3.34 15.45 -6.10
N GLU A 95 2.53 15.86 -7.08
CA GLU A 95 1.51 14.98 -7.65
C GLU A 95 2.15 13.92 -8.54
N SER A 96 2.70 12.91 -7.89
CA SER A 96 3.31 11.77 -8.56
C SER A 96 3.83 10.79 -7.50
N ASN A 97 3.21 10.85 -6.32
CA ASN A 97 3.72 10.14 -5.15
C ASN A 97 2.71 9.12 -4.63
N ASN A 98 1.43 9.37 -4.88
CA ASN A 98 0.35 8.61 -4.27
C ASN A 98 0.27 7.17 -4.79
N THR A 99 1.15 6.81 -5.69
CA THR A 99 1.18 5.46 -6.22
C THR A 99 2.51 4.77 -5.93
N LEU A 100 2.43 3.68 -5.18
CA LEU A 100 3.60 2.87 -4.89
C LEU A 100 3.48 1.52 -5.58
N THR A 101 4.15 1.39 -6.71
CA THR A 101 4.14 0.13 -7.44
C THR A 101 5.33 -0.73 -7.04
N ALA A 102 5.07 -1.65 -6.13
CA ALA A 102 6.08 -2.57 -5.66
C ALA A 102 5.80 -3.95 -6.21
N LEU A 103 6.71 -4.44 -7.04
CA LEU A 103 6.55 -5.75 -7.63
C LEU A 103 6.94 -6.80 -6.60
N VAL A 104 5.93 -7.41 -6.01
CA VAL A 104 6.15 -8.39 -4.95
C VAL A 104 6.26 -9.78 -5.54
N GLY A 105 6.87 -10.68 -4.79
CA GLY A 105 7.05 -12.03 -5.27
C GLY A 105 6.46 -13.02 -4.32
N THR A 106 6.73 -14.28 -4.56
CA THR A 106 6.26 -15.34 -3.70
C THR A 106 7.41 -15.92 -2.91
N LEU A 107 7.18 -16.21 -1.64
CA LEU A 107 8.22 -16.71 -0.75
C LEU A 107 8.96 -17.89 -1.39
N GLU A 108 10.22 -17.67 -1.75
CA GLU A 108 11.01 -18.67 -2.44
C GLU A 108 11.17 -19.93 -1.60
N HIS A 109 11.29 -19.76 -0.30
CA HIS A 109 11.38 -20.90 0.60
C HIS A 109 9.99 -21.30 1.06
N HIS A 110 9.29 -22.02 0.21
CA HIS A 110 7.95 -22.51 0.52
C HIS A 110 8.06 -23.76 1.40
N HIS A 111 7.17 -23.90 2.36
CA HIS A 111 7.20 -25.06 3.24
C HIS A 111 6.69 -26.28 2.49
N HIS A 112 6.72 -27.43 3.15
CA HIS A 112 6.24 -28.67 2.53
C HIS A 112 4.93 -29.09 3.15
N HIS A 113 4.33 -28.18 3.90
CA HIS A 113 3.00 -28.38 4.46
C HIS A 113 2.18 -27.11 4.29
N HIS A 114 2.63 -26.05 4.91
CA HIS A 114 2.02 -24.74 4.73
C HIS A 114 3.00 -23.80 4.05
N MET A 1 1.18 24.60 2.34
CA MET A 1 0.43 24.11 3.52
C MET A 1 -0.56 23.03 3.06
N ILE A 2 -0.02 21.94 2.56
CA ILE A 2 -0.82 20.86 2.00
C ILE A 2 -0.19 19.50 2.32
N PRO A 3 -1.01 18.45 2.53
CA PRO A 3 -0.51 17.09 2.72
C PRO A 3 0.27 16.58 1.51
N ASP A 4 1.40 15.94 1.77
CA ASP A 4 2.21 15.35 0.71
C ASP A 4 2.25 13.85 0.93
N LEU A 5 1.26 13.15 0.38
CA LEU A 5 1.05 11.74 0.66
C LEU A 5 1.95 10.87 -0.19
N VAL A 6 2.96 10.28 0.45
CA VAL A 6 3.93 9.47 -0.25
C VAL A 6 3.99 8.06 0.33
N PRO A 7 3.45 7.06 -0.37
CA PRO A 7 3.67 5.66 -0.05
C PRO A 7 5.16 5.34 -0.07
N VAL A 8 5.68 4.91 1.06
CA VAL A 8 7.11 4.78 1.26
C VAL A 8 7.58 3.37 0.93
N SER A 9 6.96 2.38 1.56
CA SER A 9 7.36 1.00 1.35
C SER A 9 6.19 0.04 1.54
N LEU A 10 6.29 -1.11 0.89
CA LEU A 10 5.29 -2.16 1.01
C LEU A 10 5.95 -3.44 1.51
N THR A 11 5.64 -3.81 2.73
CA THR A 11 6.23 -5.00 3.33
C THR A 11 5.16 -6.03 3.66
N PRO A 12 5.48 -7.32 3.51
CA PRO A 12 6.76 -7.78 2.99
C PRO A 12 6.76 -7.91 1.47
N VAL A 13 7.96 -7.92 0.88
CA VAL A 13 8.08 -8.03 -0.57
C VAL A 13 7.97 -9.48 -1.02
N THR A 14 7.64 -10.37 -0.10
CA THR A 14 7.43 -11.77 -0.40
C THR A 14 6.28 -12.30 0.45
N VAL A 15 5.31 -12.97 -0.19
CA VAL A 15 4.07 -13.35 0.49
C VAL A 15 3.86 -14.86 0.45
N VAL A 16 3.14 -15.39 1.43
CA VAL A 16 2.87 -16.81 1.51
C VAL A 16 1.66 -17.16 0.65
N PRO A 17 1.86 -17.88 -0.47
CA PRO A 17 0.81 -18.15 -1.47
C PRO A 17 -0.14 -19.27 -1.07
N ASN A 18 -0.80 -19.13 0.06
CA ASN A 18 -1.80 -20.12 0.47
C ASN A 18 -2.72 -19.58 1.57
N THR A 19 -2.71 -18.28 1.77
CA THR A 19 -3.51 -17.67 2.82
C THR A 19 -3.67 -16.17 2.59
N VAL A 20 -4.39 -15.51 3.47
CA VAL A 20 -4.56 -14.07 3.40
C VAL A 20 -3.38 -13.41 4.09
N ASN A 21 -2.64 -12.61 3.34
CA ASN A 21 -1.46 -11.95 3.87
C ASN A 21 -1.78 -10.52 4.23
N THR A 22 -1.71 -10.22 5.52
CA THR A 22 -1.92 -8.87 5.98
C THR A 22 -0.65 -8.05 5.77
N MET A 23 -0.56 -7.43 4.60
CA MET A 23 0.63 -6.69 4.21
C MET A 23 0.56 -5.25 4.71
N THR A 24 1.72 -4.66 4.92
CA THR A 24 1.81 -3.33 5.49
C THR A 24 2.40 -2.34 4.50
N ALA A 25 1.58 -1.38 4.07
CA ALA A 25 2.04 -0.30 3.23
C ALA A 25 2.23 0.95 4.07
N THR A 26 3.45 1.41 4.18
CA THR A 26 3.77 2.57 4.96
C THR A 26 3.51 3.84 4.16
N ILE A 27 2.47 4.57 4.53
CA ILE A 27 2.13 5.81 3.85
C ILE A 27 2.56 6.99 4.69
N GLU A 28 3.46 7.81 4.17
CA GLU A 28 3.97 8.94 4.93
C GLU A 28 3.49 10.26 4.36
N ASN A 29 3.07 11.14 5.24
CA ASN A 29 2.64 12.48 4.86
C ASN A 29 3.80 13.45 5.07
N GLN A 30 4.55 13.70 4.01
CA GLN A 30 5.75 14.53 4.11
C GLN A 30 5.39 16.00 3.91
N GLY A 31 4.41 16.45 4.66
CA GLY A 31 3.95 17.82 4.57
C GLY A 31 3.54 18.36 5.92
N ASN A 32 3.34 19.67 5.99
CA ASN A 32 3.08 20.34 7.27
C ASN A 32 1.59 20.35 7.61
N LYS A 33 0.78 19.81 6.70
CA LYS A 33 -0.66 19.76 6.93
C LYS A 33 -1.10 18.33 7.15
N ASP A 34 -1.84 18.11 8.21
CA ASP A 34 -2.36 16.79 8.55
C ASP A 34 -3.41 16.35 7.54
N SER A 35 -3.31 15.10 7.10
CA SER A 35 -4.22 14.56 6.12
C SER A 35 -5.43 13.93 6.82
N THR A 36 -6.60 14.14 6.26
CA THR A 36 -7.82 13.60 6.81
C THR A 36 -8.09 12.20 6.26
N SER A 37 -9.31 11.70 6.44
CA SER A 37 -9.67 10.36 6.01
C SER A 37 -9.52 10.19 4.50
N PHE A 38 -8.66 9.27 4.10
CA PHE A 38 -8.43 8.99 2.69
C PHE A 38 -8.40 7.49 2.46
N ASN A 39 -8.69 7.07 1.24
CA ASN A 39 -8.77 5.65 0.92
C ASN A 39 -7.49 5.16 0.26
N VAL A 40 -6.79 4.25 0.91
CA VAL A 40 -5.61 3.66 0.31
C VAL A 40 -5.92 2.26 -0.20
N SER A 41 -5.86 2.10 -1.51
CA SER A 41 -6.23 0.86 -2.15
C SER A 41 -5.01 0.15 -2.72
N LEU A 42 -4.96 -1.16 -2.55
CA LEU A 42 -3.87 -1.97 -3.08
C LEU A 42 -4.30 -2.61 -4.39
N LEU A 43 -3.60 -2.27 -5.47
CA LEU A 43 -3.90 -2.82 -6.77
C LEU A 43 -2.87 -3.87 -7.16
N VAL A 44 -3.33 -5.04 -7.54
CA VAL A 44 -2.46 -6.10 -7.99
C VAL A 44 -2.46 -6.15 -9.51
N ASP A 45 -1.37 -5.64 -10.10
CA ASP A 45 -1.19 -5.61 -11.56
C ASP A 45 -2.30 -4.82 -12.24
N GLY A 46 -3.00 -4.00 -11.47
CA GLY A 46 -4.04 -3.16 -12.04
C GLY A 46 -5.39 -3.37 -11.39
N ILE A 47 -5.63 -4.55 -10.85
CA ILE A 47 -6.91 -4.87 -10.23
C ILE A 47 -6.88 -4.54 -8.74
N VAL A 48 -8.00 -4.12 -8.21
CA VAL A 48 -8.08 -3.74 -6.80
C VAL A 48 -8.45 -4.94 -5.94
N VAL A 49 -7.59 -5.27 -4.98
CA VAL A 49 -7.85 -6.41 -4.11
C VAL A 49 -8.29 -5.96 -2.72
N ASP A 50 -7.84 -4.78 -2.31
CA ASP A 50 -8.16 -4.27 -0.98
C ASP A 50 -8.19 -2.75 -0.98
N THR A 51 -9.16 -2.18 -0.29
CA THR A 51 -9.25 -0.74 -0.13
C THR A 51 -9.37 -0.41 1.36
N GLN A 52 -8.33 0.20 1.93
CA GLN A 52 -8.30 0.47 3.35
C GLN A 52 -8.46 1.97 3.60
N THR A 53 -9.49 2.32 4.35
CA THR A 53 -9.74 3.71 4.68
C THR A 53 -8.88 4.14 5.87
N VAL A 54 -7.92 5.01 5.61
CA VAL A 54 -7.08 5.54 6.66
C VAL A 54 -7.77 6.74 7.30
N THR A 55 -8.00 6.64 8.61
CA THR A 55 -8.78 7.63 9.33
C THR A 55 -8.15 9.02 9.24
N SER A 56 -6.83 9.09 9.31
CA SER A 56 -6.10 10.34 9.24
C SER A 56 -4.61 10.07 9.23
N LEU A 57 -3.84 10.99 8.68
CA LEU A 57 -2.39 10.86 8.61
C LEU A 57 -1.73 12.13 9.11
N GLU A 58 -1.09 12.02 10.27
CA GLU A 58 -0.49 13.16 10.95
C GLU A 58 0.62 13.81 10.12
N SER A 59 0.79 15.11 10.29
CA SER A 59 1.79 15.87 9.56
C SER A 59 3.20 15.36 9.84
N GLU A 60 3.94 15.09 8.75
CA GLU A 60 5.31 14.60 8.81
C GLU A 60 5.38 13.24 9.52
N ASN A 61 4.27 12.51 9.49
CA ASN A 61 4.21 11.19 10.11
C ASN A 61 3.83 10.15 9.07
N SER A 62 4.14 8.90 9.38
CA SER A 62 3.81 7.79 8.51
C SER A 62 2.80 6.86 9.18
N THR A 63 1.90 6.30 8.39
CA THR A 63 0.92 5.35 8.88
C THR A 63 1.05 4.03 8.14
N ASN A 64 1.04 2.94 8.89
CA ASN A 64 1.16 1.61 8.31
C ASN A 64 -0.22 1.06 7.95
N VAL A 65 -0.44 0.86 6.65
CA VAL A 65 -1.73 0.38 6.16
C VAL A 65 -1.68 -1.12 5.93
N ASP A 66 -2.43 -1.86 6.73
CA ASP A 66 -2.44 -3.31 6.64
C ASP A 66 -3.63 -3.78 5.81
N PHE A 67 -3.33 -4.39 4.66
CA PHE A 67 -4.36 -4.85 3.73
C PHE A 67 -4.75 -6.29 4.01
N HIS A 68 -5.87 -6.70 3.44
CA HIS A 68 -6.32 -8.09 3.54
C HIS A 68 -6.30 -8.73 2.15
N TRP A 69 -5.16 -9.28 1.79
CA TRP A 69 -4.99 -9.86 0.46
C TRP A 69 -4.89 -11.37 0.52
N THR A 70 -5.89 -12.04 -0.02
CA THR A 70 -5.90 -13.49 -0.11
C THR A 70 -5.09 -13.96 -1.31
N LEU A 71 -3.98 -14.64 -1.05
CA LEU A 71 -3.11 -15.09 -2.12
C LEU A 71 -3.78 -16.18 -2.95
N ASP A 72 -3.97 -15.89 -4.23
CA ASP A 72 -4.55 -16.84 -5.15
C ASP A 72 -3.52 -17.88 -5.58
N GLY A 73 -2.27 -17.46 -5.70
CA GLY A 73 -1.19 -18.37 -6.03
C GLY A 73 -1.08 -18.63 -7.52
N THR A 74 -1.71 -17.79 -8.31
CA THR A 74 -1.69 -17.92 -9.76
C THR A 74 -0.36 -17.46 -10.34
N ALA A 75 0.31 -16.55 -9.64
CA ALA A 75 1.59 -16.02 -10.11
C ALA A 75 2.61 -16.06 -8.99
N ASN A 76 3.89 -15.99 -9.36
CA ASN A 76 4.96 -15.97 -8.38
C ASN A 76 5.48 -14.55 -8.18
N SER A 77 4.95 -13.64 -8.97
CA SER A 77 5.30 -12.24 -8.86
C SER A 77 4.08 -11.36 -9.15
N TYR A 78 3.69 -10.59 -8.17
CA TYR A 78 2.53 -9.72 -8.30
C TYR A 78 2.98 -8.26 -8.29
N THR A 79 2.37 -7.45 -9.14
CA THR A 79 2.70 -6.03 -9.20
C THR A 79 1.78 -5.25 -8.27
N LEU A 80 2.16 -5.16 -7.01
CA LEU A 80 1.33 -4.48 -6.02
C LEU A 80 1.55 -2.99 -6.07
N THR A 81 0.49 -2.29 -6.40
CA THR A 81 0.52 -0.85 -6.54
C THR A 81 -0.37 -0.20 -5.49
N VAL A 82 0.22 0.60 -4.63
CA VAL A 82 -0.54 1.31 -3.62
C VAL A 82 -1.03 2.65 -4.17
N ASN A 83 -2.33 2.76 -4.38
CA ASN A 83 -2.92 4.02 -4.83
C ASN A 83 -3.51 4.76 -3.64
N VAL A 84 -2.91 5.89 -3.32
CA VAL A 84 -3.37 6.72 -2.22
C VAL A 84 -4.48 7.65 -2.67
N ASP A 85 -5.68 7.39 -2.16
CA ASP A 85 -6.87 8.21 -2.40
C ASP A 85 -7.32 8.19 -3.86
N PRO A 86 -8.29 7.32 -4.18
CA PRO A 86 -8.91 7.28 -5.48
C PRO A 86 -10.22 8.09 -5.52
N GLU A 87 -10.49 8.79 -4.42
CA GLU A 87 -11.74 9.54 -4.29
C GLU A 87 -11.50 11.02 -4.50
N ASN A 88 -10.22 11.40 -4.52
CA ASN A 88 -9.81 12.81 -4.63
C ASN A 88 -10.18 13.55 -3.35
N ALA A 89 -10.14 12.83 -2.24
CA ALA A 89 -10.41 13.40 -0.93
C ALA A 89 -9.25 14.27 -0.49
N VAL A 90 -8.04 13.81 -0.79
CA VAL A 90 -6.84 14.53 -0.40
C VAL A 90 -5.94 14.71 -1.62
N ASN A 91 -5.74 15.95 -2.02
CA ASN A 91 -4.81 16.22 -3.11
C ASN A 91 -3.41 16.43 -2.54
N GLU A 92 -2.40 15.99 -3.28
CA GLU A 92 -1.04 16.02 -2.80
C GLU A 92 -0.41 17.40 -2.94
N GLY A 93 0.67 17.59 -2.21
CA GLY A 93 1.65 18.61 -2.54
C GLY A 93 2.17 18.39 -3.93
N ASN A 94 3.35 17.81 -4.03
CA ASN A 94 3.88 17.36 -5.31
C ASN A 94 2.99 16.22 -5.85
N GLU A 95 2.17 16.53 -6.85
CA GLU A 95 1.11 15.62 -7.31
C GLU A 95 1.66 14.49 -8.19
N SER A 96 2.43 13.58 -7.59
CA SER A 96 3.00 12.44 -8.33
C SER A 96 3.53 11.37 -7.39
N ASN A 97 3.11 11.38 -6.14
CA ASN A 97 3.67 10.46 -5.15
C ASN A 97 2.65 9.47 -4.64
N ASN A 98 1.37 9.79 -4.82
CA ASN A 98 0.28 8.99 -4.24
C ASN A 98 0.27 7.54 -4.72
N THR A 99 1.06 7.22 -5.72
CA THR A 99 1.10 5.86 -6.22
C THR A 99 2.46 5.21 -5.95
N LEU A 100 2.43 3.92 -5.68
CA LEU A 100 3.63 3.14 -5.41
C LEU A 100 3.53 1.79 -6.09
N THR A 101 4.22 1.65 -7.21
CA THR A 101 4.20 0.40 -7.97
C THR A 101 5.39 -0.47 -7.57
N ALA A 102 5.13 -1.48 -6.76
CA ALA A 102 6.18 -2.37 -6.27
C ALA A 102 5.93 -3.80 -6.72
N LEU A 103 6.96 -4.62 -6.64
CA LEU A 103 6.85 -6.02 -7.01
C LEU A 103 7.01 -6.91 -5.78
N VAL A 104 6.07 -7.82 -5.59
CA VAL A 104 6.14 -8.76 -4.48
C VAL A 104 6.19 -10.18 -5.03
N GLY A 105 6.98 -11.02 -4.38
CA GLY A 105 7.15 -12.38 -4.85
C GLY A 105 6.52 -13.37 -3.91
N THR A 106 6.57 -14.64 -4.27
CA THR A 106 6.06 -15.68 -3.40
C THR A 106 7.15 -16.14 -2.45
N LEU A 107 6.81 -16.22 -1.17
CA LEU A 107 7.76 -16.57 -0.13
C LEU A 107 8.36 -17.95 -0.39
N GLU A 108 9.68 -18.04 -0.26
CA GLU A 108 10.39 -19.30 -0.44
C GLU A 108 9.91 -20.32 0.58
N HIS A 109 9.55 -19.85 1.77
CA HIS A 109 9.04 -20.71 2.81
C HIS A 109 7.55 -20.91 2.65
N HIS A 110 7.16 -22.11 2.26
CA HIS A 110 5.74 -22.43 2.08
C HIS A 110 5.24 -23.17 3.32
N HIS A 111 5.69 -22.71 4.49
CA HIS A 111 5.38 -23.33 5.78
C HIS A 111 6.07 -24.68 5.91
N HIS A 112 5.69 -25.43 6.95
CA HIS A 112 6.28 -26.74 7.27
C HIS A 112 7.65 -26.56 7.94
N HIS A 113 8.09 -25.31 8.03
CA HIS A 113 9.34 -24.97 8.70
C HIS A 113 9.23 -23.57 9.27
N HIS A 114 9.69 -23.38 10.50
CA HIS A 114 9.69 -22.08 11.13
C HIS A 114 10.50 -22.15 12.43
N MET A 1 1.06 25.37 3.03
CA MET A 1 0.86 24.14 3.83
C MET A 1 0.05 23.13 3.02
N ILE A 2 0.64 21.97 2.79
CA ILE A 2 -0.02 20.94 2.00
C ILE A 2 0.33 19.55 2.55
N PRO A 3 -0.64 18.63 2.57
CA PRO A 3 -0.39 17.24 2.93
C PRO A 3 0.13 16.46 1.72
N ASP A 4 1.30 15.85 1.88
CA ASP A 4 1.89 15.10 0.80
C ASP A 4 1.90 13.62 1.15
N LEU A 5 0.87 12.91 0.68
CA LEU A 5 0.69 11.52 1.01
C LEU A 5 1.59 10.64 0.15
N VAL A 6 2.60 10.07 0.77
CA VAL A 6 3.58 9.27 0.05
C VAL A 6 3.54 7.82 0.54
N PRO A 7 3.04 6.90 -0.31
CA PRO A 7 3.20 5.48 -0.09
C PRO A 7 4.67 5.09 -0.21
N VAL A 8 5.30 4.90 0.92
CA VAL A 8 6.75 4.74 0.98
C VAL A 8 7.17 3.34 0.57
N SER A 9 6.63 2.33 1.24
CA SER A 9 7.02 0.97 0.97
C SER A 9 5.86 0.02 1.26
N LEU A 10 5.90 -1.13 0.61
CA LEU A 10 4.92 -2.19 0.80
C LEU A 10 5.62 -3.43 1.31
N THR A 11 5.43 -3.74 2.58
CA THR A 11 6.13 -4.85 3.21
C THR A 11 5.14 -5.93 3.69
N PRO A 12 5.55 -7.21 3.64
CA PRO A 12 6.86 -7.61 3.14
C PRO A 12 6.94 -7.63 1.61
N VAL A 13 8.16 -7.67 1.07
CA VAL A 13 8.35 -7.68 -0.37
C VAL A 13 8.15 -9.08 -0.94
N THR A 14 8.28 -10.08 -0.08
CA THR A 14 8.01 -11.45 -0.45
C THR A 14 6.82 -11.96 0.35
N VAL A 15 5.86 -12.56 -0.33
CA VAL A 15 4.59 -12.94 0.30
C VAL A 15 4.41 -14.45 0.37
N VAL A 16 3.58 -14.89 1.30
CA VAL A 16 3.34 -16.30 1.53
C VAL A 16 2.13 -16.77 0.71
N PRO A 17 2.37 -17.54 -0.36
CA PRO A 17 1.33 -17.91 -1.34
C PRO A 17 0.33 -18.96 -0.84
N ASN A 18 0.37 -19.28 0.44
CA ASN A 18 -0.51 -20.31 0.99
C ASN A 18 -1.29 -19.80 2.19
N THR A 19 -1.53 -18.50 2.23
CA THR A 19 -2.28 -17.89 3.32
C THR A 19 -2.66 -16.46 2.97
N VAL A 20 -3.56 -15.86 3.75
CA VAL A 20 -3.92 -14.47 3.57
C VAL A 20 -2.85 -13.60 4.21
N ASN A 21 -2.28 -12.70 3.44
CA ASN A 21 -1.18 -11.89 3.90
C ASN A 21 -1.67 -10.51 4.31
N THR A 22 -1.51 -10.19 5.57
CA THR A 22 -1.82 -8.86 6.05
C THR A 22 -0.63 -7.95 5.78
N MET A 23 -0.57 -7.43 4.58
CA MET A 23 0.58 -6.64 4.14
C MET A 23 0.47 -5.22 4.63
N THR A 24 1.60 -4.65 5.00
CA THR A 24 1.64 -3.32 5.57
C THR A 24 2.21 -2.32 4.58
N ALA A 25 1.36 -1.43 4.09
CA ALA A 25 1.79 -0.32 3.28
C ALA A 25 2.07 0.88 4.17
N THR A 26 3.28 1.39 4.11
CA THR A 26 3.68 2.48 4.95
C THR A 26 3.43 3.81 4.25
N ILE A 27 2.38 4.50 4.66
CA ILE A 27 2.04 5.78 4.07
C ILE A 27 2.49 6.91 4.99
N GLU A 28 3.42 7.73 4.51
CA GLU A 28 3.92 8.84 5.30
C GLU A 28 3.43 10.17 4.73
N ASN A 29 3.07 11.08 5.62
CA ASN A 29 2.69 12.42 5.22
C ASN A 29 3.90 13.34 5.25
N GLN A 30 4.55 13.47 4.10
CA GLN A 30 5.74 14.28 3.99
C GLN A 30 5.37 15.71 3.62
N GLY A 31 4.47 16.27 4.40
CA GLY A 31 4.01 17.62 4.18
C GLY A 31 3.76 18.30 5.50
N ASN A 32 3.78 19.63 5.51
CA ASN A 32 3.68 20.38 6.74
C ASN A 32 2.23 20.62 7.16
N LYS A 33 1.30 20.02 6.41
CA LYS A 33 -0.09 20.05 6.77
C LYS A 33 -0.57 18.64 7.05
N ASP A 34 -1.33 18.47 8.13
CA ASP A 34 -1.82 17.16 8.51
C ASP A 34 -2.91 16.71 7.55
N SER A 35 -2.89 15.43 7.21
CA SER A 35 -3.84 14.90 6.25
C SER A 35 -5.04 14.28 6.96
N THR A 36 -6.21 14.52 6.40
CA THR A 36 -7.43 13.97 6.94
C THR A 36 -7.64 12.54 6.44
N SER A 37 -8.85 12.02 6.60
CA SER A 37 -9.20 10.69 6.13
C SER A 37 -8.95 10.57 4.63
N PHE A 38 -8.28 9.49 4.24
CA PHE A 38 -8.02 9.21 2.84
C PHE A 38 -8.11 7.71 2.60
N ASN A 39 -8.54 7.32 1.42
CA ASN A 39 -8.84 5.92 1.12
C ASN A 39 -7.73 5.29 0.27
N VAL A 40 -6.99 4.34 0.84
CA VAL A 40 -5.86 3.73 0.15
C VAL A 40 -6.24 2.36 -0.39
N SER A 41 -6.08 2.18 -1.69
CA SER A 41 -6.49 0.95 -2.35
C SER A 41 -5.27 0.22 -2.89
N LEU A 42 -5.32 -1.11 -2.84
CA LEU A 42 -4.25 -1.93 -3.35
C LEU A 42 -4.67 -2.59 -4.66
N LEU A 43 -4.01 -2.19 -5.74
CA LEU A 43 -4.30 -2.73 -7.04
C LEU A 43 -3.23 -3.75 -7.41
N VAL A 44 -3.65 -4.95 -7.79
CA VAL A 44 -2.71 -6.01 -8.11
C VAL A 44 -2.77 -6.30 -9.59
N ASP A 45 -1.75 -5.82 -10.32
CA ASP A 45 -1.72 -5.94 -11.77
C ASP A 45 -2.85 -5.15 -12.41
N GLY A 46 -3.41 -4.22 -11.65
CA GLY A 46 -4.47 -3.37 -12.16
C GLY A 46 -5.76 -3.52 -11.39
N ILE A 47 -5.98 -4.70 -10.80
CA ILE A 47 -7.24 -4.99 -10.13
C ILE A 47 -7.21 -4.65 -8.65
N VAL A 48 -8.29 -4.04 -8.19
CA VAL A 48 -8.43 -3.66 -6.79
C VAL A 48 -8.81 -4.87 -5.95
N VAL A 49 -7.84 -5.38 -5.19
CA VAL A 49 -8.10 -6.54 -4.33
C VAL A 49 -8.66 -6.12 -2.97
N ASP A 50 -8.12 -5.03 -2.41
CA ASP A 50 -8.55 -4.57 -1.09
C ASP A 50 -8.27 -3.07 -0.94
N THR A 51 -9.04 -2.43 -0.07
CA THR A 51 -8.97 -0.99 0.12
C THR A 51 -9.17 -0.64 1.59
N GLN A 52 -8.28 0.18 2.12
CA GLN A 52 -8.35 0.58 3.53
C GLN A 52 -8.50 2.09 3.64
N THR A 53 -9.54 2.53 4.33
CA THR A 53 -9.76 3.95 4.53
C THR A 53 -9.08 4.41 5.83
N VAL A 54 -8.09 5.27 5.70
CA VAL A 54 -7.35 5.76 6.84
C VAL A 54 -8.11 6.90 7.51
N THR A 55 -8.10 6.93 8.83
CA THR A 55 -8.83 7.93 9.59
C THR A 55 -8.18 9.30 9.47
N SER A 56 -6.86 9.33 9.56
CA SER A 56 -6.11 10.58 9.51
C SER A 56 -4.61 10.27 9.48
N LEU A 57 -3.85 11.11 8.79
CA LEU A 57 -2.41 10.93 8.71
C LEU A 57 -1.70 12.23 9.08
N GLU A 58 -1.10 12.24 10.25
CA GLU A 58 -0.51 13.44 10.80
C GLU A 58 0.80 13.76 10.12
N SER A 59 1.27 14.99 10.27
CA SER A 59 2.53 15.42 9.69
C SER A 59 3.69 14.66 10.31
N GLU A 60 4.57 14.14 9.45
CA GLU A 60 5.74 13.37 9.87
C GLU A 60 5.34 12.05 10.50
N ASN A 61 4.07 11.71 10.39
CA ASN A 61 3.57 10.45 10.94
C ASN A 61 3.41 9.42 9.83
N SER A 62 3.60 8.17 10.18
CA SER A 62 3.40 7.08 9.26
C SER A 62 2.22 6.23 9.69
N THR A 63 1.32 5.96 8.77
CA THR A 63 0.20 5.07 9.05
C THR A 63 0.40 3.73 8.35
N ASN A 64 0.33 2.66 9.13
CA ASN A 64 0.46 1.33 8.58
C ASN A 64 -0.87 0.88 7.98
N VAL A 65 -0.86 0.69 6.66
CA VAL A 65 -2.04 0.23 5.96
C VAL A 65 -1.97 -1.27 5.77
N ASP A 66 -2.76 -1.99 6.53
CA ASP A 66 -2.72 -3.45 6.50
C ASP A 66 -3.85 -3.99 5.65
N PHE A 67 -3.48 -4.57 4.51
CA PHE A 67 -4.46 -5.07 3.56
C PHE A 67 -4.78 -6.54 3.83
N HIS A 68 -5.92 -6.97 3.34
CA HIS A 68 -6.35 -8.35 3.50
C HIS A 68 -6.31 -9.05 2.15
N TRP A 69 -5.16 -9.61 1.81
CA TRP A 69 -4.97 -10.21 0.50
C TRP A 69 -4.69 -11.71 0.63
N THR A 70 -5.62 -12.52 0.14
CA THR A 70 -5.39 -13.95 0.03
C THR A 70 -4.55 -14.23 -1.21
N LEU A 71 -3.40 -14.84 -1.00
CA LEU A 71 -2.40 -14.99 -2.04
C LEU A 71 -2.87 -15.90 -3.18
N ASP A 72 -3.46 -17.03 -2.81
CA ASP A 72 -3.86 -18.08 -3.74
C ASP A 72 -2.64 -18.82 -4.28
N GLY A 73 -1.69 -18.08 -4.82
CA GLY A 73 -0.48 -18.66 -5.34
C GLY A 73 -0.61 -19.01 -6.81
N THR A 74 -1.03 -18.04 -7.61
CA THR A 74 -1.21 -18.24 -9.02
C THR A 74 0.12 -18.05 -9.76
N ALA A 75 0.89 -17.06 -9.32
CA ALA A 75 2.15 -16.73 -9.97
C ALA A 75 3.25 -16.53 -8.93
N ASN A 76 4.48 -16.40 -9.41
CA ASN A 76 5.64 -16.24 -8.54
C ASN A 76 5.76 -14.80 -8.04
N SER A 77 5.04 -13.89 -8.66
CA SER A 77 5.11 -12.49 -8.31
C SER A 77 3.83 -11.77 -8.71
N TYR A 78 3.46 -10.77 -7.91
CA TYR A 78 2.28 -9.96 -8.18
C TYR A 78 2.64 -8.48 -8.20
N THR A 79 2.02 -7.71 -9.09
CA THR A 79 2.30 -6.29 -9.19
C THR A 79 1.37 -5.50 -8.29
N LEU A 80 1.79 -5.26 -7.06
CA LEU A 80 0.94 -4.57 -6.09
C LEU A 80 1.19 -3.07 -6.12
N THR A 81 0.17 -2.33 -6.49
CA THR A 81 0.26 -0.89 -6.57
C THR A 81 -0.64 -0.24 -5.53
N VAL A 82 -0.03 0.51 -4.63
CA VAL A 82 -0.77 1.26 -3.62
C VAL A 82 -1.15 2.61 -4.18
N ASN A 83 -2.43 2.80 -4.49
CA ASN A 83 -2.90 4.09 -4.97
C ASN A 83 -3.56 4.83 -3.83
N VAL A 84 -2.92 5.90 -3.39
CA VAL A 84 -3.43 6.69 -2.30
C VAL A 84 -4.59 7.57 -2.75
N ASP A 85 -5.78 7.20 -2.28
CA ASP A 85 -7.04 7.90 -2.55
C ASP A 85 -7.31 8.02 -4.05
N PRO A 86 -8.10 7.07 -4.59
CA PRO A 86 -8.44 7.00 -6.02
C PRO A 86 -9.16 8.25 -6.51
N GLU A 87 -9.82 8.94 -5.59
CA GLU A 87 -10.57 10.15 -5.93
C GLU A 87 -9.69 11.38 -5.76
N ASN A 88 -8.61 11.20 -5.00
CA ASN A 88 -7.75 12.30 -4.57
C ASN A 88 -8.60 13.37 -3.89
N ALA A 89 -9.34 12.94 -2.87
CA ALA A 89 -10.23 13.83 -2.12
C ALA A 89 -9.44 14.93 -1.44
N VAL A 90 -8.30 14.58 -0.90
CA VAL A 90 -7.43 15.54 -0.25
C VAL A 90 -6.57 16.25 -1.28
N ASN A 91 -6.37 17.54 -1.12
CA ASN A 91 -5.48 18.30 -2.00
C ASN A 91 -4.05 17.99 -1.63
N GLU A 92 -3.46 17.04 -2.34
CA GLU A 92 -2.13 16.53 -2.01
C GLU A 92 -1.06 17.26 -2.81
N GLY A 93 0.19 16.91 -2.54
CA GLY A 93 1.33 17.45 -3.27
C GLY A 93 1.25 17.17 -4.77
N ASN A 94 1.98 16.17 -5.22
CA ASN A 94 1.99 15.81 -6.63
C ASN A 94 1.45 14.39 -6.82
N GLU A 95 0.74 14.16 -7.92
CA GLU A 95 0.07 12.89 -8.15
C GLU A 95 1.06 11.80 -8.55
N SER A 96 2.28 12.20 -8.88
CA SER A 96 3.32 11.27 -9.32
C SER A 96 3.80 10.38 -8.18
N ASN A 97 3.37 10.69 -6.95
CA ASN A 97 3.76 9.86 -5.80
C ASN A 97 2.53 9.25 -5.14
N ASN A 98 1.37 9.36 -5.79
CA ASN A 98 0.15 8.75 -5.26
C ASN A 98 0.15 7.25 -5.49
N THR A 99 0.84 6.82 -6.54
CA THR A 99 0.92 5.41 -6.87
C THR A 99 2.26 4.80 -6.47
N LEU A 100 2.19 3.77 -5.65
CA LEU A 100 3.37 3.00 -5.29
C LEU A 100 3.32 1.63 -5.94
N THR A 101 4.03 1.46 -7.04
CA THR A 101 4.06 0.20 -7.73
C THR A 101 5.16 -0.70 -7.16
N ALA A 102 4.76 -1.59 -6.28
CA ALA A 102 5.69 -2.52 -5.66
C ALA A 102 5.38 -3.94 -6.10
N LEU A 103 6.23 -4.48 -6.94
CA LEU A 103 6.03 -5.82 -7.45
C LEU A 103 6.57 -6.82 -6.44
N VAL A 104 5.67 -7.48 -5.73
CA VAL A 104 6.05 -8.38 -4.66
C VAL A 104 6.26 -9.79 -5.18
N GLY A 105 7.23 -10.48 -4.61
CA GLY A 105 7.52 -11.83 -5.03
C GLY A 105 7.07 -12.84 -4.00
N THR A 106 7.30 -14.10 -4.27
CA THR A 106 6.93 -15.14 -3.33
C THR A 106 8.01 -15.31 -2.26
N LEU A 107 7.59 -15.79 -1.09
CA LEU A 107 8.49 -15.96 0.04
C LEU A 107 9.74 -16.73 -0.37
N GLU A 108 10.90 -16.13 -0.12
CA GLU A 108 12.18 -16.70 -0.55
C GLU A 108 12.48 -18.00 0.18
N HIS A 109 12.07 -18.08 1.43
CA HIS A 109 12.15 -19.32 2.19
C HIS A 109 10.78 -19.62 2.76
N HIS A 110 10.13 -20.65 2.21
CA HIS A 110 8.75 -20.99 2.56
C HIS A 110 8.59 -21.15 4.07
N HIS A 111 9.64 -21.62 4.72
CA HIS A 111 9.71 -21.65 6.16
C HIS A 111 11.08 -21.22 6.63
N HIS A 112 11.12 -20.13 7.39
CA HIS A 112 12.37 -19.60 7.90
C HIS A 112 12.84 -20.45 9.06
N HIS A 113 13.99 -21.09 8.88
CA HIS A 113 14.55 -21.96 9.90
C HIS A 113 15.25 -21.14 10.97
N HIS A 114 15.45 -19.87 10.66
CA HIS A 114 15.94 -18.92 11.63
C HIS A 114 14.85 -17.91 11.95
N MET A 1 0.50 23.96 4.50
CA MET A 1 -0.49 24.36 3.48
C MET A 1 -1.08 23.15 2.79
N ILE A 2 -0.25 22.42 2.07
CA ILE A 2 -0.73 21.23 1.38
C ILE A 2 -0.08 19.98 1.98
N PRO A 3 -0.84 18.89 2.08
CA PRO A 3 -0.31 17.59 2.46
C PRO A 3 0.28 16.86 1.26
N ASP A 4 1.18 15.93 1.52
CA ASP A 4 1.72 15.09 0.47
C ASP A 4 1.83 13.68 1.02
N LEU A 5 0.97 12.80 0.53
CA LEU A 5 0.90 11.47 1.09
C LEU A 5 1.67 10.50 0.20
N VAL A 6 2.58 9.77 0.80
CA VAL A 6 3.43 8.87 0.06
C VAL A 6 3.34 7.47 0.62
N PRO A 7 3.33 6.45 -0.24
CA PRO A 7 3.51 5.07 0.16
C PRO A 7 4.98 4.71 0.06
N VAL A 8 5.70 4.85 1.15
CA VAL A 8 7.15 4.76 1.14
C VAL A 8 7.64 3.33 1.22
N SER A 9 6.75 2.40 1.56
CA SER A 9 7.15 1.02 1.73
C SER A 9 5.95 0.07 1.71
N LEU A 10 6.16 -1.10 1.13
CA LEU A 10 5.17 -2.15 1.11
C LEU A 10 5.80 -3.44 1.62
N THR A 11 5.18 -4.05 2.61
CA THR A 11 5.71 -5.26 3.22
C THR A 11 4.61 -6.28 3.46
N PRO A 12 4.91 -7.58 3.33
CA PRO A 12 6.22 -8.06 2.93
C PRO A 12 6.45 -7.99 1.41
N VAL A 13 7.71 -8.07 1.00
CA VAL A 13 8.06 -8.05 -0.41
C VAL A 13 7.97 -9.46 -1.00
N THR A 14 7.92 -10.44 -0.13
CA THR A 14 7.72 -11.83 -0.52
C THR A 14 6.63 -12.45 0.35
N VAL A 15 5.61 -13.01 -0.29
CA VAL A 15 4.45 -13.52 0.42
C VAL A 15 4.34 -15.03 0.27
N VAL A 16 3.77 -15.69 1.27
CA VAL A 16 3.54 -17.11 1.19
C VAL A 16 2.18 -17.40 0.57
N PRO A 17 2.16 -18.14 -0.54
CA PRO A 17 0.92 -18.49 -1.24
C PRO A 17 0.04 -19.43 -0.43
N ASN A 18 -1.17 -19.66 -0.95
CA ASN A 18 -2.12 -20.61 -0.36
C ASN A 18 -2.70 -20.08 0.95
N THR A 19 -2.70 -18.77 1.11
CA THR A 19 -3.29 -18.14 2.28
C THR A 19 -3.26 -16.62 2.15
N VAL A 20 -3.84 -15.93 3.13
CA VAL A 20 -3.86 -14.48 3.13
C VAL A 20 -2.65 -13.94 3.90
N ASN A 21 -2.00 -12.93 3.32
CA ASN A 21 -0.84 -12.32 3.94
C ASN A 21 -1.17 -10.93 4.46
N THR A 22 -0.48 -10.52 5.51
CA THR A 22 -0.69 -9.20 6.10
C THR A 22 0.10 -8.16 5.34
N MET A 23 -0.52 -7.56 4.32
CA MET A 23 0.15 -6.56 3.52
C MET A 23 0.12 -5.22 4.22
N THR A 24 1.28 -4.79 4.67
CA THR A 24 1.42 -3.56 5.41
C THR A 24 2.02 -2.47 4.51
N ALA A 25 1.20 -1.48 4.16
CA ALA A 25 1.65 -0.37 3.35
C ALA A 25 1.92 0.84 4.24
N THR A 26 3.14 1.32 4.23
CA THR A 26 3.51 2.47 5.05
C THR A 26 3.20 3.77 4.33
N ILE A 27 2.13 4.44 4.76
CA ILE A 27 1.74 5.71 4.18
C ILE A 27 2.25 6.85 5.06
N GLU A 28 3.09 7.69 4.50
CA GLU A 28 3.71 8.75 5.26
C GLU A 28 3.36 10.12 4.67
N ASN A 29 3.10 11.07 5.54
CA ASN A 29 2.75 12.43 5.11
C ASN A 29 4.03 13.26 5.04
N GLN A 30 4.56 13.42 3.84
CA GLN A 30 5.80 14.14 3.65
C GLN A 30 5.53 15.55 3.14
N GLY A 31 4.65 16.25 3.85
CA GLY A 31 4.31 17.61 3.50
C GLY A 31 4.07 18.44 4.75
N ASN A 32 3.82 19.73 4.58
CA ASN A 32 3.71 20.63 5.72
C ASN A 32 2.25 20.92 6.07
N LYS A 33 1.45 19.86 6.11
CA LYS A 33 0.11 19.95 6.66
C LYS A 33 -0.42 18.56 7.00
N ASP A 34 -1.38 18.51 7.92
CA ASP A 34 -2.07 17.28 8.25
C ASP A 34 -2.93 16.83 7.08
N SER A 35 -3.38 15.59 7.12
CA SER A 35 -4.23 15.06 6.08
C SER A 35 -5.46 14.39 6.67
N THR A 36 -6.62 14.69 6.11
CA THR A 36 -7.88 14.18 6.60
C THR A 36 -8.14 12.75 6.12
N SER A 37 -9.37 12.27 6.30
CA SER A 37 -9.70 10.91 5.92
C SER A 37 -9.53 10.67 4.43
N PHE A 38 -8.68 9.73 4.08
CA PHE A 38 -8.43 9.38 2.69
C PHE A 38 -8.50 7.87 2.52
N ASN A 39 -8.70 7.41 1.30
CA ASN A 39 -8.88 5.99 1.03
C ASN A 39 -7.63 5.41 0.39
N VAL A 40 -7.07 4.35 0.96
CA VAL A 40 -5.89 3.73 0.37
C VAL A 40 -6.24 2.34 -0.16
N SER A 41 -5.98 2.13 -1.44
CA SER A 41 -6.32 0.88 -2.10
C SER A 41 -5.08 0.16 -2.60
N LEU A 42 -5.11 -1.17 -2.57
CA LEU A 42 -4.02 -1.97 -3.09
C LEU A 42 -4.41 -2.55 -4.44
N LEU A 43 -3.79 -2.05 -5.49
CA LEU A 43 -4.09 -2.51 -6.84
C LEU A 43 -3.04 -3.53 -7.28
N VAL A 44 -3.46 -4.77 -7.44
CA VAL A 44 -2.58 -5.83 -7.87
C VAL A 44 -2.70 -6.04 -9.38
N ASP A 45 -1.68 -5.61 -10.11
CA ASP A 45 -1.60 -5.78 -11.55
C ASP A 45 -2.78 -5.09 -12.25
N GLY A 46 -3.39 -4.13 -11.58
CA GLY A 46 -4.46 -3.36 -12.18
C GLY A 46 -5.79 -3.55 -11.47
N ILE A 47 -5.96 -4.68 -10.80
CA ILE A 47 -7.20 -4.98 -10.10
C ILE A 47 -7.08 -4.59 -8.64
N VAL A 48 -8.19 -4.23 -8.01
CA VAL A 48 -8.17 -3.82 -6.62
C VAL A 48 -8.55 -4.99 -5.72
N VAL A 49 -7.58 -5.50 -4.97
CA VAL A 49 -7.81 -6.66 -4.12
C VAL A 49 -8.34 -6.24 -2.75
N ASP A 50 -7.96 -5.06 -2.30
CA ASP A 50 -8.39 -4.58 -0.99
C ASP A 50 -8.30 -3.06 -0.93
N THR A 51 -9.04 -2.48 0.01
CA THR A 51 -9.10 -1.04 0.19
C THR A 51 -9.35 -0.71 1.66
N GLN A 52 -8.51 0.12 2.24
CA GLN A 52 -8.69 0.51 3.62
C GLN A 52 -8.74 2.03 3.74
N THR A 53 -9.82 2.54 4.30
CA THR A 53 -9.96 3.97 4.51
C THR A 53 -9.19 4.40 5.75
N VAL A 54 -8.39 5.44 5.61
CA VAL A 54 -7.59 5.95 6.71
C VAL A 54 -8.29 7.14 7.36
N THR A 55 -8.39 7.11 8.68
CA THR A 55 -9.08 8.13 9.44
C THR A 55 -8.44 9.51 9.25
N SER A 56 -7.11 9.56 9.37
CA SER A 56 -6.36 10.79 9.25
C SER A 56 -4.88 10.50 9.43
N LEU A 57 -4.03 11.33 8.83
CA LEU A 57 -2.59 11.16 8.95
C LEU A 57 -1.94 12.48 9.36
N GLU A 58 -1.17 12.43 10.45
CA GLU A 58 -0.53 13.61 11.01
C GLU A 58 0.69 14.02 10.20
N SER A 59 1.10 15.28 10.36
CA SER A 59 2.21 15.84 9.60
C SER A 59 3.49 15.06 9.86
N GLU A 60 4.06 14.51 8.79
CA GLU A 60 5.33 13.77 8.84
C GLU A 60 5.26 12.56 9.76
N ASN A 61 4.05 12.04 9.94
CA ASN A 61 3.87 10.77 10.65
C ASN A 61 3.66 9.68 9.61
N SER A 62 3.87 8.44 10.02
CA SER A 62 3.76 7.32 9.11
C SER A 62 2.73 6.32 9.61
N THR A 63 1.68 6.11 8.84
CA THR A 63 0.62 5.19 9.21
C THR A 63 0.64 3.95 8.31
N ASN A 64 0.68 2.78 8.94
CA ASN A 64 0.69 1.53 8.20
C ASN A 64 -0.74 1.09 7.90
N VAL A 65 -0.95 0.65 6.68
CA VAL A 65 -2.26 0.19 6.25
C VAL A 65 -2.33 -1.33 6.35
N ASP A 66 -3.41 -1.83 6.93
CA ASP A 66 -3.60 -3.25 7.15
C ASP A 66 -4.46 -3.85 6.03
N PHE A 67 -3.80 -4.42 5.04
CA PHE A 67 -4.50 -5.05 3.93
C PHE A 67 -4.60 -6.55 4.13
N HIS A 68 -5.63 -7.15 3.56
CA HIS A 68 -5.83 -8.58 3.67
C HIS A 68 -5.84 -9.19 2.27
N TRP A 69 -4.68 -9.64 1.83
CA TRP A 69 -4.51 -10.14 0.48
C TRP A 69 -4.19 -11.63 0.47
N THR A 70 -5.06 -12.41 -0.15
CA THR A 70 -4.88 -13.85 -0.26
C THR A 70 -4.10 -14.20 -1.52
N LEU A 71 -3.27 -15.22 -1.43
CA LEU A 71 -2.48 -15.66 -2.57
C LEU A 71 -2.94 -16.99 -3.11
N ASP A 72 -3.20 -17.03 -4.40
CA ASP A 72 -3.49 -18.27 -5.08
C ASP A 72 -2.20 -18.89 -5.60
N GLY A 73 -1.24 -18.02 -5.90
CA GLY A 73 0.00 -18.46 -6.50
C GLY A 73 -0.11 -18.51 -8.01
N THR A 74 -0.88 -17.58 -8.55
CA THR A 74 -1.11 -17.50 -9.99
C THR A 74 0.17 -17.11 -10.72
N ALA A 75 0.99 -16.30 -10.06
CA ALA A 75 2.22 -15.83 -10.65
C ALA A 75 3.32 -15.79 -9.59
N ASN A 76 4.56 -15.88 -10.04
CA ASN A 76 5.71 -15.81 -9.16
C ASN A 76 5.84 -14.41 -8.55
N SER A 77 5.41 -13.41 -9.32
CA SER A 77 5.50 -12.02 -8.87
C SER A 77 4.21 -11.26 -9.19
N TYR A 78 3.74 -10.48 -8.24
CA TYR A 78 2.54 -9.68 -8.41
C TYR A 78 2.90 -8.19 -8.41
N THR A 79 2.17 -7.41 -9.19
CA THR A 79 2.44 -5.98 -9.28
C THR A 79 1.54 -5.20 -8.32
N LEU A 80 2.00 -5.04 -7.09
CA LEU A 80 1.19 -4.37 -6.08
C LEU A 80 1.41 -2.88 -6.10
N THR A 81 0.33 -2.15 -6.34
CA THR A 81 0.38 -0.70 -6.40
C THR A 81 -0.52 -0.10 -5.33
N VAL A 82 0.09 0.61 -4.39
CA VAL A 82 -0.66 1.32 -3.37
C VAL A 82 -1.02 2.70 -3.86
N ASN A 83 -2.29 2.92 -4.17
CA ASN A 83 -2.75 4.23 -4.60
C ASN A 83 -3.37 4.96 -3.42
N VAL A 84 -2.76 6.07 -3.05
CA VAL A 84 -3.26 6.86 -1.94
C VAL A 84 -4.33 7.84 -2.40
N ASP A 85 -5.56 7.54 -1.99
CA ASP A 85 -6.74 8.35 -2.27
C ASP A 85 -7.08 8.37 -3.76
N PRO A 86 -7.94 7.44 -4.20
CA PRO A 86 -8.44 7.40 -5.57
C PRO A 86 -9.72 8.22 -5.71
N GLU A 87 -10.09 8.92 -4.65
CA GLU A 87 -11.31 9.71 -4.64
C GLU A 87 -10.97 11.20 -4.61
N ASN A 88 -9.69 11.50 -4.42
CA ASN A 88 -9.18 12.88 -4.39
C ASN A 88 -9.90 13.70 -3.33
N ALA A 89 -9.90 13.20 -2.11
CA ALA A 89 -10.49 13.91 -0.99
C ALA A 89 -9.44 14.81 -0.36
N VAL A 90 -8.20 14.33 -0.35
CA VAL A 90 -7.08 15.10 0.13
C VAL A 90 -6.19 15.53 -1.03
N ASN A 91 -6.04 16.83 -1.21
CA ASN A 91 -5.20 17.36 -2.29
C ASN A 91 -3.73 17.17 -1.97
N GLU A 92 -3.01 16.51 -2.86
CA GLU A 92 -1.62 16.17 -2.63
C GLU A 92 -0.68 17.19 -3.26
N GLY A 93 0.48 17.35 -2.65
CA GLY A 93 1.55 18.16 -3.19
C GLY A 93 1.99 17.71 -4.57
N ASN A 94 3.11 16.99 -4.63
CA ASN A 94 3.67 16.52 -5.90
C ASN A 94 2.72 15.53 -6.57
N GLU A 95 1.87 14.88 -5.76
CA GLU A 95 0.74 14.09 -6.24
C GLU A 95 1.15 12.73 -6.81
N SER A 96 1.93 12.73 -7.88
CA SER A 96 2.25 11.51 -8.63
C SER A 96 3.04 10.50 -7.81
N ASN A 97 3.43 10.89 -6.62
CA ASN A 97 4.18 10.02 -5.72
C ASN A 97 3.24 9.32 -4.74
N ASN A 98 1.94 9.43 -4.98
CA ASN A 98 0.94 8.79 -4.14
C ASN A 98 0.71 7.34 -4.56
N THR A 99 1.48 6.91 -5.55
CA THR A 99 1.35 5.56 -6.08
C THR A 99 2.64 4.77 -5.91
N LEU A 100 2.55 3.69 -5.14
CA LEU A 100 3.70 2.82 -4.92
C LEU A 100 3.51 1.51 -5.66
N THR A 101 4.13 1.39 -6.81
CA THR A 101 4.11 0.15 -7.57
C THR A 101 5.32 -0.70 -7.18
N ALA A 102 5.09 -1.64 -6.29
CA ALA A 102 6.16 -2.50 -5.80
C ALA A 102 5.91 -3.94 -6.22
N LEU A 103 6.90 -4.54 -6.85
CA LEU A 103 6.81 -5.92 -7.26
C LEU A 103 7.07 -6.83 -6.09
N VAL A 104 6.07 -7.58 -5.72
CA VAL A 104 6.19 -8.53 -4.63
C VAL A 104 6.24 -9.94 -5.20
N GLY A 105 7.01 -10.80 -4.59
CA GLY A 105 7.15 -12.14 -5.11
C GLY A 105 6.68 -13.16 -4.11
N THR A 106 6.57 -14.39 -4.55
CA THR A 106 6.25 -15.47 -3.65
C THR A 106 7.51 -15.83 -2.86
N LEU A 107 7.37 -15.91 -1.55
CA LEU A 107 8.51 -16.18 -0.68
C LEU A 107 9.16 -17.49 -1.07
N GLU A 108 10.47 -17.45 -1.27
CA GLU A 108 11.23 -18.62 -1.70
C GLU A 108 11.51 -19.57 -0.54
N HIS A 109 10.88 -19.26 0.59
CA HIS A 109 10.89 -20.12 1.76
C HIS A 109 9.48 -20.18 2.32
N HIS A 110 9.25 -21.01 3.32
CA HIS A 110 7.91 -21.16 3.88
C HIS A 110 7.90 -20.88 5.38
N HIS A 111 8.92 -20.19 5.85
CA HIS A 111 8.97 -19.74 7.23
C HIS A 111 9.20 -18.24 7.28
N HIS A 112 8.12 -17.49 7.36
CA HIS A 112 8.20 -16.04 7.44
C HIS A 112 8.27 -15.59 8.89
N HIS A 113 9.47 -15.56 9.44
CA HIS A 113 9.66 -15.23 10.84
C HIS A 113 10.06 -13.77 10.99
N HIS A 114 9.32 -13.05 11.81
CA HIS A 114 9.61 -11.64 12.07
C HIS A 114 9.16 -11.29 13.48
N MET A 1 0.56 25.39 2.95
CA MET A 1 0.41 24.18 3.79
C MET A 1 -0.41 23.14 3.06
N ILE A 2 0.25 22.37 2.20
CA ILE A 2 -0.43 21.32 1.47
C ILE A 2 0.11 19.95 1.90
N PRO A 3 -0.76 18.93 1.99
CA PRO A 3 -0.34 17.57 2.31
C PRO A 3 0.34 16.87 1.13
N ASP A 4 1.14 15.87 1.43
CA ASP A 4 1.84 15.10 0.42
C ASP A 4 1.94 13.68 0.93
N LEU A 5 1.08 12.79 0.45
CA LEU A 5 0.99 11.47 1.03
C LEU A 5 1.75 10.50 0.16
N VAL A 6 2.65 9.77 0.77
CA VAL A 6 3.50 8.87 0.04
C VAL A 6 3.41 7.45 0.62
N PRO A 7 3.40 6.44 -0.24
CA PRO A 7 3.60 5.07 0.17
C PRO A 7 5.09 4.75 0.19
N VAL A 8 5.63 4.64 1.38
CA VAL A 8 7.08 4.54 1.55
C VAL A 8 7.56 3.13 1.21
N SER A 9 7.05 2.15 1.93
CA SER A 9 7.40 0.76 1.67
C SER A 9 6.26 -0.13 2.16
N LEU A 10 6.15 -1.31 1.57
CA LEU A 10 5.15 -2.27 2.02
C LEU A 10 5.81 -3.62 2.30
N THR A 11 5.54 -4.12 3.48
CA THR A 11 6.15 -5.35 3.97
C THR A 11 5.08 -6.37 4.32
N PRO A 12 5.23 -7.62 3.86
CA PRO A 12 6.44 -8.10 3.20
C PRO A 12 6.43 -7.91 1.68
N VAL A 13 7.55 -8.23 1.04
CA VAL A 13 7.64 -8.14 -0.41
C VAL A 13 7.45 -9.51 -1.08
N THR A 14 7.46 -10.56 -0.28
CA THR A 14 7.17 -11.89 -0.77
C THR A 14 5.96 -12.45 -0.01
N VAL A 15 5.19 -13.32 -0.65
CA VAL A 15 3.98 -13.85 -0.02
C VAL A 15 3.76 -15.32 -0.39
N VAL A 16 3.02 -16.03 0.45
CA VAL A 16 2.71 -17.42 0.20
C VAL A 16 1.31 -17.57 -0.38
N PRO A 17 1.13 -18.54 -1.30
CA PRO A 17 -0.16 -18.80 -1.93
C PRO A 17 -1.06 -19.68 -1.06
N ASN A 18 -2.35 -19.72 -1.42
CA ASN A 18 -3.34 -20.58 -0.76
C ASN A 18 -3.68 -20.09 0.64
N THR A 19 -3.48 -18.80 0.88
CA THR A 19 -3.76 -18.24 2.19
C THR A 19 -3.84 -16.71 2.11
N VAL A 20 -4.43 -16.10 3.13
CA VAL A 20 -4.49 -14.65 3.22
C VAL A 20 -3.32 -14.13 4.05
N ASN A 21 -2.63 -13.16 3.52
CA ASN A 21 -1.49 -12.57 4.20
C ASN A 21 -1.73 -11.09 4.45
N THR A 22 -1.10 -10.56 5.50
CA THR A 22 -1.27 -9.18 5.86
C THR A 22 -0.13 -8.32 5.31
N MET A 23 -0.46 -7.49 4.33
CA MET A 23 0.51 -6.60 3.72
C MET A 23 0.47 -5.25 4.43
N THR A 24 1.62 -4.82 4.93
CA THR A 24 1.70 -3.57 5.67
C THR A 24 2.38 -2.48 4.85
N ALA A 25 1.60 -1.57 4.30
CA ALA A 25 2.14 -0.43 3.56
C ALA A 25 2.21 0.80 4.45
N THR A 26 3.38 1.37 4.59
CA THR A 26 3.55 2.57 5.41
C THR A 26 3.30 3.82 4.56
N ILE A 27 2.34 4.62 4.98
CA ILE A 27 2.01 5.85 4.26
C ILE A 27 2.50 7.05 5.07
N GLU A 28 3.44 7.80 4.51
CA GLU A 28 4.00 8.95 5.19
C GLU A 28 3.55 10.25 4.53
N ASN A 29 3.04 11.16 5.34
CA ASN A 29 2.62 12.46 4.85
C ASN A 29 3.80 13.42 4.91
N GLN A 30 4.48 13.57 3.79
CA GLN A 30 5.69 14.36 3.72
C GLN A 30 5.37 15.79 3.31
N GLY A 31 4.33 16.34 3.92
CA GLY A 31 3.92 17.70 3.64
C GLY A 31 3.41 18.38 4.89
N ASN A 32 3.57 19.69 4.97
CA ASN A 32 3.27 20.41 6.20
C ASN A 32 1.78 20.78 6.26
N LYS A 33 0.95 19.75 6.30
CA LYS A 33 -0.45 19.89 6.65
C LYS A 33 -1.01 18.54 7.05
N ASP A 34 -1.79 18.51 8.11
CA ASP A 34 -2.43 17.30 8.58
C ASP A 34 -3.54 16.91 7.61
N SER A 35 -3.38 15.79 6.93
CA SER A 35 -4.36 15.33 5.97
C SER A 35 -5.48 14.56 6.67
N THR A 36 -6.69 14.71 6.15
CA THR A 36 -7.86 14.08 6.72
C THR A 36 -8.01 12.64 6.24
N SER A 37 -9.17 12.05 6.53
CA SER A 37 -9.47 10.67 6.17
C SER A 37 -9.28 10.42 4.68
N PHE A 38 -8.59 9.34 4.35
CA PHE A 38 -8.36 8.96 2.96
C PHE A 38 -8.40 7.44 2.83
N ASN A 39 -8.62 6.96 1.62
CA ASN A 39 -8.77 5.53 1.38
C ASN A 39 -7.57 4.97 0.63
N VAL A 40 -6.75 4.16 1.28
CA VAL A 40 -5.57 3.59 0.64
C VAL A 40 -5.87 2.18 0.17
N SER A 41 -5.65 1.94 -1.11
CA SER A 41 -6.00 0.68 -1.72
C SER A 41 -4.78 0.00 -2.32
N LEU A 42 -4.78 -1.32 -2.31
CA LEU A 42 -3.71 -2.09 -2.90
C LEU A 42 -4.15 -2.64 -4.26
N LEU A 43 -3.46 -2.21 -5.29
CA LEU A 43 -3.76 -2.65 -6.64
C LEU A 43 -2.78 -3.74 -7.07
N VAL A 44 -3.31 -4.86 -7.51
CA VAL A 44 -2.48 -5.97 -7.95
C VAL A 44 -2.51 -6.08 -9.46
N ASP A 45 -1.44 -5.62 -10.09
CA ASP A 45 -1.26 -5.71 -11.54
C ASP A 45 -2.32 -4.91 -12.30
N GLY A 46 -3.07 -4.07 -11.58
CA GLY A 46 -4.05 -3.24 -12.22
C GLY A 46 -5.35 -3.14 -11.45
N ILE A 47 -5.78 -4.25 -10.86
CA ILE A 47 -7.07 -4.30 -10.18
C ILE A 47 -6.90 -4.12 -8.68
N VAL A 48 -7.91 -3.56 -8.04
CA VAL A 48 -7.87 -3.31 -6.61
C VAL A 48 -8.37 -4.55 -5.86
N VAL A 49 -7.57 -5.03 -4.91
CA VAL A 49 -7.95 -6.20 -4.13
C VAL A 49 -8.52 -5.82 -2.77
N ASP A 50 -7.93 -4.82 -2.13
CA ASP A 50 -8.34 -4.43 -0.79
C ASP A 50 -8.12 -2.93 -0.55
N THR A 51 -8.97 -2.36 0.28
CA THR A 51 -8.92 -0.93 0.57
C THR A 51 -9.02 -0.69 2.08
N GLN A 52 -8.09 0.09 2.62
CA GLN A 52 -8.12 0.42 4.04
C GLN A 52 -8.25 1.94 4.20
N THR A 53 -9.33 2.36 4.84
CA THR A 53 -9.55 3.77 5.08
C THR A 53 -8.75 4.24 6.30
N VAL A 54 -7.96 5.28 6.11
CA VAL A 54 -7.17 5.85 7.19
C VAL A 54 -7.92 7.03 7.80
N THR A 55 -8.06 7.02 9.12
CA THR A 55 -8.81 8.06 9.83
C THR A 55 -8.26 9.45 9.54
N SER A 56 -6.94 9.57 9.55
CA SER A 56 -6.26 10.82 9.26
C SER A 56 -4.76 10.60 9.31
N LEU A 57 -4.01 11.44 8.62
CA LEU A 57 -2.57 11.35 8.63
C LEU A 57 -1.97 12.73 8.93
N GLU A 58 -1.41 12.86 10.11
CA GLU A 58 -0.87 14.12 10.57
C GLU A 58 0.31 14.56 9.71
N SER A 59 0.62 15.85 9.78
CA SER A 59 1.71 16.43 9.03
C SER A 59 3.06 15.81 9.43
N GLU A 60 3.78 15.31 8.44
CA GLU A 60 5.08 14.66 8.65
C GLU A 60 4.96 13.44 9.55
N ASN A 61 3.86 12.71 9.41
CA ASN A 61 3.64 11.48 10.15
C ASN A 61 3.44 10.32 9.19
N SER A 62 3.59 9.10 9.68
CA SER A 62 3.44 7.92 8.84
C SER A 62 2.56 6.87 9.50
N THR A 63 1.56 6.41 8.75
CA THR A 63 0.65 5.38 9.23
C THR A 63 0.98 4.04 8.57
N ASN A 64 0.67 2.95 9.24
CA ASN A 64 0.87 1.63 8.67
C ASN A 64 -0.47 1.07 8.23
N VAL A 65 -0.55 0.67 6.97
CA VAL A 65 -1.81 0.21 6.40
C VAL A 65 -1.89 -1.31 6.45
N ASP A 66 -3.01 -1.78 6.98
CA ASP A 66 -3.25 -3.20 7.17
C ASP A 66 -4.06 -3.76 6.00
N PHE A 67 -3.37 -4.35 5.04
CA PHE A 67 -4.03 -4.93 3.87
C PHE A 67 -4.35 -6.40 4.09
N HIS A 68 -5.45 -6.82 3.49
CA HIS A 68 -5.90 -8.20 3.57
C HIS A 68 -5.84 -8.83 2.18
N TRP A 69 -4.78 -9.57 1.90
CA TRP A 69 -4.58 -10.10 0.56
C TRP A 69 -4.45 -11.61 0.57
N THR A 70 -5.32 -12.27 -0.16
CA THR A 70 -5.29 -13.72 -0.28
C THR A 70 -4.74 -14.12 -1.64
N LEU A 71 -3.93 -15.18 -1.67
CA LEU A 71 -3.43 -15.69 -2.92
C LEU A 71 -4.21 -16.92 -3.36
N ASP A 72 -4.82 -16.80 -4.52
CA ASP A 72 -5.55 -17.91 -5.11
C ASP A 72 -4.59 -18.81 -5.90
N GLY A 73 -3.49 -18.23 -6.33
CA GLY A 73 -2.53 -18.96 -7.12
C GLY A 73 -1.14 -18.40 -6.98
N THR A 74 -0.30 -18.63 -7.97
CA THR A 74 1.06 -18.13 -7.95
C THR A 74 1.53 -17.75 -9.35
N ALA A 75 1.31 -16.50 -9.70
CA ALA A 75 1.84 -15.95 -10.94
C ALA A 75 3.31 -15.56 -10.75
N ASN A 76 3.82 -15.84 -9.54
CA ASN A 76 5.20 -15.56 -9.16
C ASN A 76 5.46 -14.07 -8.99
N SER A 77 5.24 -13.31 -10.05
CA SER A 77 5.48 -11.89 -10.04
C SER A 77 4.15 -11.13 -9.95
N TYR A 78 3.95 -10.43 -8.85
CA TYR A 78 2.73 -9.66 -8.65
C TYR A 78 3.06 -8.17 -8.53
N THR A 79 2.32 -7.34 -9.23
CA THR A 79 2.59 -5.92 -9.23
C THR A 79 1.70 -5.20 -8.23
N LEU A 80 2.17 -5.11 -6.99
CA LEU A 80 1.40 -4.48 -5.94
C LEU A 80 1.66 -2.99 -5.90
N THR A 81 0.63 -2.24 -6.23
CA THR A 81 0.72 -0.80 -6.28
C THR A 81 -0.16 -0.16 -5.22
N VAL A 82 0.44 0.65 -4.37
CA VAL A 82 -0.31 1.37 -3.36
C VAL A 82 -0.76 2.72 -3.91
N ASN A 83 -2.05 2.88 -4.10
CA ASN A 83 -2.60 4.15 -4.53
C ASN A 83 -3.34 4.79 -3.38
N VAL A 84 -2.86 5.95 -2.95
CA VAL A 84 -3.46 6.65 -1.83
C VAL A 84 -4.66 7.47 -2.28
N ASP A 85 -5.83 6.93 -1.97
CA ASP A 85 -7.13 7.56 -2.24
C ASP A 85 -7.35 7.84 -3.73
N PRO A 86 -7.92 6.86 -4.44
CA PRO A 86 -8.21 6.96 -5.87
C PRO A 86 -9.35 7.93 -6.17
N GLU A 87 -10.06 8.34 -5.11
CA GLU A 87 -11.19 9.24 -5.24
C GLU A 87 -10.73 10.69 -5.12
N ASN A 88 -9.44 10.85 -4.80
CA ASN A 88 -8.81 12.17 -4.70
C ASN A 88 -9.54 13.02 -3.67
N ALA A 89 -9.88 12.41 -2.55
CA ALA A 89 -10.55 13.12 -1.45
C ALA A 89 -9.58 14.09 -0.79
N VAL A 90 -8.29 13.78 -0.87
CA VAL A 90 -7.26 14.66 -0.35
C VAL A 90 -6.47 15.27 -1.51
N ASN A 91 -6.44 16.59 -1.56
CA ASN A 91 -5.66 17.29 -2.59
C ASN A 91 -4.19 17.34 -2.17
N GLU A 92 -3.30 16.97 -3.07
CA GLU A 92 -1.90 16.84 -2.73
C GLU A 92 -1.01 17.65 -3.66
N GLY A 93 0.21 17.92 -3.19
CA GLY A 93 1.23 18.59 -3.99
C GLY A 93 1.58 17.85 -5.27
N ASN A 94 2.71 17.12 -5.23
CA ASN A 94 3.24 16.40 -6.38
C ASN A 94 2.21 15.38 -6.92
N GLU A 95 2.39 14.95 -8.17
CA GLU A 95 1.43 14.05 -8.81
C GLU A 95 2.00 12.63 -8.94
N SER A 96 3.20 12.43 -8.42
CA SER A 96 3.84 11.12 -8.48
C SER A 96 4.26 10.66 -7.09
N ASN A 97 3.56 11.17 -6.08
CA ASN A 97 3.93 10.90 -4.70
C ASN A 97 3.07 9.80 -4.10
N ASN A 98 1.78 9.81 -4.42
CA ASN A 98 0.80 8.96 -3.74
C ASN A 98 0.76 7.55 -4.33
N THR A 99 1.70 7.22 -5.17
CA THR A 99 1.75 5.91 -5.79
C THR A 99 3.04 5.18 -5.42
N LEU A 100 2.95 3.86 -5.37
CA LEU A 100 4.09 3.01 -5.07
C LEU A 100 3.96 1.69 -5.81
N THR A 101 4.75 1.51 -6.83
CA THR A 101 4.74 0.27 -7.59
C THR A 101 5.81 -0.68 -7.04
N ALA A 102 5.38 -1.61 -6.21
CA ALA A 102 6.28 -2.58 -5.61
C ALA A 102 6.06 -3.96 -6.20
N LEU A 103 7.08 -4.50 -6.83
CA LEU A 103 7.00 -5.82 -7.41
C LEU A 103 7.22 -6.86 -6.34
N VAL A 104 6.18 -7.60 -6.01
CA VAL A 104 6.27 -8.62 -4.97
C VAL A 104 6.34 -9.99 -5.61
N GLY A 105 6.76 -10.98 -4.85
CA GLY A 105 6.88 -12.30 -5.39
C GLY A 105 6.25 -13.33 -4.49
N THR A 106 6.07 -14.53 -5.01
CA THR A 106 5.62 -15.65 -4.21
C THR A 106 6.81 -16.28 -3.51
N LEU A 107 6.68 -16.50 -2.20
CA LEU A 107 7.77 -16.99 -1.38
C LEU A 107 8.34 -18.28 -1.95
N GLU A 108 9.61 -18.23 -2.34
CA GLU A 108 10.25 -19.36 -2.96
C GLU A 108 10.49 -20.48 -1.95
N HIS A 109 10.59 -20.11 -0.68
CA HIS A 109 10.61 -21.09 0.39
C HIS A 109 9.25 -21.76 0.50
N HIS A 110 9.21 -23.05 0.25
CA HIS A 110 7.96 -23.78 0.26
C HIS A 110 7.89 -24.70 1.47
N HIS A 111 7.34 -24.18 2.56
CA HIS A 111 7.20 -24.95 3.78
C HIS A 111 5.75 -24.95 4.24
N HIS A 112 5.11 -26.09 4.14
CA HIS A 112 3.77 -26.26 4.68
C HIS A 112 3.89 -26.78 6.10
N HIS A 113 4.13 -28.07 6.23
CA HIS A 113 4.40 -28.68 7.53
C HIS A 113 5.51 -29.70 7.38
N HIS A 114 6.29 -29.53 6.32
CA HIS A 114 7.42 -30.38 6.02
C HIS A 114 8.54 -29.56 5.42
N MET A 1 1.74 24.88 3.00
CA MET A 1 1.25 23.82 3.91
C MET A 1 0.28 22.90 3.16
N ILE A 2 0.82 21.83 2.60
CA ILE A 2 0.01 20.88 1.86
C ILE A 2 0.44 19.46 2.23
N PRO A 3 -0.49 18.51 2.31
CA PRO A 3 -0.16 17.11 2.58
C PRO A 3 0.58 16.48 1.41
N ASP A 4 1.34 15.45 1.70
CA ASP A 4 2.04 14.70 0.66
C ASP A 4 2.13 13.24 1.08
N LEU A 5 1.01 12.54 0.93
CA LEU A 5 0.89 11.15 1.34
C LEU A 5 1.66 10.24 0.39
N VAL A 6 2.82 9.78 0.83
CA VAL A 6 3.68 8.95 0.02
C VAL A 6 3.80 7.55 0.60
N PRO A 7 3.43 6.52 -0.16
CA PRO A 7 3.67 5.14 0.22
C PRO A 7 5.12 4.77 -0.08
N VAL A 8 5.93 4.63 0.95
CA VAL A 8 7.36 4.45 0.78
C VAL A 8 7.76 2.97 0.75
N SER A 9 6.98 2.13 1.42
CA SER A 9 7.34 0.72 1.52
C SER A 9 6.10 -0.18 1.54
N LEU A 10 6.25 -1.35 0.93
CA LEU A 10 5.22 -2.38 0.96
C LEU A 10 5.85 -3.71 1.37
N THR A 11 5.52 -4.17 2.56
CA THR A 11 6.09 -5.40 3.08
C THR A 11 4.98 -6.34 3.57
N PRO A 12 5.19 -7.66 3.49
CA PRO A 12 6.43 -8.26 3.02
C PRO A 12 6.56 -8.23 1.49
N VAL A 13 7.79 -8.24 1.01
CA VAL A 13 8.05 -8.27 -0.42
C VAL A 13 7.89 -9.68 -0.98
N THR A 14 7.69 -10.64 -0.10
CA THR A 14 7.49 -12.01 -0.50
C THR A 14 6.26 -12.59 0.19
N VAL A 15 5.33 -13.13 -0.60
CA VAL A 15 4.05 -13.57 -0.08
C VAL A 15 3.79 -15.05 -0.34
N VAL A 16 2.91 -15.65 0.46
CA VAL A 16 2.55 -17.04 0.29
C VAL A 16 1.52 -17.18 -0.83
N PRO A 17 1.83 -17.95 -1.88
CA PRO A 17 1.00 -18.05 -3.09
C PRO A 17 -0.26 -18.89 -2.92
N ASN A 18 -1.12 -18.50 -1.97
CA ASN A 18 -2.42 -19.16 -1.79
C ASN A 18 -3.24 -18.48 -0.70
N THR A 19 -2.68 -18.40 0.49
CA THR A 19 -3.40 -17.90 1.66
C THR A 19 -3.46 -16.38 1.68
N VAL A 20 -4.13 -15.83 2.69
CA VAL A 20 -4.24 -14.39 2.85
C VAL A 20 -2.97 -13.84 3.50
N ASN A 21 -2.34 -12.90 2.83
CA ASN A 21 -1.12 -12.30 3.33
C ASN A 21 -1.41 -10.94 3.93
N THR A 22 -0.83 -10.68 5.10
CA THR A 22 -0.99 -9.40 5.76
C THR A 22 0.00 -8.40 5.20
N MET A 23 -0.48 -7.58 4.27
CA MET A 23 0.38 -6.62 3.59
C MET A 23 0.37 -5.30 4.32
N THR A 24 1.55 -4.75 4.54
CA THR A 24 1.69 -3.51 5.27
C THR A 24 2.28 -2.42 4.38
N ALA A 25 1.51 -1.38 4.14
CA ALA A 25 1.96 -0.25 3.34
C ALA A 25 2.28 0.94 4.23
N THR A 26 3.52 1.38 4.18
CA THR A 26 3.96 2.50 5.00
C THR A 26 3.67 3.82 4.30
N ILE A 27 2.73 4.57 4.84
CA ILE A 27 2.35 5.85 4.26
C ILE A 27 2.96 7.00 5.04
N GLU A 28 3.83 7.73 4.39
CA GLU A 28 4.51 8.87 5.00
C GLU A 28 3.89 10.17 4.53
N ASN A 29 3.59 11.07 5.46
CA ASN A 29 3.13 12.40 5.07
C ASN A 29 4.34 13.33 4.92
N GLN A 30 4.74 13.57 3.69
CA GLN A 30 5.91 14.39 3.41
C GLN A 30 5.53 15.84 3.19
N GLY A 31 4.51 16.30 3.88
CA GLY A 31 4.04 17.66 3.72
C GLY A 31 3.55 18.27 5.02
N ASN A 32 3.36 19.58 5.02
CA ASN A 32 3.03 20.29 6.25
C ASN A 32 1.52 20.53 6.35
N LYS A 33 0.76 19.45 6.24
CA LYS A 33 -0.67 19.52 6.48
C LYS A 33 -1.22 18.12 6.75
N ASP A 34 -2.20 18.05 7.62
CA ASP A 34 -2.79 16.77 8.00
C ASP A 34 -3.94 16.44 7.07
N SER A 35 -3.94 15.23 6.53
CA SER A 35 -4.97 14.81 5.61
C SER A 35 -6.18 14.28 6.37
N THR A 36 -7.36 14.36 5.77
CA THR A 36 -8.56 13.83 6.37
C THR A 36 -8.68 12.33 6.04
N SER A 37 -9.85 11.75 6.30
CA SER A 37 -10.07 10.34 6.01
C SER A 37 -9.90 10.07 4.51
N PHE A 38 -8.88 9.32 4.17
CA PHE A 38 -8.58 9.01 2.78
C PHE A 38 -8.53 7.50 2.57
N ASN A 39 -8.80 7.09 1.35
CA ASN A 39 -8.86 5.66 1.03
C ASN A 39 -7.58 5.18 0.37
N VAL A 40 -6.82 4.35 1.07
CA VAL A 40 -5.61 3.78 0.51
C VAL A 40 -5.92 2.37 0.01
N SER A 41 -5.73 2.17 -1.29
CA SER A 41 -6.09 0.91 -1.93
C SER A 41 -4.86 0.18 -2.43
N LEU A 42 -4.85 -1.14 -2.23
CA LEU A 42 -3.80 -1.98 -2.77
C LEU A 42 -4.26 -2.61 -4.06
N LEU A 43 -3.66 -2.20 -5.16
CA LEU A 43 -4.02 -2.73 -6.46
C LEU A 43 -3.07 -3.86 -6.87
N VAL A 44 -3.63 -4.88 -7.49
CA VAL A 44 -2.87 -5.96 -8.06
C VAL A 44 -3.20 -6.07 -9.55
N ASP A 45 -2.23 -5.74 -10.40
CA ASP A 45 -2.40 -5.70 -11.85
C ASP A 45 -3.35 -4.58 -12.25
N GLY A 46 -4.63 -4.77 -11.98
CA GLY A 46 -5.62 -3.77 -12.26
C GLY A 46 -6.83 -3.87 -11.34
N ILE A 47 -6.72 -4.72 -10.32
CA ILE A 47 -7.82 -4.93 -9.38
C ILE A 47 -7.45 -4.35 -8.03
N VAL A 48 -8.45 -3.93 -7.28
CA VAL A 48 -8.23 -3.48 -5.91
C VAL A 48 -8.59 -4.61 -4.96
N VAL A 49 -7.58 -5.23 -4.37
CA VAL A 49 -7.81 -6.39 -3.52
C VAL A 49 -8.33 -5.98 -2.14
N ASP A 50 -7.88 -4.82 -1.67
CA ASP A 50 -8.30 -4.33 -0.35
C ASP A 50 -8.06 -2.83 -0.26
N THR A 51 -9.04 -2.12 0.28
CA THR A 51 -8.94 -0.69 0.50
C THR A 51 -9.12 -0.37 1.97
N GLN A 52 -8.17 0.34 2.55
CA GLN A 52 -8.27 0.72 3.95
C GLN A 52 -8.52 2.21 4.08
N THR A 53 -9.61 2.56 4.74
CA THR A 53 -9.92 3.95 4.99
C THR A 53 -9.12 4.47 6.17
N VAL A 54 -8.10 5.25 5.89
CA VAL A 54 -7.27 5.83 6.94
C VAL A 54 -7.96 7.07 7.49
N THR A 55 -8.20 7.08 8.80
CA THR A 55 -8.97 8.14 9.43
C THR A 55 -8.37 9.52 9.15
N SER A 56 -7.04 9.61 9.24
CA SER A 56 -6.33 10.83 8.88
C SER A 56 -4.83 10.66 9.09
N LEU A 57 -4.02 11.13 8.15
CA LEU A 57 -2.59 11.09 8.32
C LEU A 57 -2.06 12.49 8.61
N GLU A 58 -1.63 12.68 9.83
CA GLU A 58 -1.15 13.98 10.29
C GLU A 58 0.12 14.39 9.56
N SER A 59 0.41 15.68 9.60
CA SER A 59 1.58 16.23 8.93
C SER A 59 2.87 15.64 9.48
N GLU A 60 3.68 15.08 8.58
CA GLU A 60 4.96 14.47 8.94
C GLU A 60 4.78 13.24 9.81
N ASN A 61 3.57 12.71 9.84
CA ASN A 61 3.27 11.51 10.61
C ASN A 61 3.35 10.29 9.71
N SER A 62 3.76 9.17 10.28
CA SER A 62 3.86 7.93 9.53
C SER A 62 2.80 6.94 10.00
N THR A 63 2.12 6.30 9.07
CA THR A 63 1.08 5.35 9.40
C THR A 63 1.12 4.13 8.49
N ASN A 64 1.13 2.95 9.11
CA ASN A 64 1.18 1.69 8.37
C ASN A 64 -0.22 1.20 8.05
N VAL A 65 -0.41 0.81 6.80
CA VAL A 65 -1.71 0.32 6.35
C VAL A 65 -1.76 -1.20 6.38
N ASP A 66 -2.84 -1.73 6.94
CA ASP A 66 -3.01 -3.16 7.10
C ASP A 66 -3.96 -3.71 6.05
N PHE A 67 -3.40 -4.40 5.07
CA PHE A 67 -4.19 -5.00 4.00
C PHE A 67 -4.36 -6.48 4.22
N HIS A 68 -5.51 -7.00 3.80
CA HIS A 68 -5.75 -8.44 3.85
C HIS A 68 -5.88 -8.99 2.45
N TRP A 69 -4.77 -9.44 1.90
CA TRP A 69 -4.73 -9.87 0.52
C TRP A 69 -4.82 -11.39 0.40
N THR A 70 -5.98 -11.85 -0.03
CA THR A 70 -6.18 -13.26 -0.35
C THR A 70 -5.49 -13.55 -1.68
N LEU A 71 -4.38 -14.29 -1.63
CA LEU A 71 -3.55 -14.51 -2.81
C LEU A 71 -4.33 -15.19 -3.93
N ASP A 72 -4.67 -16.46 -3.70
CA ASP A 72 -5.40 -17.28 -4.68
C ASP A 72 -4.49 -17.70 -5.85
N GLY A 73 -3.77 -16.74 -6.41
CA GLY A 73 -2.93 -17.01 -7.57
C GLY A 73 -1.67 -17.78 -7.22
N THR A 74 -0.80 -17.96 -8.22
CA THR A 74 0.41 -18.75 -8.05
C THR A 74 1.60 -18.13 -8.81
N ALA A 75 1.44 -16.89 -9.27
CA ALA A 75 2.49 -16.23 -10.02
C ALA A 75 3.65 -15.86 -9.08
N ASN A 76 4.87 -16.00 -9.57
CA ASN A 76 6.06 -15.78 -8.75
C ASN A 76 6.34 -14.29 -8.56
N SER A 77 5.57 -13.46 -9.25
CA SER A 77 5.77 -12.01 -9.17
C SER A 77 4.45 -11.29 -9.40
N TYR A 78 3.99 -10.58 -8.38
CA TYR A 78 2.78 -9.79 -8.49
C TYR A 78 3.10 -8.30 -8.43
N THR A 79 2.43 -7.54 -9.29
CA THR A 79 2.63 -6.10 -9.32
C THR A 79 1.62 -5.42 -8.42
N LEU A 80 2.03 -5.09 -7.21
CA LEU A 80 1.17 -4.45 -6.25
C LEU A 80 1.38 -2.94 -6.26
N THR A 81 0.30 -2.21 -6.24
CA THR A 81 0.35 -0.77 -6.32
C THR A 81 -0.50 -0.14 -5.22
N VAL A 82 0.14 0.60 -4.33
CA VAL A 82 -0.57 1.31 -3.29
C VAL A 82 -0.94 2.69 -3.80
N ASN A 83 -2.21 2.88 -4.14
CA ASN A 83 -2.67 4.18 -4.60
C ASN A 83 -3.35 4.91 -3.46
N VAL A 84 -2.80 6.04 -3.08
CA VAL A 84 -3.31 6.80 -1.96
C VAL A 84 -4.43 7.73 -2.39
N ASP A 85 -5.65 7.34 -2.00
CA ASP A 85 -6.88 8.08 -2.28
C ASP A 85 -7.13 8.21 -3.78
N PRO A 86 -7.77 7.19 -4.37
CA PRO A 86 -8.12 7.19 -5.79
C PRO A 86 -9.30 8.11 -6.08
N GLU A 87 -9.90 8.64 -5.04
CA GLU A 87 -11.00 9.57 -5.19
C GLU A 87 -10.49 10.99 -5.16
N ASN A 88 -9.32 11.15 -4.55
CA ASN A 88 -8.65 12.45 -4.42
C ASN A 88 -9.54 13.41 -3.63
N ALA A 89 -9.70 13.12 -2.35
CA ALA A 89 -10.49 13.96 -1.47
C ALA A 89 -9.58 14.98 -0.78
N VAL A 90 -8.32 14.59 -0.61
CA VAL A 90 -7.32 15.48 -0.05
C VAL A 90 -6.38 15.95 -1.16
N ASN A 91 -6.08 17.23 -1.18
CA ASN A 91 -5.17 17.78 -2.18
C ASN A 91 -3.73 17.56 -1.73
N GLU A 92 -3.03 16.70 -2.46
CA GLU A 92 -1.67 16.33 -2.12
C GLU A 92 -0.66 17.07 -2.97
N GLY A 93 0.61 16.90 -2.64
CA GLY A 93 1.70 17.44 -3.43
C GLY A 93 1.68 16.95 -4.86
N ASN A 94 2.53 15.97 -5.17
CA ASN A 94 2.58 15.43 -6.52
C ASN A 94 1.73 14.18 -6.61
N GLU A 95 0.94 14.05 -7.67
CA GLU A 95 0.12 12.86 -7.88
C GLU A 95 1.00 11.61 -8.00
N SER A 96 2.22 11.81 -8.49
CA SER A 96 3.18 10.72 -8.63
C SER A 96 3.59 10.19 -7.26
N ASN A 97 3.37 11.01 -6.24
CA ASN A 97 3.74 10.66 -4.87
C ASN A 97 2.68 9.76 -4.24
N ASN A 98 1.48 9.80 -4.79
CA ASN A 98 0.36 9.03 -4.26
C ASN A 98 0.44 7.56 -4.67
N THR A 99 1.42 7.24 -5.50
CA THR A 99 1.53 5.89 -6.04
C THR A 99 2.75 5.16 -5.45
N LEU A 100 2.67 3.84 -5.44
CA LEU A 100 3.77 2.99 -5.03
C LEU A 100 3.74 1.69 -5.83
N THR A 101 4.62 1.59 -6.80
CA THR A 101 4.72 0.38 -7.61
C THR A 101 5.71 -0.58 -6.98
N ALA A 102 5.19 -1.53 -6.21
CA ALA A 102 6.04 -2.47 -5.50
C ALA A 102 5.82 -3.87 -6.01
N LEU A 103 6.89 -4.48 -6.50
CA LEU A 103 6.84 -5.84 -6.97
C LEU A 103 7.05 -6.81 -5.82
N VAL A 104 6.07 -7.67 -5.62
CA VAL A 104 6.16 -8.64 -4.55
C VAL A 104 6.29 -10.03 -5.14
N GLY A 105 7.15 -10.83 -4.56
CA GLY A 105 7.41 -12.15 -5.08
C GLY A 105 6.81 -13.21 -4.18
N THR A 106 7.01 -14.46 -4.53
CA THR A 106 6.51 -15.54 -3.71
C THR A 106 7.49 -15.82 -2.58
N LEU A 107 6.96 -16.36 -1.49
CA LEU A 107 7.75 -16.71 -0.32
C LEU A 107 8.95 -17.56 -0.72
N GLU A 108 10.15 -17.04 -0.45
CA GLU A 108 11.39 -17.70 -0.83
C GLU A 108 11.47 -19.10 -0.22
N HIS A 109 11.27 -19.16 1.09
CA HIS A 109 11.34 -20.42 1.81
C HIS A 109 9.97 -21.10 1.80
N HIS A 110 9.89 -22.20 1.07
CA HIS A 110 8.63 -22.90 0.89
C HIS A 110 8.22 -23.67 2.14
N HIS A 111 7.13 -23.23 2.77
CA HIS A 111 6.52 -24.02 3.82
C HIS A 111 5.93 -25.26 3.20
N HIS A 112 5.07 -25.07 2.22
CA HIS A 112 4.63 -26.15 1.35
C HIS A 112 5.49 -26.10 0.10
N HIS A 113 6.35 -27.08 -0.06
CA HIS A 113 7.38 -27.07 -1.09
C HIS A 113 6.78 -27.02 -2.49
N HIS A 114 5.72 -27.79 -2.71
CA HIS A 114 5.03 -27.81 -3.99
C HIS A 114 3.64 -28.37 -3.80
N MET A 1 0.75 25.17 2.58
CA MET A 1 0.01 24.30 3.52
C MET A 1 -0.74 23.20 2.78
N ILE A 2 -0.04 22.13 2.46
CA ILE A 2 -0.66 21.01 1.77
C ILE A 2 -0.09 19.68 2.27
N PRO A 3 -0.92 18.65 2.42
CA PRO A 3 -0.47 17.29 2.69
C PRO A 3 0.24 16.70 1.48
N ASP A 4 1.21 15.83 1.72
CA ASP A 4 1.89 15.14 0.63
C ASP A 4 1.91 13.66 0.92
N LEU A 5 0.91 12.96 0.39
CA LEU A 5 0.71 11.56 0.69
C LEU A 5 1.71 10.69 -0.06
N VAL A 6 2.74 10.24 0.63
CA VAL A 6 3.77 9.41 0.03
C VAL A 6 3.66 7.97 0.50
N PRO A 7 3.27 7.05 -0.40
CA PRO A 7 3.36 5.62 -0.13
C PRO A 7 4.82 5.18 -0.19
N VAL A 8 5.39 4.97 0.98
CA VAL A 8 6.83 4.79 1.11
C VAL A 8 7.24 3.37 0.74
N SER A 9 6.60 2.38 1.33
CA SER A 9 6.94 1.00 1.06
C SER A 9 5.77 0.07 1.37
N LEU A 10 5.96 -1.21 1.08
CA LEU A 10 4.97 -2.24 1.28
C LEU A 10 5.65 -3.54 1.70
N THR A 11 5.55 -3.87 2.97
CA THR A 11 6.24 -5.02 3.50
C THR A 11 5.24 -6.10 3.94
N PRO A 12 5.61 -7.38 3.78
CA PRO A 12 6.87 -7.78 3.16
C PRO A 12 6.76 -7.85 1.64
N VAL A 13 7.89 -7.75 0.96
CA VAL A 13 7.92 -7.80 -0.51
C VAL A 13 7.95 -9.24 -1.00
N THR A 14 7.69 -10.18 -0.09
CA THR A 14 7.65 -11.59 -0.43
C THR A 14 6.63 -12.29 0.48
N VAL A 15 5.60 -12.90 -0.12
CA VAL A 15 4.45 -13.34 0.65
C VAL A 15 4.10 -14.80 0.38
N VAL A 16 3.47 -15.44 1.35
CA VAL A 16 3.06 -16.83 1.23
C VAL A 16 1.82 -16.93 0.34
N PRO A 17 1.85 -17.82 -0.67
CA PRO A 17 0.69 -18.09 -1.52
C PRO A 17 -0.35 -18.91 -0.78
N ASN A 18 -1.39 -19.32 -1.51
CA ASN A 18 -2.46 -20.21 -1.01
C ASN A 18 -3.10 -19.75 0.31
N THR A 19 -2.90 -18.49 0.68
CA THR A 19 -3.47 -17.98 1.92
C THR A 19 -3.75 -16.49 1.81
N VAL A 20 -4.48 -15.96 2.80
CA VAL A 20 -4.74 -14.55 2.89
C VAL A 20 -3.78 -13.93 3.87
N ASN A 21 -2.88 -13.11 3.38
CA ASN A 21 -1.84 -12.53 4.22
C ASN A 21 -2.18 -11.09 4.59
N THR A 22 -1.50 -10.60 5.61
CA THR A 22 -1.72 -9.25 6.08
C THR A 22 -0.48 -8.40 5.84
N MET A 23 -0.49 -7.68 4.73
CA MET A 23 0.67 -6.87 4.33
C MET A 23 0.53 -5.46 4.85
N THR A 24 1.66 -4.81 5.10
CA THR A 24 1.66 -3.49 5.70
C THR A 24 2.31 -2.46 4.77
N ALA A 25 1.52 -1.50 4.32
CA ALA A 25 2.02 -0.41 3.50
C ALA A 25 2.32 0.81 4.36
N THR A 26 3.48 1.41 4.13
CA THR A 26 3.89 2.58 4.88
C THR A 26 3.44 3.84 4.14
N ILE A 27 2.35 4.44 4.58
CA ILE A 27 1.89 5.69 3.99
C ILE A 27 2.35 6.85 4.85
N GLU A 28 3.27 7.65 4.34
CA GLU A 28 3.83 8.74 5.11
C GLU A 28 3.55 10.08 4.44
N ASN A 29 3.08 11.04 5.23
CA ASN A 29 2.76 12.38 4.74
C ASN A 29 3.99 13.26 4.78
N GLN A 30 4.48 13.65 3.62
CA GLN A 30 5.65 14.52 3.55
C GLN A 30 5.25 15.97 3.29
N GLY A 31 4.38 16.48 4.15
CA GLY A 31 3.88 17.83 3.96
C GLY A 31 3.68 18.53 5.29
N ASN A 32 3.08 19.71 5.25
CA ASN A 32 2.94 20.53 6.45
C ASN A 32 1.49 20.67 6.87
N LYS A 33 0.61 19.95 6.20
CA LYS A 33 -0.78 19.88 6.62
C LYS A 33 -1.17 18.43 6.87
N ASP A 34 -1.82 18.19 7.99
CA ASP A 34 -2.23 16.85 8.36
C ASP A 34 -3.42 16.42 7.51
N SER A 35 -3.36 15.23 6.97
CA SER A 35 -4.41 14.74 6.10
C SER A 35 -5.44 13.94 6.89
N THR A 36 -6.70 14.15 6.56
CA THR A 36 -7.80 13.48 7.23
C THR A 36 -8.04 12.09 6.63
N SER A 37 -9.20 11.49 6.94
CA SER A 37 -9.54 10.17 6.46
C SER A 37 -9.50 10.09 4.93
N PHE A 38 -8.66 9.19 4.42
CA PHE A 38 -8.50 9.02 2.98
C PHE A 38 -8.53 7.54 2.62
N ASN A 39 -8.94 7.23 1.40
CA ASN A 39 -9.09 5.85 0.97
C ASN A 39 -7.83 5.35 0.26
N VAL A 40 -7.16 4.39 0.86
CA VAL A 40 -5.99 3.78 0.26
C VAL A 40 -6.35 2.41 -0.30
N SER A 41 -6.06 2.22 -1.57
CA SER A 41 -6.42 0.97 -2.26
C SER A 41 -5.16 0.20 -2.65
N LEU A 42 -5.19 -1.10 -2.48
CA LEU A 42 -4.10 -1.94 -2.94
C LEU A 42 -4.49 -2.63 -4.23
N LEU A 43 -3.76 -2.33 -5.28
CA LEU A 43 -4.04 -2.92 -6.59
C LEU A 43 -2.99 -3.97 -6.92
N VAL A 44 -3.43 -5.08 -7.47
CA VAL A 44 -2.53 -6.08 -8.00
C VAL A 44 -2.47 -5.94 -9.52
N ASP A 45 -1.42 -5.29 -9.99
CA ASP A 45 -1.21 -4.98 -11.40
C ASP A 45 -2.23 -3.95 -11.87
N GLY A 46 -3.46 -4.38 -12.07
CA GLY A 46 -4.52 -3.47 -12.50
C GLY A 46 -5.82 -3.69 -11.75
N ILE A 47 -5.89 -4.75 -10.96
CA ILE A 47 -7.11 -5.08 -10.22
C ILE A 47 -6.99 -4.60 -8.78
N VAL A 48 -8.10 -4.23 -8.19
CA VAL A 48 -8.10 -3.78 -6.81
C VAL A 48 -8.51 -4.92 -5.88
N VAL A 49 -7.65 -5.28 -4.95
CA VAL A 49 -7.92 -6.40 -4.07
C VAL A 49 -8.34 -5.94 -2.68
N ASP A 50 -7.86 -4.76 -2.27
CA ASP A 50 -8.16 -4.24 -0.94
C ASP A 50 -8.32 -2.74 -0.99
N THR A 51 -9.15 -2.19 -0.11
CA THR A 51 -9.36 -0.76 -0.02
C THR A 51 -9.68 -0.38 1.41
N GLN A 52 -8.77 0.31 2.07
CA GLN A 52 -8.95 0.68 3.46
C GLN A 52 -9.06 2.19 3.61
N THR A 53 -9.99 2.63 4.44
CA THR A 53 -10.11 4.03 4.77
C THR A 53 -9.18 4.36 5.93
N VAL A 54 -8.10 5.06 5.64
CA VAL A 54 -7.15 5.44 6.67
C VAL A 54 -7.71 6.61 7.46
N THR A 55 -7.76 6.48 8.76
CA THR A 55 -8.45 7.43 9.61
C THR A 55 -7.81 8.82 9.54
N SER A 56 -6.49 8.87 9.48
CA SER A 56 -5.78 10.14 9.38
C SER A 56 -4.29 9.90 9.10
N LEU A 57 -3.62 10.92 8.62
CA LEU A 57 -2.18 10.85 8.40
C LEU A 57 -1.55 12.20 8.74
N GLU A 58 -0.73 12.20 9.77
CA GLU A 58 -0.17 13.42 10.33
C GLU A 58 1.01 13.93 9.52
N SER A 59 1.27 15.23 9.65
CA SER A 59 2.35 15.89 8.94
C SER A 59 3.70 15.28 9.28
N GLU A 60 4.37 14.76 8.25
CA GLU A 60 5.69 14.14 8.37
C GLU A 60 5.67 12.95 9.32
N ASN A 61 4.51 12.29 9.38
CA ASN A 61 4.39 11.03 10.11
C ASN A 61 3.83 9.97 9.18
N SER A 62 4.03 8.71 9.52
CA SER A 62 3.59 7.62 8.68
C SER A 62 2.48 6.83 9.34
N THR A 63 1.79 6.03 8.54
CA THR A 63 0.80 5.10 9.04
C THR A 63 0.98 3.74 8.39
N ASN A 64 1.13 2.72 9.22
CA ASN A 64 1.27 1.35 8.76
C ASN A 64 -0.09 0.76 8.42
N VAL A 65 -0.38 0.63 7.14
CA VAL A 65 -1.67 0.17 6.67
C VAL A 65 -1.65 -1.32 6.38
N ASP A 66 -2.42 -2.09 7.13
CA ASP A 66 -2.46 -3.54 6.95
C ASP A 66 -3.63 -3.96 6.08
N PHE A 67 -3.32 -4.58 4.95
CA PHE A 67 -4.34 -5.06 4.03
C PHE A 67 -4.51 -6.57 4.19
N HIS A 68 -5.48 -7.13 3.49
CA HIS A 68 -5.71 -8.56 3.50
C HIS A 68 -5.78 -9.08 2.07
N TRP A 69 -4.76 -9.82 1.66
CA TRP A 69 -4.65 -10.23 0.27
C TRP A 69 -4.63 -11.76 0.15
N THR A 70 -5.59 -12.27 -0.63
CA THR A 70 -5.69 -13.69 -0.88
C THR A 70 -4.82 -14.10 -2.06
N LEU A 71 -3.78 -14.90 -1.80
CA LEU A 71 -2.90 -15.34 -2.86
C LEU A 71 -3.51 -16.45 -3.68
N ASP A 72 -3.61 -16.21 -4.98
CA ASP A 72 -4.04 -17.23 -5.94
C ASP A 72 -2.83 -18.02 -6.40
N GLY A 73 -1.69 -17.34 -6.48
CA GLY A 73 -0.43 -18.01 -6.74
C GLY A 73 -0.18 -18.29 -8.20
N THR A 74 -0.89 -17.58 -9.08
CA THR A 74 -0.71 -17.77 -10.52
C THR A 74 0.65 -17.24 -10.96
N ALA A 75 1.02 -16.09 -10.42
CA ALA A 75 2.32 -15.50 -10.71
C ALA A 75 3.20 -15.58 -9.47
N ASN A 76 4.52 -15.53 -9.67
CA ASN A 76 5.46 -15.56 -8.56
C ASN A 76 5.89 -14.14 -8.21
N SER A 77 5.49 -13.21 -9.06
CA SER A 77 5.83 -11.81 -8.87
C SER A 77 4.61 -10.95 -9.18
N TYR A 78 4.04 -10.34 -8.15
CA TYR A 78 2.88 -9.51 -8.32
C TYR A 78 3.23 -8.04 -8.17
N THR A 79 2.65 -7.23 -9.04
CA THR A 79 2.90 -5.81 -9.03
C THR A 79 1.87 -5.12 -8.14
N LEU A 80 2.15 -5.09 -6.85
CA LEU A 80 1.22 -4.49 -5.91
C LEU A 80 1.39 -2.99 -5.89
N THR A 81 0.31 -2.31 -6.22
CA THR A 81 0.34 -0.88 -6.37
C THR A 81 -0.58 -0.21 -5.36
N VAL A 82 -0.01 0.58 -4.47
CA VAL A 82 -0.79 1.30 -3.49
C VAL A 82 -1.26 2.64 -4.06
N ASN A 83 -2.56 2.74 -4.31
CA ASN A 83 -3.13 4.00 -4.76
C ASN A 83 -3.69 4.77 -3.57
N VAL A 84 -3.14 5.94 -3.33
CA VAL A 84 -3.56 6.76 -2.21
C VAL A 84 -4.62 7.77 -2.64
N ASP A 85 -5.86 7.51 -2.21
CA ASP A 85 -7.01 8.38 -2.49
C ASP A 85 -7.35 8.40 -3.97
N PRO A 86 -8.32 7.55 -4.38
CA PRO A 86 -8.79 7.46 -5.75
C PRO A 86 -9.86 8.51 -6.05
N GLU A 87 -10.20 9.30 -5.05
CA GLU A 87 -11.22 10.32 -5.19
C GLU A 87 -10.58 11.71 -5.20
N ASN A 88 -9.32 11.76 -4.77
CA ASN A 88 -8.56 13.01 -4.69
C ASN A 88 -9.28 13.99 -3.78
N ALA A 89 -9.78 13.48 -2.67
CA ALA A 89 -10.51 14.28 -1.70
C ALA A 89 -9.53 15.03 -0.81
N VAL A 90 -8.36 14.43 -0.62
CA VAL A 90 -7.29 15.07 0.13
C VAL A 90 -6.28 15.66 -0.85
N ASN A 91 -5.94 16.92 -0.66
CA ASN A 91 -4.97 17.58 -1.52
C ASN A 91 -3.57 17.08 -1.23
N GLU A 92 -2.82 16.75 -2.27
CA GLU A 92 -1.47 16.25 -2.14
C GLU A 92 -0.49 17.02 -3.01
N GLY A 93 0.79 16.85 -2.70
CA GLY A 93 1.86 17.39 -3.52
C GLY A 93 1.81 16.92 -4.96
N ASN A 94 2.66 15.96 -5.28
CA ASN A 94 2.73 15.40 -6.63
C ASN A 94 1.76 14.24 -6.78
N GLU A 95 0.90 14.31 -7.79
CA GLU A 95 -0.17 13.34 -7.98
C GLU A 95 0.35 12.02 -8.55
N SER A 96 1.59 12.00 -9.03
CA SER A 96 2.19 10.77 -9.48
C SER A 96 2.97 10.13 -8.32
N ASN A 97 3.05 10.87 -7.21
CA ASN A 97 3.78 10.42 -6.04
C ASN A 97 2.89 9.56 -5.14
N ASN A 98 1.57 9.71 -5.29
CA ASN A 98 0.62 9.00 -4.42
C ASN A 98 0.53 7.53 -4.81
N THR A 99 1.24 7.14 -5.86
CA THR A 99 1.24 5.77 -6.31
C THR A 99 2.51 5.06 -5.86
N LEU A 100 2.41 3.77 -5.63
CA LEU A 100 3.55 2.98 -5.18
C LEU A 100 3.60 1.67 -5.93
N THR A 101 4.61 1.52 -6.77
CA THR A 101 4.80 0.29 -7.52
C THR A 101 5.68 -0.67 -6.74
N ALA A 102 5.06 -1.50 -5.91
CA ALA A 102 5.80 -2.42 -5.06
C ALA A 102 5.75 -3.82 -5.64
N LEU A 103 6.89 -4.31 -6.09
CA LEU A 103 6.97 -5.65 -6.63
C LEU A 103 7.16 -6.66 -5.51
N VAL A 104 6.19 -7.53 -5.37
CA VAL A 104 6.20 -8.51 -4.31
C VAL A 104 6.21 -9.92 -4.89
N GLY A 105 7.03 -10.78 -4.34
CA GLY A 105 7.15 -12.12 -4.85
C GLY A 105 6.61 -13.15 -3.90
N THR A 106 6.55 -14.40 -4.34
CA THR A 106 6.11 -15.45 -3.46
C THR A 106 7.22 -15.86 -2.51
N LEU A 107 6.85 -16.08 -1.25
CA LEU A 107 7.81 -16.32 -0.19
C LEU A 107 8.62 -17.58 -0.41
N GLU A 108 9.89 -17.38 -0.77
CA GLU A 108 10.83 -18.47 -0.91
C GLU A 108 11.99 -18.25 0.04
N HIS A 109 11.88 -18.78 1.25
CA HIS A 109 12.93 -18.65 2.24
C HIS A 109 14.17 -19.39 1.81
N HIS A 110 15.19 -18.65 1.41
CA HIS A 110 16.46 -19.24 1.03
C HIS A 110 17.18 -19.69 2.28
N HIS A 111 17.18 -20.98 2.51
CA HIS A 111 17.65 -21.53 3.77
C HIS A 111 19.16 -21.63 3.82
N HIS A 112 19.71 -21.30 4.98
CA HIS A 112 21.15 -21.36 5.19
C HIS A 112 21.48 -22.68 5.88
N HIS A 113 22.25 -23.53 5.21
CA HIS A 113 22.52 -24.88 5.71
C HIS A 113 23.23 -24.83 7.06
N HIS A 114 24.27 -24.01 7.17
CA HIS A 114 24.93 -23.78 8.44
C HIS A 114 25.57 -22.40 8.44
N MET A 1 0.25 25.42 3.35
CA MET A 1 0.18 24.13 4.07
C MET A 1 -0.60 23.11 3.26
N ILE A 2 0.09 22.08 2.80
CA ILE A 2 -0.54 21.04 2.00
C ILE A 2 0.08 19.67 2.33
N PRO A 3 -0.75 18.62 2.43
CA PRO A 3 -0.26 17.26 2.65
C PRO A 3 0.46 16.70 1.44
N ASP A 4 1.27 15.68 1.67
CA ASP A 4 1.99 14.99 0.62
C ASP A 4 2.05 13.51 0.96
N LEU A 5 1.05 12.75 0.51
CA LEU A 5 0.87 11.39 0.96
C LEU A 5 1.71 10.43 0.12
N VAL A 6 2.74 9.88 0.72
CA VAL A 6 3.69 9.05 0.02
C VAL A 6 3.65 7.61 0.52
N PRO A 7 3.16 6.69 -0.33
CA PRO A 7 3.32 5.26 -0.08
C PRO A 7 4.79 4.87 -0.23
N VAL A 8 5.45 4.71 0.91
CA VAL A 8 6.89 4.56 0.95
C VAL A 8 7.32 3.15 0.57
N SER A 9 6.77 2.17 1.30
CA SER A 9 7.17 0.80 1.12
C SER A 9 6.00 -0.15 1.35
N LEU A 10 6.14 -1.38 0.89
CA LEU A 10 5.11 -2.38 1.00
C LEU A 10 5.71 -3.69 1.48
N THR A 11 5.49 -4.02 2.74
CA THR A 11 6.07 -5.21 3.34
C THR A 11 5.00 -6.29 3.57
N PRO A 12 5.36 -7.56 3.38
CA PRO A 12 6.68 -7.94 2.89
C PRO A 12 6.75 -7.93 1.36
N VAL A 13 7.95 -7.82 0.82
CA VAL A 13 8.15 -7.83 -0.62
C VAL A 13 8.19 -9.26 -1.14
N THR A 14 7.93 -10.20 -0.25
CA THR A 14 7.84 -11.61 -0.60
C THR A 14 6.81 -12.28 0.31
N VAL A 15 5.74 -12.79 -0.28
CA VAL A 15 4.60 -13.28 0.48
C VAL A 15 4.43 -14.79 0.35
N VAL A 16 3.86 -15.40 1.38
CA VAL A 16 3.62 -16.84 1.38
C VAL A 16 2.18 -17.11 0.97
N PRO A 17 1.97 -17.77 -0.17
CA PRO A 17 0.62 -18.09 -0.65
C PRO A 17 -0.12 -19.05 0.28
N ASN A 18 -1.32 -19.47 -0.16
CA ASN A 18 -2.14 -20.45 0.57
C ASN A 18 -2.77 -19.85 1.81
N THR A 19 -2.82 -18.53 1.89
CA THR A 19 -3.36 -17.85 3.05
C THR A 19 -3.66 -16.38 2.73
N VAL A 20 -4.41 -15.72 3.61
CA VAL A 20 -4.62 -14.29 3.48
C VAL A 20 -3.48 -13.56 4.16
N ASN A 21 -2.65 -12.93 3.36
CA ASN A 21 -1.44 -12.28 3.84
C ASN A 21 -1.71 -10.88 4.32
N THR A 22 -1.33 -10.61 5.56
CA THR A 22 -1.38 -9.26 6.09
C THR A 22 -0.19 -8.46 5.58
N MET A 23 -0.45 -7.56 4.66
CA MET A 23 0.61 -6.74 4.10
C MET A 23 0.54 -5.33 4.66
N THR A 24 1.70 -4.75 4.87
CA THR A 24 1.81 -3.45 5.50
C THR A 24 2.37 -2.41 4.53
N ALA A 25 1.52 -1.47 4.15
CA ALA A 25 1.96 -0.35 3.33
C ALA A 25 2.22 0.86 4.22
N THR A 26 3.45 1.33 4.24
CA THR A 26 3.81 2.46 5.07
C THR A 26 3.57 3.76 4.32
N ILE A 27 2.54 4.48 4.72
CA ILE A 27 2.18 5.74 4.09
C ILE A 27 2.64 6.90 4.95
N GLU A 28 3.58 7.68 4.44
CA GLU A 28 4.05 8.85 5.15
C GLU A 28 3.48 10.12 4.55
N ASN A 29 3.00 11.00 5.40
CA ASN A 29 2.55 12.31 4.95
C ASN A 29 3.72 13.28 5.02
N GLN A 30 4.43 13.40 3.92
CA GLN A 30 5.61 14.23 3.86
C GLN A 30 5.24 15.66 3.51
N GLY A 31 4.31 16.20 4.27
CA GLY A 31 3.85 17.55 4.07
C GLY A 31 3.56 18.22 5.40
N ASN A 32 3.52 19.54 5.41
CA ASN A 32 3.41 20.28 6.67
C ASN A 32 1.97 20.42 7.12
N LYS A 33 1.03 19.88 6.36
CA LYS A 33 -0.37 19.89 6.75
C LYS A 33 -0.85 18.48 7.04
N ASP A 34 -1.72 18.33 8.01
CA ASP A 34 -2.31 17.04 8.33
C ASP A 34 -3.35 16.69 7.27
N SER A 35 -3.52 15.41 7.00
CA SER A 35 -4.46 14.97 5.99
C SER A 35 -5.67 14.28 6.63
N THR A 36 -6.84 14.54 6.07
CA THR A 36 -8.09 13.97 6.57
C THR A 36 -8.23 12.50 6.16
N SER A 37 -9.44 11.96 6.27
CA SER A 37 -9.69 10.57 5.93
C SER A 37 -9.48 10.32 4.45
N PHE A 38 -8.69 9.30 4.13
CA PHE A 38 -8.42 8.96 2.74
C PHE A 38 -8.39 7.44 2.57
N ASN A 39 -8.70 6.98 1.36
CA ASN A 39 -8.82 5.54 1.10
C ASN A 39 -7.60 5.02 0.36
N VAL A 40 -6.83 4.17 0.99
CA VAL A 40 -5.66 3.59 0.36
C VAL A 40 -5.99 2.20 -0.16
N SER A 41 -5.80 2.01 -1.46
CA SER A 41 -6.19 0.78 -2.12
C SER A 41 -4.96 0.04 -2.65
N LEU A 42 -5.00 -1.28 -2.57
CA LEU A 42 -3.94 -2.11 -3.11
C LEU A 42 -4.38 -2.72 -4.43
N LEU A 43 -3.78 -2.27 -5.51
CA LEU A 43 -4.11 -2.77 -6.83
C LEU A 43 -3.10 -3.82 -7.27
N VAL A 44 -3.57 -5.05 -7.42
CA VAL A 44 -2.71 -6.14 -7.86
C VAL A 44 -2.88 -6.36 -9.35
N ASP A 45 -1.89 -5.94 -10.12
CA ASP A 45 -1.86 -6.12 -11.57
C ASP A 45 -3.06 -5.44 -12.24
N GLY A 46 -3.67 -4.49 -11.55
CA GLY A 46 -4.78 -3.75 -12.13
C GLY A 46 -6.03 -3.84 -11.29
N ILE A 47 -6.24 -4.98 -10.64
CA ILE A 47 -7.45 -5.20 -9.86
C ILE A 47 -7.24 -4.78 -8.42
N VAL A 48 -8.30 -4.35 -7.76
CA VAL A 48 -8.20 -3.92 -6.37
C VAL A 48 -8.59 -5.05 -5.43
N VAL A 49 -7.65 -5.48 -4.60
CA VAL A 49 -7.90 -6.59 -3.70
C VAL A 49 -8.30 -6.11 -2.31
N ASP A 50 -7.93 -4.89 -1.96
CA ASP A 50 -8.25 -4.35 -0.65
C ASP A 50 -8.32 -2.83 -0.70
N THR A 51 -9.26 -2.28 0.04
CA THR A 51 -9.43 -0.83 0.12
C THR A 51 -9.59 -0.42 1.58
N GLN A 52 -8.58 0.23 2.12
CA GLN A 52 -8.56 0.60 3.52
C GLN A 52 -8.72 2.10 3.67
N THR A 53 -9.51 2.52 4.64
CA THR A 53 -9.76 3.94 4.86
C THR A 53 -9.01 4.44 6.10
N VAL A 54 -8.00 5.26 5.88
CA VAL A 54 -7.25 5.87 6.96
C VAL A 54 -8.05 7.03 7.54
N THR A 55 -8.21 7.02 8.86
CA THR A 55 -8.99 8.05 9.54
C THR A 55 -8.40 9.44 9.33
N SER A 56 -7.07 9.54 9.40
CA SER A 56 -6.38 10.82 9.26
C SER A 56 -4.88 10.61 9.45
N LEU A 57 -4.10 11.12 8.51
CA LEU A 57 -2.66 11.01 8.59
C LEU A 57 -2.05 12.37 8.92
N GLU A 58 -1.39 12.45 10.07
CA GLU A 58 -0.82 13.70 10.55
C GLU A 58 0.41 14.10 9.76
N SER A 59 0.77 15.36 9.87
CA SER A 59 1.93 15.92 9.20
C SER A 59 3.21 15.23 9.66
N GLU A 60 3.96 14.70 8.69
CA GLU A 60 5.22 14.02 8.93
C GLU A 60 5.06 12.81 9.83
N ASN A 61 3.88 12.19 9.78
CA ASN A 61 3.64 10.94 10.51
C ASN A 61 3.53 9.80 9.51
N SER A 62 3.78 8.59 9.97
CA SER A 62 3.71 7.41 9.13
C SER A 62 2.57 6.50 9.60
N THR A 63 1.68 6.16 8.69
CA THR A 63 0.60 5.23 8.99
C THR A 63 0.78 3.93 8.21
N ASN A 64 0.72 2.82 8.92
CA ASN A 64 0.83 1.52 8.30
C ASN A 64 -0.55 1.02 7.90
N VAL A 65 -0.68 0.61 6.65
CA VAL A 65 -1.95 0.15 6.13
C VAL A 65 -2.05 -1.36 6.22
N ASP A 66 -3.09 -1.83 6.89
CA ASP A 66 -3.31 -3.26 7.08
C ASP A 66 -4.08 -3.84 5.88
N PHE A 67 -3.35 -4.44 4.96
CA PHE A 67 -3.95 -5.03 3.77
C PHE A 67 -4.23 -6.52 3.98
N HIS A 68 -5.36 -6.97 3.45
CA HIS A 68 -5.74 -8.37 3.56
C HIS A 68 -5.83 -8.98 2.17
N TRP A 69 -4.77 -9.64 1.76
CA TRP A 69 -4.70 -10.19 0.41
C TRP A 69 -4.66 -11.71 0.46
N THR A 70 -5.72 -12.32 -0.06
CA THR A 70 -5.80 -13.76 -0.15
C THR A 70 -4.99 -14.25 -1.35
N LEU A 71 -3.80 -14.78 -1.09
CA LEU A 71 -2.96 -15.31 -2.16
C LEU A 71 -3.66 -16.44 -2.88
N ASP A 72 -3.99 -16.20 -4.13
CA ASP A 72 -4.77 -17.16 -4.92
C ASP A 72 -3.88 -18.29 -5.44
N GLY A 73 -2.63 -17.97 -5.72
CA GLY A 73 -1.71 -18.96 -6.23
C GLY A 73 -0.26 -18.55 -6.05
N THR A 74 0.58 -18.94 -6.99
CA THR A 74 1.99 -18.59 -6.94
C THR A 74 2.47 -18.14 -8.32
N ALA A 75 2.26 -16.86 -8.61
CA ALA A 75 2.71 -16.28 -9.89
C ALA A 75 4.14 -15.79 -9.80
N ASN A 76 4.75 -15.98 -8.64
CA ASN A 76 6.14 -15.55 -8.38
C ASN A 76 6.25 -14.04 -8.20
N SER A 77 5.69 -13.28 -9.13
CA SER A 77 5.76 -11.83 -9.06
C SER A 77 4.39 -11.20 -9.30
N TYR A 78 3.95 -10.39 -8.36
CA TYR A 78 2.69 -9.67 -8.47
C TYR A 78 2.92 -8.17 -8.48
N THR A 79 2.13 -7.45 -9.25
CA THR A 79 2.27 -6.01 -9.35
C THR A 79 1.34 -5.32 -8.37
N LEU A 80 1.83 -5.08 -7.16
CA LEU A 80 1.03 -4.46 -6.13
C LEU A 80 1.24 -2.96 -6.12
N THR A 81 0.18 -2.23 -6.40
CA THR A 81 0.24 -0.80 -6.48
C THR A 81 -0.58 -0.16 -5.36
N VAL A 82 0.09 0.60 -4.52
CA VAL A 82 -0.59 1.33 -3.45
C VAL A 82 -1.00 2.71 -3.95
N ASN A 83 -2.26 2.86 -4.30
CA ASN A 83 -2.78 4.15 -4.73
C ASN A 83 -3.46 4.84 -3.57
N VAL A 84 -2.92 5.98 -3.17
CA VAL A 84 -3.43 6.71 -2.03
C VAL A 84 -4.63 7.57 -2.43
N ASP A 85 -5.81 7.10 -2.01
CA ASP A 85 -7.09 7.76 -2.27
C ASP A 85 -7.31 8.03 -3.75
N PRO A 86 -7.93 7.07 -4.44
CA PRO A 86 -8.22 7.19 -5.88
C PRO A 86 -9.08 8.41 -6.19
N GLU A 87 -9.92 8.80 -5.24
CA GLU A 87 -10.76 9.98 -5.37
C GLU A 87 -9.91 11.24 -5.29
N ASN A 88 -8.77 11.10 -4.61
CA ASN A 88 -7.84 12.21 -4.37
C ASN A 88 -8.57 13.35 -3.68
N ALA A 89 -9.35 13.00 -2.66
CA ALA A 89 -10.11 13.97 -1.89
C ALA A 89 -9.18 14.89 -1.13
N VAL A 90 -8.04 14.35 -0.73
CA VAL A 90 -7.02 15.14 -0.07
C VAL A 90 -6.12 15.78 -1.13
N ASN A 91 -6.00 17.09 -1.09
CA ASN A 91 -5.14 17.80 -2.03
C ASN A 91 -3.69 17.67 -1.61
N GLU A 92 -2.84 17.30 -2.56
CA GLU A 92 -1.46 17.00 -2.25
C GLU A 92 -0.50 17.85 -3.08
N GLY A 93 0.74 17.93 -2.61
CA GLY A 93 1.82 18.55 -3.35
C GLY A 93 2.05 17.91 -4.71
N ASN A 94 3.06 17.06 -4.78
CA ASN A 94 3.36 16.29 -5.99
C ASN A 94 2.14 15.46 -6.40
N GLU A 95 2.03 15.10 -7.67
CA GLU A 95 0.91 14.29 -8.12
C GLU A 95 1.33 12.83 -8.32
N SER A 96 2.61 12.62 -8.56
CA SER A 96 3.14 11.29 -8.81
C SER A 96 3.77 10.70 -7.55
N ASN A 97 3.37 11.23 -6.40
CA ASN A 97 3.91 10.82 -5.11
C ASN A 97 3.02 9.77 -4.45
N ASN A 98 1.72 9.89 -4.67
CA ASN A 98 0.72 9.12 -3.94
C ASN A 98 0.52 7.73 -4.55
N THR A 99 1.37 7.37 -5.48
CA THR A 99 1.29 6.06 -6.09
C THR A 99 2.57 5.26 -5.80
N LEU A 100 2.42 3.96 -5.68
CA LEU A 100 3.55 3.08 -5.41
C LEU A 100 3.36 1.75 -6.13
N THR A 101 4.02 1.62 -7.27
CA THR A 101 3.98 0.39 -8.03
C THR A 101 5.14 -0.50 -7.64
N ALA A 102 4.87 -1.54 -6.86
CA ALA A 102 5.92 -2.41 -6.37
C ALA A 102 5.63 -3.87 -6.70
N LEU A 103 6.66 -4.58 -7.11
CA LEU A 103 6.53 -6.00 -7.36
C LEU A 103 6.84 -6.78 -6.11
N VAL A 104 5.90 -7.62 -5.71
CA VAL A 104 6.11 -8.48 -4.57
C VAL A 104 6.27 -9.91 -5.04
N GLY A 105 7.15 -10.65 -4.40
CA GLY A 105 7.43 -11.99 -4.84
C GLY A 105 6.76 -13.01 -3.95
N THR A 106 6.72 -14.25 -4.41
CA THR A 106 6.23 -15.32 -3.59
C THR A 106 7.39 -15.96 -2.85
N LEU A 107 7.17 -16.32 -1.59
CA LEU A 107 8.24 -16.81 -0.73
C LEU A 107 8.91 -18.03 -1.35
N GLU A 108 10.24 -18.01 -1.33
CA GLU A 108 11.06 -19.08 -1.89
C GLU A 108 10.66 -20.45 -1.34
N HIS A 109 10.32 -20.50 -0.07
CA HIS A 109 10.03 -21.76 0.57
C HIS A 109 8.54 -21.98 0.79
N HIS A 110 7.92 -22.67 -0.16
CA HIS A 110 6.61 -23.26 0.06
C HIS A 110 6.75 -24.20 1.25
N HIS A 111 5.79 -24.17 2.18
CA HIS A 111 5.95 -24.82 3.50
C HIS A 111 6.56 -26.21 3.37
N HIS A 112 6.00 -27.03 2.49
CA HIS A 112 6.64 -28.26 2.09
C HIS A 112 7.01 -28.19 0.62
N HIS A 113 8.29 -28.04 0.33
CA HIS A 113 8.76 -27.90 -1.04
C HIS A 113 9.48 -29.16 -1.49
N HIS A 114 9.22 -29.58 -2.72
CA HIS A 114 9.89 -30.74 -3.29
C HIS A 114 11.23 -30.30 -3.88
N MET A 1 -1.10 25.52 2.70
CA MET A 1 -0.40 24.29 3.12
C MET A 1 -1.12 23.05 2.62
N ILE A 2 -0.39 22.22 1.89
CA ILE A 2 -0.94 21.01 1.32
C ILE A 2 -0.11 19.81 1.80
N PRO A 3 -0.73 18.64 2.02
CA PRO A 3 -0.03 17.44 2.44
C PRO A 3 0.83 16.85 1.32
N ASP A 4 1.56 15.78 1.63
CA ASP A 4 2.34 15.08 0.63
C ASP A 4 2.41 13.60 1.03
N LEU A 5 1.32 12.91 0.75
CA LEU A 5 1.17 11.50 1.10
C LEU A 5 1.99 10.62 0.18
N VAL A 6 3.04 10.05 0.72
CA VAL A 6 3.93 9.21 -0.05
C VAL A 6 3.95 7.79 0.52
N PRO A 7 3.58 6.79 -0.29
CA PRO A 7 3.70 5.40 0.10
C PRO A 7 5.17 4.99 0.05
N VAL A 8 5.73 4.75 1.22
CA VAL A 8 7.17 4.58 1.36
C VAL A 8 7.60 3.17 0.97
N SER A 9 7.03 2.18 1.64
CA SER A 9 7.44 0.80 1.43
C SER A 9 6.24 -0.13 1.55
N LEU A 10 6.43 -1.37 1.13
CA LEU A 10 5.38 -2.37 1.12
C LEU A 10 5.93 -3.71 1.59
N THR A 11 5.45 -4.17 2.74
CA THR A 11 5.88 -5.44 3.31
C THR A 11 4.68 -6.34 3.59
N PRO A 12 4.88 -7.66 3.67
CA PRO A 12 6.18 -8.29 3.45
C PRO A 12 6.58 -8.29 1.99
N VAL A 13 7.86 -8.44 1.72
CA VAL A 13 8.36 -8.44 0.35
C VAL A 13 8.09 -9.78 -0.31
N THR A 14 7.87 -10.79 0.51
CA THR A 14 7.50 -12.09 0.05
C THR A 14 6.21 -12.54 0.73
N VAL A 15 5.26 -13.01 -0.06
CA VAL A 15 3.95 -13.39 0.45
C VAL A 15 3.73 -14.90 0.32
N VAL A 16 3.02 -15.48 1.27
CA VAL A 16 2.83 -16.92 1.30
C VAL A 16 1.56 -17.32 0.55
N PRO A 17 1.69 -18.01 -0.59
CA PRO A 17 0.56 -18.56 -1.31
C PRO A 17 -0.02 -19.74 -0.55
N ASN A 18 -1.07 -19.47 0.20
CA ASN A 18 -1.59 -20.44 1.16
C ASN A 18 -2.84 -19.87 1.83
N THR A 19 -2.73 -18.62 2.24
CA THR A 19 -3.78 -17.97 2.98
C THR A 19 -3.79 -16.47 2.67
N VAL A 20 -4.58 -15.71 3.44
CA VAL A 20 -4.61 -14.27 3.29
C VAL A 20 -3.40 -13.64 3.95
N ASN A 21 -2.70 -12.81 3.21
CA ASN A 21 -1.52 -12.15 3.72
C ASN A 21 -1.86 -10.71 4.07
N THR A 22 -1.58 -10.32 5.31
CA THR A 22 -1.82 -8.97 5.74
C THR A 22 -0.69 -8.07 5.26
N MET A 23 -0.96 -7.30 4.23
CA MET A 23 0.07 -6.48 3.60
C MET A 23 0.18 -5.12 4.28
N THR A 24 1.40 -4.73 4.57
CA THR A 24 1.67 -3.49 5.27
C THR A 24 2.23 -2.44 4.31
N ALA A 25 1.42 -1.43 4.02
CA ALA A 25 1.86 -0.31 3.22
C ALA A 25 2.16 0.88 4.12
N THR A 26 3.42 1.24 4.21
CA THR A 26 3.83 2.33 5.06
C THR A 26 3.63 3.66 4.34
N ILE A 27 2.61 4.40 4.74
CA ILE A 27 2.32 5.68 4.13
C ILE A 27 2.84 6.82 5.01
N GLU A 28 3.72 7.63 4.47
CA GLU A 28 4.29 8.73 5.24
C GLU A 28 3.83 10.06 4.67
N ASN A 29 3.42 10.96 5.55
CA ASN A 29 3.01 12.29 5.12
C ASN A 29 4.17 13.26 5.20
N GLN A 30 4.70 13.62 4.04
CA GLN A 30 5.88 14.46 3.97
C GLN A 30 5.52 15.81 3.35
N GLY A 31 4.57 16.51 3.96
CA GLY A 31 4.09 17.74 3.38
C GLY A 31 3.74 18.77 4.44
N ASN A 32 3.02 19.81 4.03
CA ASN A 32 2.82 20.98 4.89
C ASN A 32 1.53 20.89 5.70
N LYS A 33 0.82 19.78 5.62
CA LYS A 33 -0.44 19.65 6.33
C LYS A 33 -0.77 18.19 6.59
N ASP A 34 -1.47 17.92 7.68
CA ASP A 34 -1.93 16.58 8.01
C ASP A 34 -3.09 16.21 7.08
N SER A 35 -3.18 14.94 6.73
CA SER A 35 -4.23 14.49 5.84
C SER A 35 -5.44 14.00 6.63
N THR A 36 -6.62 14.17 6.05
CA THR A 36 -7.84 13.69 6.67
C THR A 36 -8.09 12.23 6.28
N SER A 37 -9.32 11.76 6.39
CA SER A 37 -9.63 10.38 6.04
C SER A 37 -9.51 10.18 4.53
N PHE A 38 -8.49 9.48 4.11
CA PHE A 38 -8.28 9.21 2.69
C PHE A 38 -8.32 7.72 2.43
N ASN A 39 -8.94 7.34 1.33
CA ASN A 39 -9.12 5.94 1.00
C ASN A 39 -7.93 5.45 0.18
N VAL A 40 -7.32 4.36 0.61
CA VAL A 40 -6.13 3.85 -0.04
C VAL A 40 -6.42 2.47 -0.63
N SER A 41 -5.93 2.25 -1.84
CA SER A 41 -6.26 1.03 -2.57
C SER A 41 -4.99 0.28 -2.99
N LEU A 42 -4.99 -1.03 -2.79
CA LEU A 42 -3.88 -1.86 -3.24
C LEU A 42 -4.23 -2.52 -4.57
N LEU A 43 -3.52 -2.12 -5.61
CA LEU A 43 -3.73 -2.67 -6.93
C LEU A 43 -2.73 -3.78 -7.20
N VAL A 44 -3.24 -4.97 -7.47
CA VAL A 44 -2.41 -6.08 -7.87
C VAL A 44 -2.56 -6.30 -9.36
N ASP A 45 -1.50 -5.96 -10.10
CA ASP A 45 -1.46 -6.09 -11.56
C ASP A 45 -2.31 -5.00 -12.22
N GLY A 46 -3.60 -5.05 -12.01
CA GLY A 46 -4.51 -4.06 -12.56
C GLY A 46 -5.86 -4.05 -11.88
N ILE A 47 -5.95 -4.70 -10.72
CA ILE A 47 -7.21 -4.76 -9.98
C ILE A 47 -6.96 -4.39 -8.53
N VAL A 48 -7.97 -3.85 -7.88
CA VAL A 48 -7.85 -3.46 -6.48
C VAL A 48 -8.34 -4.60 -5.60
N VAL A 49 -7.41 -5.43 -5.15
CA VAL A 49 -7.77 -6.65 -4.41
C VAL A 49 -8.31 -6.33 -3.01
N ASP A 50 -7.89 -5.20 -2.46
CA ASP A 50 -8.35 -4.78 -1.16
C ASP A 50 -8.18 -3.28 -0.99
N THR A 51 -9.02 -2.68 -0.16
CA THR A 51 -9.05 -1.23 -0.02
C THR A 51 -9.22 -0.86 1.46
N GLN A 52 -8.36 0.01 1.96
CA GLN A 52 -8.45 0.44 3.35
C GLN A 52 -8.46 1.97 3.41
N THR A 53 -9.39 2.51 4.18
CA THR A 53 -9.47 3.95 4.35
C THR A 53 -8.65 4.36 5.58
N VAL A 54 -7.69 5.25 5.37
CA VAL A 54 -6.87 5.74 6.48
C VAL A 54 -7.55 6.92 7.15
N THR A 55 -7.70 6.85 8.46
CA THR A 55 -8.46 7.84 9.22
C THR A 55 -7.84 9.23 9.12
N SER A 56 -6.53 9.31 9.27
CA SER A 56 -5.81 10.59 9.24
C SER A 56 -4.33 10.34 9.40
N LEU A 57 -3.53 10.86 8.48
CA LEU A 57 -2.09 10.70 8.56
C LEU A 57 -1.43 11.99 9.01
N GLU A 58 -0.89 11.95 10.21
CA GLU A 58 -0.22 13.09 10.81
C GLU A 58 1.03 13.47 10.03
N SER A 59 1.33 14.76 9.98
CA SER A 59 2.52 15.24 9.29
C SER A 59 3.76 14.73 9.99
N GLU A 60 4.74 14.30 9.19
CA GLU A 60 6.00 13.73 9.69
C GLU A 60 5.78 12.38 10.34
N ASN A 61 4.59 11.83 10.19
CA ASN A 61 4.28 10.52 10.74
C ASN A 61 4.02 9.53 9.62
N SER A 62 4.11 8.25 9.95
CA SER A 62 3.86 7.20 8.99
C SER A 62 2.78 6.25 9.49
N THR A 63 1.74 6.08 8.71
CA THR A 63 0.67 5.16 9.03
C THR A 63 0.80 3.90 8.20
N ASN A 64 0.88 2.75 8.86
CA ASN A 64 1.00 1.49 8.18
C ASN A 64 -0.39 0.96 7.84
N VAL A 65 -0.58 0.66 6.56
CA VAL A 65 -1.87 0.19 6.09
C VAL A 65 -1.86 -1.33 6.03
N ASP A 66 -2.94 -1.94 6.48
CA ASP A 66 -3.02 -3.40 6.51
C ASP A 66 -4.05 -3.88 5.50
N PHE A 67 -3.56 -4.38 4.38
CA PHE A 67 -4.43 -4.88 3.33
C PHE A 67 -4.69 -6.37 3.52
N HIS A 68 -5.89 -6.78 3.18
CA HIS A 68 -6.28 -8.17 3.30
C HIS A 68 -6.18 -8.83 1.93
N TRP A 69 -5.01 -9.35 1.61
CA TRP A 69 -4.76 -9.88 0.28
C TRP A 69 -4.67 -11.41 0.31
N THR A 70 -5.67 -12.04 -0.27
CA THR A 70 -5.70 -13.49 -0.37
C THR A 70 -4.83 -13.95 -1.54
N LEU A 71 -3.85 -14.80 -1.27
CA LEU A 71 -2.94 -15.24 -2.32
C LEU A 71 -3.46 -16.46 -3.05
N ASP A 72 -3.65 -16.30 -4.35
CA ASP A 72 -4.01 -17.42 -5.22
C ASP A 72 -2.74 -18.15 -5.65
N GLY A 73 -1.68 -17.40 -5.90
CA GLY A 73 -0.40 -17.99 -6.21
C GLY A 73 -0.20 -18.28 -7.68
N THR A 74 -0.90 -17.55 -8.53
CA THR A 74 -0.75 -17.72 -9.98
C THR A 74 0.66 -17.33 -10.43
N ALA A 75 1.09 -16.15 -10.02
CA ALA A 75 2.42 -15.67 -10.36
C ALA A 75 3.31 -15.63 -9.13
N ASN A 76 4.60 -15.87 -9.32
CA ASN A 76 5.53 -15.90 -8.19
C ASN A 76 5.96 -14.50 -7.81
N SER A 77 5.56 -13.52 -8.62
CA SER A 77 5.84 -12.13 -8.32
C SER A 77 4.73 -11.26 -8.88
N TYR A 78 4.14 -10.45 -8.01
CA TYR A 78 3.03 -9.59 -8.40
C TYR A 78 3.41 -8.13 -8.36
N THR A 79 2.69 -7.33 -9.13
CA THR A 79 2.90 -5.90 -9.17
C THR A 79 1.90 -5.23 -8.24
N LEU A 80 2.35 -4.91 -7.04
CA LEU A 80 1.47 -4.32 -6.05
C LEU A 80 1.63 -2.81 -6.04
N THR A 81 0.55 -2.12 -6.36
CA THR A 81 0.56 -0.68 -6.46
C THR A 81 -0.38 -0.07 -5.42
N VAL A 82 0.17 0.74 -4.53
CA VAL A 82 -0.63 1.40 -3.52
C VAL A 82 -1.01 2.79 -4.00
N ASN A 83 -2.28 3.00 -4.32
CA ASN A 83 -2.73 4.32 -4.75
C ASN A 83 -3.38 5.05 -3.60
N VAL A 84 -2.89 6.25 -3.32
CA VAL A 84 -3.35 7.04 -2.20
C VAL A 84 -4.38 8.07 -2.64
N ASP A 85 -5.62 7.86 -2.20
CA ASP A 85 -6.74 8.76 -2.47
C ASP A 85 -7.12 8.82 -3.94
N PRO A 86 -8.09 7.97 -4.35
CA PRO A 86 -8.68 8.02 -5.67
C PRO A 86 -10.05 8.70 -5.65
N GLU A 87 -10.30 9.48 -4.60
CA GLU A 87 -11.62 10.08 -4.40
C GLU A 87 -11.52 11.59 -4.18
N ASN A 88 -10.30 12.09 -4.04
CA ASN A 88 -10.05 13.49 -3.72
C ASN A 88 -10.69 13.84 -2.39
N ALA A 89 -10.46 12.99 -1.41
CA ALA A 89 -10.90 13.26 -0.05
C ALA A 89 -9.86 14.13 0.62
N VAL A 90 -8.61 13.84 0.29
CA VAL A 90 -7.50 14.69 0.66
C VAL A 90 -6.79 15.14 -0.61
N ASN A 91 -7.00 16.39 -0.97
CA ASN A 91 -6.42 16.91 -2.20
C ASN A 91 -4.94 17.20 -1.99
N GLU A 92 -4.10 16.33 -2.53
CA GLU A 92 -2.66 16.43 -2.38
C GLU A 92 -2.07 17.48 -3.32
N GLY A 93 -0.77 17.70 -3.18
CA GLY A 93 -0.03 18.54 -4.10
C GLY A 93 -0.16 18.04 -5.54
N ASN A 94 0.87 17.36 -6.01
CA ASN A 94 0.82 16.73 -7.32
C ASN A 94 0.23 15.32 -7.18
N GLU A 95 0.01 14.64 -8.29
CA GLU A 95 -0.52 13.28 -8.25
C GLU A 95 0.50 12.27 -8.79
N SER A 96 1.76 12.64 -8.72
CA SER A 96 2.84 11.74 -9.11
C SER A 96 3.62 11.30 -7.88
N ASN A 97 3.01 11.45 -6.72
CA ASN A 97 3.63 11.12 -5.45
C ASN A 97 2.78 10.14 -4.66
N ASN A 98 1.49 10.14 -4.93
CA ASN A 98 0.53 9.36 -4.17
C ASN A 98 0.40 7.93 -4.69
N THR A 99 1.42 7.45 -5.37
CA THR A 99 1.39 6.11 -5.92
C THR A 99 2.71 5.38 -5.65
N LEU A 100 2.61 4.09 -5.41
CA LEU A 100 3.79 3.25 -5.16
C LEU A 100 3.66 1.93 -5.91
N THR A 101 4.54 1.71 -6.86
CA THR A 101 4.55 0.48 -7.63
C THR A 101 5.69 -0.41 -7.17
N ALA A 102 5.36 -1.43 -6.38
CA ALA A 102 6.38 -2.30 -5.82
C ALA A 102 6.14 -3.75 -6.22
N LEU A 103 7.20 -4.42 -6.61
CA LEU A 103 7.13 -5.83 -6.94
C LEU A 103 7.33 -6.68 -5.70
N VAL A 104 6.38 -7.56 -5.44
CA VAL A 104 6.49 -8.49 -4.33
C VAL A 104 6.61 -9.90 -4.89
N GLY A 105 7.20 -10.79 -4.12
CA GLY A 105 7.36 -12.16 -4.57
C GLY A 105 6.67 -13.13 -3.64
N THR A 106 6.60 -14.38 -4.05
CA THR A 106 6.06 -15.42 -3.18
C THR A 106 7.10 -15.79 -2.13
N LEU A 107 6.70 -16.56 -1.13
CA LEU A 107 7.60 -16.94 -0.07
C LEU A 107 8.67 -17.90 -0.59
N GLU A 108 9.81 -17.34 -0.97
CA GLU A 108 10.93 -18.11 -1.48
C GLU A 108 11.75 -18.69 -0.34
N HIS A 109 11.18 -18.68 0.85
CA HIS A 109 11.82 -19.27 2.02
C HIS A 109 11.62 -20.78 1.98
N HIS A 110 10.85 -21.24 0.99
CA HIS A 110 10.68 -22.67 0.75
C HIS A 110 11.67 -23.11 -0.32
N HIS A 111 12.38 -22.14 -0.89
CA HIS A 111 13.34 -22.39 -1.95
C HIS A 111 14.72 -22.63 -1.32
N HIS A 112 14.70 -23.15 -0.10
CA HIS A 112 15.92 -23.38 0.65
C HIS A 112 16.66 -24.59 0.11
N HIS A 113 17.84 -24.37 -0.46
CA HIS A 113 18.65 -25.46 -0.97
C HIS A 113 19.50 -26.02 0.16
N HIS A 114 20.53 -25.28 0.54
CA HIS A 114 21.38 -25.63 1.66
C HIS A 114 21.93 -24.37 2.28
N MET A 1 0.73 25.73 1.95
CA MET A 1 0.72 24.67 2.98
C MET A 1 -0.06 23.46 2.47
N ILE A 2 0.66 22.41 2.07
CA ILE A 2 0.04 21.24 1.46
C ILE A 2 0.72 19.97 1.99
N PRO A 3 -0.03 18.85 2.12
CA PRO A 3 0.54 17.57 2.56
C PRO A 3 1.33 16.89 1.45
N ASP A 4 1.77 15.67 1.73
CA ASP A 4 2.53 14.88 0.78
C ASP A 4 2.51 13.42 1.20
N LEU A 5 1.38 12.77 0.97
CA LEU A 5 1.17 11.38 1.36
C LEU A 5 2.02 10.45 0.50
N VAL A 6 3.11 9.96 1.06
CA VAL A 6 4.00 9.08 0.33
C VAL A 6 3.94 7.67 0.90
N PRO A 7 3.39 6.72 0.14
CA PRO A 7 3.49 5.30 0.45
C PRO A 7 4.94 4.86 0.39
N VAL A 8 5.47 4.48 1.53
CA VAL A 8 6.91 4.25 1.67
C VAL A 8 7.28 2.82 1.33
N SER A 9 6.70 1.88 2.05
CA SER A 9 7.06 0.49 1.90
C SER A 9 5.82 -0.41 1.89
N LEU A 10 5.97 -1.56 1.25
CA LEU A 10 4.92 -2.57 1.21
C LEU A 10 5.52 -3.92 1.59
N THR A 11 5.31 -4.31 2.83
CA THR A 11 5.91 -5.52 3.36
C THR A 11 4.81 -6.54 3.72
N PRO A 12 5.04 -7.84 3.47
CA PRO A 12 6.28 -8.34 2.90
C PRO A 12 6.34 -8.24 1.38
N VAL A 13 7.46 -7.75 0.88
CA VAL A 13 7.70 -7.67 -0.56
C VAL A 13 7.79 -9.07 -1.20
N THR A 14 7.89 -10.09 -0.38
CA THR A 14 7.89 -11.46 -0.86
C THR A 14 6.97 -12.31 0.02
N VAL A 15 5.94 -12.88 -0.59
CA VAL A 15 4.86 -13.53 0.15
C VAL A 15 4.84 -15.03 -0.10
N VAL A 16 4.10 -15.76 0.73
CA VAL A 16 3.99 -17.21 0.59
C VAL A 16 2.60 -17.56 0.08
N PRO A 17 2.52 -18.22 -1.10
CA PRO A 17 1.28 -18.86 -1.55
C PRO A 17 0.88 -19.95 -0.56
N ASN A 18 0.11 -19.54 0.43
CA ASN A 18 -0.15 -20.38 1.59
C ASN A 18 -1.42 -19.96 2.31
N THR A 19 -1.52 -18.68 2.59
CA THR A 19 -2.60 -18.16 3.39
C THR A 19 -2.86 -16.69 3.05
N VAL A 20 -3.68 -16.02 3.85
CA VAL A 20 -3.91 -14.60 3.69
C VAL A 20 -2.74 -13.82 4.25
N ASN A 21 -2.02 -13.14 3.38
CA ASN A 21 -0.80 -12.43 3.77
C ASN A 21 -1.14 -11.04 4.27
N THR A 22 -0.56 -10.67 5.41
CA THR A 22 -0.74 -9.35 5.97
C THR A 22 0.14 -8.34 5.26
N MET A 23 -0.41 -7.69 4.25
CA MET A 23 0.34 -6.72 3.48
C MET A 23 0.29 -5.36 4.16
N THR A 24 1.39 -4.96 4.74
CA THR A 24 1.46 -3.71 5.49
C THR A 24 2.05 -2.60 4.62
N ALA A 25 1.23 -1.61 4.30
CA ALA A 25 1.67 -0.47 3.53
C ALA A 25 1.83 0.74 4.45
N THR A 26 3.07 1.15 4.67
CA THR A 26 3.34 2.26 5.54
C THR A 26 3.29 3.57 4.75
N ILE A 27 2.32 4.40 5.08
CA ILE A 27 2.14 5.68 4.40
C ILE A 27 2.71 6.80 5.27
N GLU A 28 3.65 7.56 4.72
CA GLU A 28 4.28 8.64 5.45
C GLU A 28 3.93 9.98 4.80
N ASN A 29 3.30 10.86 5.56
CA ASN A 29 2.95 12.19 5.05
C ASN A 29 4.14 13.11 5.16
N GLN A 30 4.86 13.28 4.07
CA GLN A 30 6.08 14.06 4.05
C GLN A 30 5.80 15.50 3.64
N GLY A 31 4.74 16.06 4.19
CA GLY A 31 4.33 17.40 3.84
C GLY A 31 3.78 18.14 5.03
N ASN A 32 3.99 19.44 5.05
CA ASN A 32 3.64 20.24 6.22
C ASN A 32 2.18 20.66 6.22
N LYS A 33 1.30 19.67 6.24
CA LYS A 33 -0.12 19.90 6.44
C LYS A 33 -0.79 18.60 6.88
N ASP A 34 -1.93 18.71 7.54
CA ASP A 34 -2.70 17.55 7.93
C ASP A 34 -3.52 17.06 6.75
N SER A 35 -3.85 15.78 6.76
CA SER A 35 -4.69 15.20 5.73
C SER A 35 -5.89 14.52 6.36
N THR A 36 -7.05 14.74 5.77
CA THR A 36 -8.29 14.14 6.25
C THR A 36 -8.38 12.67 5.86
N SER A 37 -9.56 12.09 5.99
CA SER A 37 -9.76 10.70 5.63
C SER A 37 -9.47 10.49 4.15
N PHE A 38 -8.42 9.74 3.86
CA PHE A 38 -8.04 9.43 2.50
C PHE A 38 -8.10 7.92 2.29
N ASN A 39 -8.45 7.52 1.08
CA ASN A 39 -8.65 6.11 0.76
C ASN A 39 -7.33 5.49 0.28
N VAL A 40 -6.93 4.37 0.87
CA VAL A 40 -5.74 3.69 0.40
C VAL A 40 -6.11 2.29 -0.08
N SER A 41 -5.98 2.10 -1.39
CA SER A 41 -6.39 0.86 -2.02
C SER A 41 -5.18 0.09 -2.53
N LEU A 42 -5.23 -1.23 -2.42
CA LEU A 42 -4.17 -2.07 -2.95
C LEU A 42 -4.61 -2.71 -4.25
N LEU A 43 -3.95 -2.32 -5.33
CA LEU A 43 -4.25 -2.86 -6.64
C LEU A 43 -3.23 -3.91 -7.04
N VAL A 44 -3.71 -4.98 -7.65
CA VAL A 44 -2.84 -5.99 -8.24
C VAL A 44 -2.96 -5.91 -9.75
N ASP A 45 -1.89 -5.44 -10.39
CA ASP A 45 -1.85 -5.20 -11.84
C ASP A 45 -2.76 -4.03 -12.21
N GLY A 46 -4.06 -4.28 -12.17
CA GLY A 46 -5.02 -3.24 -12.48
C GLY A 46 -6.33 -3.41 -11.75
N ILE A 47 -6.40 -4.38 -10.84
CA ILE A 47 -7.63 -4.63 -10.10
C ILE A 47 -7.40 -4.38 -8.61
N VAL A 48 -8.43 -3.93 -7.93
CA VAL A 48 -8.31 -3.60 -6.51
C VAL A 48 -8.74 -4.79 -5.66
N VAL A 49 -7.80 -5.35 -4.91
CA VAL A 49 -8.08 -6.52 -4.09
C VAL A 49 -8.53 -6.12 -2.68
N ASP A 50 -8.04 -4.98 -2.21
CA ASP A 50 -8.37 -4.52 -0.87
C ASP A 50 -8.38 -2.99 -0.83
N THR A 51 -9.27 -2.44 -0.03
CA THR A 51 -9.45 -0.99 0.05
C THR A 51 -9.62 -0.58 1.51
N GLN A 52 -8.67 0.18 2.03
CA GLN A 52 -8.73 0.57 3.43
C GLN A 52 -8.61 2.09 3.54
N THR A 53 -9.72 2.72 3.84
CA THR A 53 -9.76 4.16 4.02
C THR A 53 -9.12 4.53 5.36
N VAL A 54 -8.22 5.50 5.32
CA VAL A 54 -7.52 5.93 6.53
C VAL A 54 -8.26 7.10 7.15
N THR A 55 -8.35 7.09 8.47
CA THR A 55 -9.08 8.11 9.21
C THR A 55 -8.53 9.51 8.98
N SER A 56 -7.23 9.68 9.18
CA SER A 56 -6.58 10.98 9.04
C SER A 56 -5.08 10.80 9.27
N LEU A 57 -4.27 11.64 8.62
CA LEU A 57 -2.83 11.57 8.79
C LEU A 57 -2.25 12.97 9.01
N GLU A 58 -1.39 13.09 10.00
CA GLU A 58 -0.82 14.37 10.36
C GLU A 58 0.47 14.64 9.59
N SER A 59 1.02 15.83 9.76
CA SER A 59 2.25 16.21 9.07
C SER A 59 3.44 15.42 9.62
N GLU A 60 4.21 14.82 8.70
CA GLU A 60 5.43 14.08 9.04
C GLU A 60 5.13 12.82 9.85
N ASN A 61 3.88 12.40 9.88
CA ASN A 61 3.49 11.22 10.64
C ASN A 61 3.27 10.04 9.68
N SER A 62 3.43 8.83 10.19
CA SER A 62 3.27 7.63 9.38
C SER A 62 2.05 6.83 9.84
N THR A 63 1.37 6.23 8.88
CA THR A 63 0.25 5.34 9.18
C THR A 63 0.42 4.03 8.44
N ASN A 64 0.33 2.92 9.17
CA ASN A 64 0.48 1.60 8.59
C ASN A 64 -0.87 1.07 8.15
N VAL A 65 -0.97 0.69 6.88
CA VAL A 65 -2.22 0.19 6.33
C VAL A 65 -2.22 -1.33 6.36
N ASP A 66 -3.33 -1.89 6.85
CA ASP A 66 -3.43 -3.32 7.05
C ASP A 66 -4.23 -3.96 5.92
N PHE A 67 -3.54 -4.52 4.93
CA PHE A 67 -4.19 -5.16 3.80
C PHE A 67 -4.30 -6.67 4.00
N HIS A 68 -5.39 -7.24 3.52
CA HIS A 68 -5.61 -8.67 3.63
C HIS A 68 -5.68 -9.29 2.23
N TRP A 69 -4.58 -9.94 1.85
CA TRP A 69 -4.47 -10.51 0.52
C TRP A 69 -4.34 -12.04 0.60
N THR A 70 -5.38 -12.72 0.15
CA THR A 70 -5.40 -14.18 0.13
C THR A 70 -4.61 -14.70 -1.08
N LEU A 71 -3.44 -15.27 -0.84
CA LEU A 71 -2.60 -15.76 -1.92
C LEU A 71 -3.22 -16.99 -2.58
N ASP A 72 -3.58 -16.86 -3.85
CA ASP A 72 -4.12 -17.97 -4.62
C ASP A 72 -3.00 -18.83 -5.19
N GLY A 73 -1.91 -18.19 -5.58
CA GLY A 73 -0.76 -18.91 -6.08
C GLY A 73 -0.80 -19.10 -7.58
N THR A 74 -1.34 -18.11 -8.29
CA THR A 74 -1.38 -18.16 -9.74
C THR A 74 -0.03 -17.77 -10.35
N ALA A 75 0.62 -16.79 -9.74
CA ALA A 75 1.86 -16.26 -10.27
C ALA A 75 2.97 -16.29 -9.25
N ASN A 76 4.20 -16.19 -9.73
CA ASN A 76 5.37 -16.16 -8.86
C ASN A 76 5.73 -14.74 -8.49
N SER A 77 5.12 -13.78 -9.20
CA SER A 77 5.34 -12.38 -8.92
C SER A 77 4.07 -11.59 -9.22
N TYR A 78 3.75 -10.65 -8.33
CA TYR A 78 2.55 -9.84 -8.46
C TYR A 78 2.90 -8.36 -8.43
N THR A 79 2.33 -7.59 -9.33
CA THR A 79 2.57 -6.15 -9.37
C THR A 79 1.55 -5.43 -8.49
N LEU A 80 1.91 -5.21 -7.24
CA LEU A 80 1.02 -4.54 -6.31
C LEU A 80 1.21 -3.03 -6.37
N THR A 81 0.10 -2.31 -6.34
CA THR A 81 0.14 -0.87 -6.41
C THR A 81 -0.73 -0.27 -5.31
N VAL A 82 -0.11 0.43 -4.38
CA VAL A 82 -0.84 1.14 -3.35
C VAL A 82 -1.19 2.53 -3.85
N ASN A 83 -2.45 2.74 -4.20
CA ASN A 83 -2.89 4.03 -4.70
C ASN A 83 -3.46 4.86 -3.56
N VAL A 84 -2.73 5.91 -3.19
CA VAL A 84 -3.12 6.77 -2.08
C VAL A 84 -4.13 7.81 -2.53
N ASP A 85 -5.32 7.68 -1.97
CA ASP A 85 -6.44 8.60 -2.20
C ASP A 85 -6.82 8.68 -3.68
N PRO A 86 -7.47 7.62 -4.20
CA PRO A 86 -7.95 7.59 -5.58
C PRO A 86 -9.19 8.46 -5.73
N GLU A 87 -9.82 8.76 -4.61
CA GLU A 87 -11.05 9.55 -4.60
C GLU A 87 -10.74 11.04 -4.55
N ASN A 88 -9.47 11.35 -4.25
CA ASN A 88 -8.99 12.74 -4.22
C ASN A 88 -9.70 13.55 -3.14
N ALA A 89 -9.82 12.94 -1.97
CA ALA A 89 -10.45 13.61 -0.84
C ALA A 89 -9.50 14.62 -0.22
N VAL A 90 -8.20 14.43 -0.45
CA VAL A 90 -7.18 15.34 0.05
C VAL A 90 -6.40 15.95 -1.12
N ASN A 91 -6.04 17.21 -1.00
CA ASN A 91 -5.27 17.88 -2.04
C ASN A 91 -3.77 17.70 -1.78
N GLU A 92 -3.15 16.82 -2.56
CA GLU A 92 -1.77 16.45 -2.35
C GLU A 92 -0.81 17.21 -3.26
N GLY A 93 0.38 17.47 -2.72
CA GLY A 93 1.46 18.08 -3.49
C GLY A 93 1.84 17.28 -4.72
N ASN A 94 2.93 16.53 -4.61
CA ASN A 94 3.42 15.71 -5.72
C ASN A 94 2.54 14.48 -5.92
N GLU A 95 1.75 14.49 -6.99
CA GLU A 95 0.87 13.37 -7.30
C GLU A 95 1.68 12.14 -7.72
N SER A 96 2.97 12.35 -7.96
CA SER A 96 3.87 11.27 -8.33
C SER A 96 4.13 10.34 -7.14
N ASN A 97 3.65 10.75 -5.97
CA ASN A 97 3.85 9.99 -4.75
C ASN A 97 2.65 9.12 -4.44
N ASN A 98 1.49 9.48 -4.99
CA ASN A 98 0.23 8.84 -4.64
C ASN A 98 0.24 7.34 -4.94
N THR A 99 0.92 6.94 -6.01
CA THR A 99 0.95 5.53 -6.36
C THR A 99 2.26 4.87 -5.98
N LEU A 100 2.16 3.79 -5.22
CA LEU A 100 3.31 2.98 -4.84
C LEU A 100 3.27 1.66 -5.61
N THR A 101 4.02 1.60 -6.69
CA THR A 101 4.06 0.41 -7.51
C THR A 101 5.18 -0.51 -7.04
N ALA A 102 4.83 -1.46 -6.17
CA ALA A 102 5.79 -2.39 -5.63
C ALA A 102 5.52 -3.79 -6.14
N LEU A 103 6.43 -4.29 -6.95
CA LEU A 103 6.30 -5.63 -7.50
C LEU A 103 6.75 -6.64 -6.46
N VAL A 104 5.78 -7.30 -5.84
CA VAL A 104 6.08 -8.26 -4.80
C VAL A 104 6.18 -9.65 -5.39
N GLY A 105 7.00 -10.50 -4.79
CA GLY A 105 7.19 -11.83 -5.34
C GLY A 105 6.78 -12.91 -4.37
N THR A 106 6.75 -14.13 -4.84
CA THR A 106 6.51 -15.26 -3.96
C THR A 106 7.83 -15.77 -3.42
N LEU A 107 7.91 -15.94 -2.10
CA LEU A 107 9.14 -16.34 -1.44
C LEU A 107 9.64 -17.64 -2.04
N GLU A 108 10.92 -17.67 -2.42
CA GLU A 108 11.42 -18.79 -3.18
C GLU A 108 11.79 -19.97 -2.29
N HIS A 109 12.64 -19.73 -1.29
CA HIS A 109 13.09 -20.79 -0.39
C HIS A 109 11.96 -21.29 0.51
N HIS A 110 10.92 -20.48 0.64
CA HIS A 110 9.68 -20.90 1.28
C HIS A 110 8.53 -20.57 0.33
N HIS A 111 8.30 -21.43 -0.64
CA HIS A 111 7.39 -21.10 -1.72
C HIS A 111 5.98 -21.58 -1.43
N HIS A 112 5.75 -22.88 -1.51
CA HIS A 112 4.41 -23.39 -1.26
C HIS A 112 4.34 -24.06 0.09
N HIS A 113 4.13 -23.25 1.12
CA HIS A 113 3.98 -23.75 2.47
C HIS A 113 2.54 -24.26 2.66
N HIS A 114 2.38 -25.26 3.51
CA HIS A 114 1.05 -25.72 3.85
C HIS A 114 0.68 -25.25 5.25
N MET A 1 -0.48 25.33 1.89
CA MET A 1 -0.58 24.28 2.93
C MET A 1 -1.13 23.00 2.31
N ILE A 2 -0.27 22.27 1.63
CA ILE A 2 -0.66 21.01 1.00
C ILE A 2 0.06 19.84 1.66
N PRO A 3 -0.63 18.71 1.82
CA PRO A 3 -0.02 17.47 2.27
C PRO A 3 0.46 16.64 1.09
N ASP A 4 1.41 15.77 1.34
CA ASP A 4 1.96 14.94 0.30
C ASP A 4 2.11 13.55 0.86
N LEU A 5 1.23 12.65 0.46
CA LEU A 5 1.19 11.34 1.10
C LEU A 5 1.92 10.36 0.23
N VAL A 6 2.87 9.66 0.82
CA VAL A 6 3.70 8.75 0.08
C VAL A 6 3.66 7.36 0.71
N PRO A 7 3.60 6.30 -0.09
CA PRO A 7 3.82 4.95 0.35
C PRO A 7 5.29 4.58 0.20
N VAL A 8 6.03 4.63 1.28
CA VAL A 8 7.47 4.48 1.24
C VAL A 8 7.89 3.02 1.12
N SER A 9 7.06 2.13 1.66
CA SER A 9 7.40 0.71 1.67
C SER A 9 6.14 -0.14 1.79
N LEU A 10 6.19 -1.31 1.17
CA LEU A 10 5.14 -2.30 1.34
C LEU A 10 5.79 -3.63 1.73
N THR A 11 5.31 -4.19 2.83
CA THR A 11 5.81 -5.47 3.30
C THR A 11 4.65 -6.47 3.41
N PRO A 12 4.91 -7.78 3.26
CA PRO A 12 6.24 -8.30 2.94
C PRO A 12 6.54 -8.22 1.45
N VAL A 13 7.83 -8.08 1.14
CA VAL A 13 8.27 -8.03 -0.26
C VAL A 13 8.11 -9.40 -0.92
N THR A 14 8.05 -10.44 -0.10
CA THR A 14 7.78 -11.78 -0.58
C THR A 14 6.57 -12.37 0.15
N VAL A 15 5.63 -12.93 -0.59
CA VAL A 15 4.38 -13.41 0.00
C VAL A 15 4.25 -14.92 -0.12
N VAL A 16 3.57 -15.53 0.85
CA VAL A 16 3.35 -16.95 0.85
C VAL A 16 1.97 -17.31 0.31
N PRO A 17 1.92 -18.05 -0.81
CA PRO A 17 0.66 -18.57 -1.35
C PRO A 17 0.13 -19.68 -0.45
N ASN A 18 -0.70 -19.31 0.51
CA ASN A 18 -1.14 -20.24 1.53
C ASN A 18 -2.38 -19.72 2.26
N THR A 19 -2.37 -18.43 2.55
CA THR A 19 -3.41 -17.83 3.36
C THR A 19 -3.70 -16.41 2.89
N VAL A 20 -4.48 -15.67 3.66
CA VAL A 20 -4.69 -14.26 3.39
C VAL A 20 -3.56 -13.46 4.01
N ASN A 21 -2.81 -12.80 3.15
CA ASN A 21 -1.61 -12.09 3.58
C ASN A 21 -1.97 -10.66 3.91
N THR A 22 -1.75 -10.28 5.16
CA THR A 22 -1.99 -8.91 5.57
C THR A 22 -0.82 -8.03 5.16
N MET A 23 -0.97 -7.37 4.02
CA MET A 23 0.09 -6.56 3.44
C MET A 23 0.14 -5.21 4.14
N THR A 24 1.32 -4.85 4.62
CA THR A 24 1.49 -3.62 5.38
C THR A 24 2.18 -2.54 4.53
N ALA A 25 1.45 -1.50 4.20
CA ALA A 25 2.01 -0.36 3.49
C ALA A 25 2.22 0.81 4.44
N THR A 26 3.40 1.38 4.40
CA THR A 26 3.72 2.51 5.26
C THR A 26 3.50 3.82 4.52
N ILE A 27 2.45 4.54 4.90
CA ILE A 27 2.13 5.82 4.27
C ILE A 27 2.61 6.96 5.14
N GLU A 28 3.49 7.78 4.59
CA GLU A 28 4.03 8.91 5.31
C GLU A 28 3.60 10.21 4.65
N ASN A 29 3.20 11.17 5.48
CA ASN A 29 2.79 12.48 4.98
C ASN A 29 3.98 13.44 4.97
N GLN A 30 4.56 13.61 3.79
CA GLN A 30 5.76 14.41 3.64
C GLN A 30 5.42 15.81 3.13
N GLY A 31 4.41 16.42 3.74
CA GLY A 31 4.00 17.75 3.36
C GLY A 31 3.54 18.56 4.56
N ASN A 32 3.53 19.88 4.43
CA ASN A 32 3.23 20.76 5.57
C ASN A 32 1.73 20.99 5.69
N LYS A 33 0.99 19.90 5.80
CA LYS A 33 -0.44 19.95 6.05
C LYS A 33 -0.90 18.60 6.58
N ASP A 34 -1.80 18.61 7.55
CA ASP A 34 -2.39 17.37 8.04
C ASP A 34 -3.43 16.86 7.06
N SER A 35 -3.60 15.56 6.99
CA SER A 35 -4.57 14.96 6.08
C SER A 35 -5.60 14.15 6.86
N THR A 36 -6.84 14.24 6.44
CA THR A 36 -7.94 13.55 7.10
C THR A 36 -8.17 12.16 6.48
N SER A 37 -9.34 11.57 6.75
CA SER A 37 -9.68 10.25 6.24
C SER A 37 -9.42 10.13 4.74
N PHE A 38 -8.50 9.26 4.38
CA PHE A 38 -8.19 9.01 2.98
C PHE A 38 -8.18 7.50 2.70
N ASN A 39 -8.54 7.13 1.49
CA ASN A 39 -8.72 5.73 1.12
C ASN A 39 -7.49 5.16 0.43
N VAL A 40 -6.75 4.31 1.09
CA VAL A 40 -5.57 3.70 0.48
C VAL A 40 -5.91 2.31 -0.06
N SER A 41 -5.78 2.17 -1.37
CA SER A 41 -6.13 0.92 -2.06
C SER A 41 -4.88 0.19 -2.53
N LEU A 42 -4.94 -1.14 -2.52
CA LEU A 42 -3.86 -1.94 -3.04
C LEU A 42 -4.27 -2.55 -4.38
N LEU A 43 -3.60 -2.13 -5.44
CA LEU A 43 -3.90 -2.63 -6.77
C LEU A 43 -2.88 -3.68 -7.18
N VAL A 44 -3.36 -4.87 -7.48
CA VAL A 44 -2.49 -5.96 -7.92
C VAL A 44 -2.57 -6.10 -9.44
N ASP A 45 -1.55 -5.59 -10.11
CA ASP A 45 -1.45 -5.65 -11.57
C ASP A 45 -2.63 -4.94 -12.25
N GLY A 46 -3.32 -4.09 -11.50
CA GLY A 46 -4.40 -3.32 -12.06
C GLY A 46 -5.69 -3.43 -11.27
N ILE A 47 -5.94 -4.60 -10.69
CA ILE A 47 -7.17 -4.84 -9.97
C ILE A 47 -7.01 -4.47 -8.50
N VAL A 48 -8.10 -4.04 -7.88
CA VAL A 48 -8.06 -3.66 -6.48
C VAL A 48 -8.51 -4.81 -5.60
N VAL A 49 -7.59 -5.36 -4.82
CA VAL A 49 -7.90 -6.50 -3.96
C VAL A 49 -8.48 -6.05 -2.63
N ASP A 50 -8.03 -4.91 -2.14
CA ASP A 50 -8.50 -4.40 -0.85
C ASP A 50 -8.25 -2.91 -0.74
N THR A 51 -8.94 -2.27 0.19
CA THR A 51 -8.81 -0.84 0.42
C THR A 51 -9.07 -0.52 1.90
N GLN A 52 -8.18 0.22 2.51
CA GLN A 52 -8.33 0.58 3.91
C GLN A 52 -8.45 2.09 4.05
N THR A 53 -9.58 2.53 4.59
CA THR A 53 -9.78 3.94 4.86
C THR A 53 -8.99 4.35 6.09
N VAL A 54 -7.93 5.11 5.88
CA VAL A 54 -7.11 5.60 6.97
C VAL A 54 -7.82 6.76 7.64
N THR A 55 -7.96 6.69 8.95
CA THR A 55 -8.73 7.67 9.70
C THR A 55 -8.21 9.08 9.50
N SER A 56 -6.90 9.27 9.66
CA SER A 56 -6.26 10.58 9.54
C SER A 56 -4.74 10.41 9.55
N LEU A 57 -4.03 11.32 8.89
CA LEU A 57 -2.58 11.29 8.88
C LEU A 57 -2.01 12.69 9.07
N GLU A 58 -1.38 12.91 10.20
CA GLU A 58 -0.82 14.21 10.55
C GLU A 58 0.47 14.47 9.76
N SER A 59 1.01 15.68 9.90
CA SER A 59 2.23 16.05 9.19
C SER A 59 3.43 15.26 9.72
N GLU A 60 4.17 14.66 8.79
CA GLU A 60 5.38 13.90 9.10
C GLU A 60 5.03 12.59 9.84
N ASN A 61 3.75 12.26 9.88
CA ASN A 61 3.34 11.02 10.52
C ASN A 61 3.25 9.91 9.49
N SER A 62 3.56 8.69 9.91
CA SER A 62 3.47 7.54 9.04
C SER A 62 2.48 6.54 9.62
N THR A 63 1.56 6.07 8.79
CA THR A 63 0.58 5.09 9.23
C THR A 63 0.79 3.76 8.50
N ASN A 64 0.64 2.68 9.24
CA ASN A 64 0.77 1.34 8.69
C ASN A 64 -0.59 0.83 8.23
N VAL A 65 -0.72 0.66 6.92
CA VAL A 65 -1.95 0.18 6.32
C VAL A 65 -1.87 -1.32 6.10
N ASP A 66 -2.80 -2.05 6.67
CA ASP A 66 -2.77 -3.50 6.59
C ASP A 66 -3.91 -4.03 5.73
N PHE A 67 -3.57 -4.54 4.55
CA PHE A 67 -4.56 -4.99 3.58
C PHE A 67 -4.86 -6.47 3.77
N HIS A 68 -5.96 -6.91 3.18
CA HIS A 68 -6.37 -8.30 3.22
C HIS A 68 -6.27 -8.90 1.82
N TRP A 69 -5.13 -9.51 1.53
CA TRP A 69 -4.88 -10.06 0.21
C TRP A 69 -4.80 -11.59 0.27
N THR A 70 -5.80 -12.24 -0.30
CA THR A 70 -5.82 -13.70 -0.37
C THR A 70 -4.96 -14.17 -1.55
N LEU A 71 -3.85 -14.82 -1.25
CA LEU A 71 -2.93 -15.27 -2.29
C LEU A 71 -3.50 -16.42 -3.09
N ASP A 72 -3.67 -16.20 -4.38
CA ASP A 72 -4.11 -17.24 -5.29
C ASP A 72 -2.92 -18.10 -5.71
N GLY A 73 -1.76 -17.45 -5.82
CA GLY A 73 -0.53 -18.17 -6.10
C GLY A 73 -0.40 -18.56 -7.57
N THR A 74 -0.99 -17.76 -8.44
CA THR A 74 -0.93 -18.03 -9.86
C THR A 74 0.40 -17.56 -10.44
N ALA A 75 0.75 -16.32 -10.16
CA ALA A 75 2.00 -15.75 -10.63
C ALA A 75 2.99 -15.64 -9.48
N ASN A 76 4.27 -15.77 -9.79
CA ASN A 76 5.32 -15.68 -8.77
C ASN A 76 5.73 -14.23 -8.55
N SER A 77 5.26 -13.34 -9.40
CA SER A 77 5.56 -11.93 -9.28
C SER A 77 4.31 -11.10 -9.54
N TYR A 78 3.92 -10.33 -8.54
CA TYR A 78 2.75 -9.45 -8.67
C TYR A 78 3.16 -7.99 -8.55
N THR A 79 2.41 -7.13 -9.22
CA THR A 79 2.67 -5.71 -9.19
C THR A 79 1.69 -5.03 -8.24
N LEU A 80 2.09 -4.93 -6.97
CA LEU A 80 1.25 -4.33 -5.97
C LEU A 80 1.46 -2.83 -5.91
N THR A 81 0.43 -2.10 -6.27
CA THR A 81 0.49 -0.67 -6.32
C THR A 81 -0.39 -0.05 -5.23
N VAL A 82 0.22 0.71 -4.36
CA VAL A 82 -0.52 1.41 -3.32
C VAL A 82 -0.94 2.77 -3.83
N ASN A 83 -2.21 2.90 -4.19
CA ASN A 83 -2.74 4.17 -4.66
C ASN A 83 -3.40 4.91 -3.51
N VAL A 84 -2.80 6.03 -3.13
CA VAL A 84 -3.31 6.81 -2.02
C VAL A 84 -4.48 7.69 -2.46
N ASP A 85 -5.67 7.24 -2.06
CA ASP A 85 -6.94 7.93 -2.30
C ASP A 85 -7.17 8.26 -3.77
N PRO A 86 -7.81 7.34 -4.50
CA PRO A 86 -8.16 7.52 -5.91
C PRO A 86 -9.40 8.40 -6.08
N GLU A 87 -9.76 9.11 -5.02
CA GLU A 87 -10.95 9.94 -5.03
C GLU A 87 -10.56 11.41 -4.86
N ASN A 88 -9.33 11.64 -4.40
CA ASN A 88 -8.82 12.98 -4.15
C ASN A 88 -9.63 13.67 -3.06
N ALA A 89 -9.84 12.95 -1.95
CA ALA A 89 -10.49 13.53 -0.79
C ALA A 89 -9.63 14.63 -0.19
N VAL A 90 -8.31 14.42 -0.29
CA VAL A 90 -7.34 15.41 0.12
C VAL A 90 -6.71 16.01 -1.14
N ASN A 91 -5.97 17.09 -1.00
CA ASN A 91 -5.27 17.67 -2.15
C ASN A 91 -3.78 17.35 -2.05
N GLU A 92 -3.38 16.24 -2.68
CA GLU A 92 -2.02 15.74 -2.54
C GLU A 92 -1.04 16.56 -3.37
N GLY A 93 0.19 16.62 -2.87
CA GLY A 93 1.31 17.18 -3.60
C GLY A 93 1.56 16.50 -4.95
N ASN A 94 2.55 15.62 -4.97
CA ASN A 94 2.98 15.00 -6.22
C ASN A 94 2.13 13.77 -6.54
N GLU A 95 1.65 13.71 -7.78
CA GLU A 95 0.86 12.57 -8.25
C GLU A 95 1.70 11.31 -8.24
N SER A 96 2.99 11.47 -8.49
CA SER A 96 3.93 10.36 -8.47
C SER A 96 3.96 9.69 -7.09
N ASN A 97 3.67 10.50 -6.07
CA ASN A 97 3.74 10.05 -4.69
C ASN A 97 2.45 9.36 -4.27
N ASN A 98 1.40 9.51 -5.09
CA ASN A 98 0.13 8.86 -4.81
C ASN A 98 0.20 7.37 -5.09
N THR A 99 1.28 6.93 -5.73
CA THR A 99 1.38 5.55 -6.16
C THR A 99 2.71 4.91 -5.75
N LEU A 100 2.61 3.78 -5.06
CA LEU A 100 3.78 2.95 -4.79
C LEU A 100 3.70 1.68 -5.61
N THR A 101 4.46 1.64 -6.68
CA THR A 101 4.57 0.43 -7.49
C THR A 101 5.62 -0.50 -6.91
N ALA A 102 5.16 -1.44 -6.09
CA ALA A 102 6.06 -2.36 -5.43
C ALA A 102 5.90 -3.77 -5.98
N LEU A 103 6.97 -4.30 -6.54
CA LEU A 103 6.95 -5.66 -7.04
C LEU A 103 7.17 -6.64 -5.92
N VAL A 104 6.15 -7.44 -5.65
CA VAL A 104 6.23 -8.44 -4.61
C VAL A 104 6.31 -9.81 -5.25
N GLY A 105 7.13 -10.68 -4.69
CA GLY A 105 7.30 -11.99 -5.25
C GLY A 105 6.84 -13.05 -4.28
N THR A 106 6.66 -14.26 -4.76
CA THR A 106 6.32 -15.35 -3.90
C THR A 106 7.53 -15.75 -3.07
N LEU A 107 7.32 -16.00 -1.79
CA LEU A 107 8.41 -16.33 -0.88
C LEU A 107 9.14 -17.58 -1.36
N GLU A 108 10.43 -17.62 -1.11
CA GLU A 108 11.27 -18.74 -1.53
C GLU A 108 10.77 -20.05 -0.95
N HIS A 109 10.22 -19.98 0.28
CA HIS A 109 9.72 -21.17 0.96
C HIS A 109 10.88 -22.07 1.35
N HIS A 110 12.08 -21.51 1.26
CA HIS A 110 13.31 -22.23 1.59
C HIS A 110 13.83 -21.72 2.92
N HIS A 111 14.32 -22.63 3.75
CA HIS A 111 14.87 -22.24 5.05
C HIS A 111 16.29 -21.71 4.89
N HIS A 112 16.84 -21.87 3.70
CA HIS A 112 18.06 -21.19 3.33
C HIS A 112 17.71 -20.06 2.36
N HIS A 113 17.46 -18.90 2.93
CA HIS A 113 16.98 -17.75 2.17
C HIS A 113 18.13 -17.05 1.46
N HIS A 114 17.84 -16.44 0.32
CA HIS A 114 18.82 -15.65 -0.39
C HIS A 114 18.64 -14.18 -0.03
N MET A 1 -0.76 25.82 2.12
CA MET A 1 -0.16 24.59 2.70
C MET A 1 -0.88 23.37 2.16
N ILE A 2 -0.16 22.53 1.46
CA ILE A 2 -0.73 21.33 0.88
C ILE A 2 -0.11 20.09 1.54
N PRO A 3 -0.90 19.02 1.77
CA PRO A 3 -0.37 17.75 2.28
C PRO A 3 0.35 16.98 1.19
N ASP A 4 1.25 16.10 1.57
CA ASP A 4 1.97 15.28 0.62
C ASP A 4 2.08 13.88 1.18
N LEU A 5 1.26 12.96 0.70
CA LEU A 5 1.20 11.64 1.29
C LEU A 5 2.02 10.69 0.45
N VAL A 6 2.94 10.00 1.08
CA VAL A 6 3.83 9.14 0.33
C VAL A 6 3.78 7.72 0.86
N PRO A 7 3.81 6.72 -0.02
CA PRO A 7 4.00 5.34 0.33
C PRO A 7 5.46 4.93 0.17
N VAL A 8 6.12 4.69 1.29
CA VAL A 8 7.56 4.52 1.30
C VAL A 8 7.98 3.07 1.02
N SER A 9 7.24 2.12 1.57
CA SER A 9 7.56 0.71 1.39
C SER A 9 6.34 -0.16 1.58
N LEU A 10 6.41 -1.38 1.08
CA LEU A 10 5.39 -2.38 1.33
C LEU A 10 6.05 -3.65 1.86
N THR A 11 5.57 -4.12 2.99
CA THR A 11 6.05 -5.35 3.58
C THR A 11 4.89 -6.34 3.77
N PRO A 12 5.04 -7.59 3.35
CA PRO A 12 6.29 -8.13 2.83
C PRO A 12 6.37 -8.09 1.31
N VAL A 13 7.57 -7.87 0.81
CA VAL A 13 7.82 -7.89 -0.63
C VAL A 13 7.65 -9.30 -1.20
N THR A 14 7.69 -10.29 -0.33
CA THR A 14 7.45 -11.68 -0.73
C THR A 14 6.26 -12.23 0.03
N VAL A 15 5.54 -13.18 -0.55
CA VAL A 15 4.31 -13.68 0.05
C VAL A 15 4.16 -15.18 -0.17
N VAL A 16 3.37 -15.81 0.69
CA VAL A 16 3.21 -17.25 0.66
C VAL A 16 1.91 -17.62 -0.06
N PRO A 17 1.94 -18.56 -1.01
CA PRO A 17 0.76 -19.02 -1.75
C PRO A 17 -0.04 -20.08 -0.99
N ASN A 18 0.19 -20.19 0.31
CA ASN A 18 -0.42 -21.25 1.10
C ASN A 18 -1.53 -20.71 1.99
N THR A 19 -1.47 -19.43 2.29
CA THR A 19 -2.38 -18.82 3.26
C THR A 19 -2.71 -17.39 2.84
N VAL A 20 -3.56 -16.72 3.61
CA VAL A 20 -3.83 -15.31 3.39
C VAL A 20 -2.62 -14.50 3.85
N ASN A 21 -2.32 -13.46 3.11
CA ASN A 21 -1.14 -12.66 3.31
C ASN A 21 -1.55 -11.27 3.73
N THR A 22 -0.91 -10.78 4.76
CA THR A 22 -1.27 -9.50 5.31
C THR A 22 -0.18 -8.51 4.96
N MET A 23 -0.59 -7.51 4.21
CA MET A 23 0.32 -6.62 3.52
C MET A 23 0.33 -5.27 4.17
N THR A 24 1.49 -4.83 4.59
CA THR A 24 1.59 -3.61 5.35
C THR A 24 2.29 -2.54 4.52
N ALA A 25 1.60 -1.43 4.37
CA ALA A 25 2.05 -0.33 3.56
C ALA A 25 2.20 0.88 4.43
N THR A 26 3.32 1.56 4.32
CA THR A 26 3.64 2.61 5.23
C THR A 26 3.60 3.95 4.52
N ILE A 27 2.74 4.81 5.03
CA ILE A 27 2.44 6.09 4.40
C ILE A 27 2.86 7.22 5.31
N GLU A 28 3.57 8.18 4.77
CA GLU A 28 4.01 9.33 5.55
C GLU A 28 3.47 10.61 4.94
N ASN A 29 3.03 11.53 5.79
CA ASN A 29 2.58 12.84 5.33
C ASN A 29 3.73 13.82 5.41
N GLN A 30 4.38 14.03 4.27
CA GLN A 30 5.58 14.85 4.22
C GLN A 30 5.26 16.23 3.66
N GLY A 31 4.20 16.82 4.20
CA GLY A 31 3.79 18.15 3.81
C GLY A 31 3.24 18.91 5.00
N ASN A 32 3.32 20.23 4.97
CA ASN A 32 2.92 21.04 6.11
C ASN A 32 1.41 21.26 6.15
N LYS A 33 0.67 20.17 6.11
CA LYS A 33 -0.78 20.20 6.32
C LYS A 33 -1.23 18.80 6.66
N ASP A 34 -2.10 18.67 7.65
CA ASP A 34 -2.54 17.37 8.12
C ASP A 34 -3.61 16.80 7.21
N SER A 35 -3.48 15.53 6.88
CA SER A 35 -4.46 14.86 6.04
C SER A 35 -5.45 14.12 6.93
N THR A 36 -6.71 14.12 6.52
CA THR A 36 -7.74 13.45 7.29
C THR A 36 -8.03 12.06 6.69
N SER A 37 -9.31 11.76 6.45
CA SER A 37 -9.69 10.42 6.02
C SER A 37 -9.51 10.26 4.51
N PHE A 38 -8.51 9.47 4.13
CA PHE A 38 -8.26 9.17 2.74
C PHE A 38 -8.29 7.66 2.52
N ASN A 39 -8.77 7.26 1.35
CA ASN A 39 -8.98 5.85 1.04
C ASN A 39 -7.75 5.25 0.37
N VAL A 40 -7.03 4.39 1.06
CA VAL A 40 -5.84 3.80 0.49
C VAL A 40 -6.17 2.42 -0.08
N SER A 41 -5.80 2.21 -1.34
CA SER A 41 -6.17 0.98 -2.02
C SER A 41 -4.94 0.20 -2.45
N LEU A 42 -5.02 -1.12 -2.34
CA LEU A 42 -3.96 -1.98 -2.85
C LEU A 42 -4.39 -2.55 -4.19
N LEU A 43 -3.70 -2.12 -5.24
CA LEU A 43 -4.02 -2.56 -6.58
C LEU A 43 -3.04 -3.61 -7.05
N VAL A 44 -3.56 -4.75 -7.47
CA VAL A 44 -2.75 -5.81 -8.03
C VAL A 44 -2.72 -5.67 -9.55
N ASP A 45 -1.66 -5.03 -10.04
CA ASP A 45 -1.47 -4.80 -11.48
C ASP A 45 -2.57 -3.90 -12.06
N GLY A 46 -3.43 -3.38 -11.21
CA GLY A 46 -4.49 -2.50 -11.67
C GLY A 46 -5.80 -2.75 -10.96
N ILE A 47 -6.07 -4.01 -10.62
CA ILE A 47 -7.31 -4.37 -9.95
C ILE A 47 -7.18 -4.12 -8.45
N VAL A 48 -8.27 -3.76 -7.82
CA VAL A 48 -8.26 -3.43 -6.40
C VAL A 48 -8.73 -4.61 -5.57
N VAL A 49 -7.87 -5.11 -4.69
CA VAL A 49 -8.22 -6.27 -3.87
C VAL A 49 -8.71 -5.87 -2.49
N ASP A 50 -8.26 -4.72 -2.00
CA ASP A 50 -8.64 -4.25 -0.67
C ASP A 50 -8.38 -2.75 -0.54
N THR A 51 -9.33 -2.03 0.05
CA THR A 51 -9.21 -0.60 0.26
C THR A 51 -9.39 -0.26 1.73
N GLN A 52 -8.40 0.37 2.32
CA GLN A 52 -8.43 0.72 3.72
C GLN A 52 -8.44 2.24 3.86
N THR A 53 -9.51 2.77 4.44
CA THR A 53 -9.63 4.20 4.62
C THR A 53 -8.88 4.65 5.87
N VAL A 54 -7.79 5.38 5.67
CA VAL A 54 -7.01 5.88 6.78
C VAL A 54 -7.70 7.07 7.40
N THR A 55 -7.98 6.98 8.70
CA THR A 55 -8.76 7.98 9.40
C THR A 55 -8.13 9.37 9.32
N SER A 56 -6.80 9.43 9.43
CA SER A 56 -6.07 10.68 9.37
C SER A 56 -4.56 10.43 9.35
N LEU A 57 -3.84 11.25 8.60
CA LEU A 57 -2.39 11.18 8.59
C LEU A 57 -1.81 12.55 8.89
N GLU A 58 -1.33 12.70 10.11
CA GLU A 58 -0.83 13.98 10.60
C GLU A 58 0.49 14.36 9.92
N SER A 59 0.83 15.64 9.99
CA SER A 59 2.06 16.16 9.40
C SER A 59 3.28 15.51 10.06
N GLU A 60 4.08 14.83 9.25
CA GLU A 60 5.29 14.14 9.70
C GLU A 60 4.93 12.90 10.53
N ASN A 61 3.69 12.45 10.42
CA ASN A 61 3.27 11.21 11.05
C ASN A 61 3.21 10.11 10.00
N SER A 62 3.30 8.86 10.42
CA SER A 62 3.27 7.74 9.50
C SER A 62 2.21 6.73 9.90
N THR A 63 1.57 6.14 8.91
CA THR A 63 0.53 5.15 9.14
C THR A 63 0.86 3.85 8.40
N ASN A 64 0.78 2.74 9.10
CA ASN A 64 1.01 1.43 8.52
C ASN A 64 -0.33 0.74 8.25
N VAL A 65 -0.59 0.47 6.99
CA VAL A 65 -1.85 -0.10 6.55
C VAL A 65 -1.72 -1.59 6.27
N ASP A 66 -2.56 -2.40 6.91
CA ASP A 66 -2.53 -3.85 6.69
C ASP A 66 -3.67 -4.28 5.78
N PHE A 67 -3.33 -4.73 4.58
CA PHE A 67 -4.31 -5.19 3.62
C PHE A 67 -4.56 -6.68 3.76
N HIS A 68 -5.70 -7.13 3.25
CA HIS A 68 -6.07 -8.54 3.31
C HIS A 68 -5.99 -9.16 1.91
N TRP A 69 -5.02 -10.02 1.71
CA TRP A 69 -4.78 -10.60 0.39
C TRP A 69 -4.64 -12.12 0.47
N THR A 70 -5.66 -12.82 -0.01
CA THR A 70 -5.62 -14.27 -0.09
C THR A 70 -4.94 -14.70 -1.38
N LEU A 71 -3.87 -15.49 -1.27
CA LEU A 71 -3.12 -15.90 -2.45
C LEU A 71 -3.91 -16.94 -3.25
N ASP A 72 -4.15 -16.61 -4.51
CA ASP A 72 -4.86 -17.50 -5.42
C ASP A 72 -3.89 -18.42 -6.14
N GLY A 73 -2.77 -17.87 -6.57
CA GLY A 73 -1.73 -18.66 -7.19
C GLY A 73 -1.76 -18.60 -8.71
N THR A 74 -2.31 -17.53 -9.25
CA THR A 74 -2.34 -17.34 -10.70
C THR A 74 -0.96 -16.93 -11.22
N ALA A 75 -0.31 -16.05 -10.48
CA ALA A 75 1.03 -15.60 -10.83
C ALA A 75 1.97 -15.75 -9.65
N ASN A 76 3.27 -15.72 -9.92
CA ASN A 76 4.28 -15.86 -8.87
C ASN A 76 4.84 -14.49 -8.51
N SER A 77 4.45 -13.49 -9.28
CA SER A 77 4.86 -12.13 -9.03
C SER A 77 3.73 -11.18 -9.42
N TYR A 78 3.15 -10.53 -8.44
CA TYR A 78 2.11 -9.56 -8.67
C TYR A 78 2.63 -8.14 -8.48
N THR A 79 2.06 -7.19 -9.21
CA THR A 79 2.46 -5.81 -9.07
C THR A 79 1.55 -5.11 -8.07
N LEU A 80 1.91 -5.19 -6.81
CA LEU A 80 1.10 -4.59 -5.76
C LEU A 80 1.38 -3.10 -5.66
N THR A 81 0.37 -2.32 -5.98
CA THR A 81 0.50 -0.88 -6.03
C THR A 81 -0.41 -0.23 -5.01
N VAL A 82 0.20 0.49 -4.06
CA VAL A 82 -0.56 1.21 -3.07
C VAL A 82 -0.93 2.58 -3.62
N ASN A 83 -2.21 2.77 -3.93
CA ASN A 83 -2.68 4.05 -4.44
C ASN A 83 -3.36 4.82 -3.33
N VAL A 84 -2.79 5.95 -2.98
CA VAL A 84 -3.30 6.77 -1.90
C VAL A 84 -4.45 7.66 -2.38
N ASP A 85 -5.65 7.24 -1.99
CA ASP A 85 -6.92 7.92 -2.29
C ASP A 85 -7.11 8.16 -3.79
N PRO A 86 -7.73 7.18 -4.46
CA PRO A 86 -8.00 7.25 -5.90
C PRO A 86 -8.93 8.39 -6.26
N GLU A 87 -9.74 8.82 -5.29
CA GLU A 87 -10.64 9.94 -5.48
C GLU A 87 -9.86 11.25 -5.44
N ASN A 88 -8.77 11.22 -4.69
CA ASN A 88 -7.93 12.38 -4.44
C ASN A 88 -8.77 13.49 -3.83
N ALA A 89 -9.45 13.15 -2.74
CA ALA A 89 -10.27 14.10 -2.01
C ALA A 89 -9.38 15.04 -1.23
N VAL A 90 -8.19 14.57 -0.92
CA VAL A 90 -7.18 15.39 -0.28
C VAL A 90 -6.09 15.70 -1.29
N ASN A 91 -6.16 16.88 -1.90
CA ASN A 91 -5.16 17.26 -2.91
C ASN A 91 -3.78 17.31 -2.28
N GLU A 92 -2.81 16.74 -2.98
CA GLU A 92 -1.45 16.67 -2.47
C GLU A 92 -0.53 17.55 -3.29
N GLY A 93 0.66 17.77 -2.75
CA GLY A 93 1.71 18.49 -3.45
C GLY A 93 2.08 17.84 -4.78
N ASN A 94 3.19 17.12 -4.77
CA ASN A 94 3.68 16.43 -5.96
C ASN A 94 2.76 15.26 -6.30
N GLU A 95 1.89 15.46 -7.29
CA GLU A 95 0.91 14.43 -7.69
C GLU A 95 1.56 13.32 -8.51
N SER A 96 2.60 12.73 -7.95
CA SER A 96 3.25 11.57 -8.53
C SER A 96 3.56 10.59 -7.39
N ASN A 97 2.89 10.85 -6.28
CA ASN A 97 3.12 10.17 -5.02
C ASN A 97 2.10 9.06 -4.78
N ASN A 98 0.92 9.22 -5.37
CA ASN A 98 -0.22 8.37 -5.05
C ASN A 98 0.06 6.88 -5.23
N THR A 99 0.89 6.52 -6.19
CA THR A 99 1.13 5.13 -6.50
C THR A 99 2.50 4.66 -6.05
N LEU A 100 2.52 3.62 -5.22
CA LEU A 100 3.75 2.92 -4.88
C LEU A 100 3.76 1.57 -5.57
N THR A 101 4.59 1.46 -6.59
CA THR A 101 4.66 0.24 -7.38
C THR A 101 5.70 -0.72 -6.80
N ALA A 102 5.23 -1.73 -6.10
CA ALA A 102 6.12 -2.71 -5.50
C ALA A 102 5.82 -4.10 -6.03
N LEU A 103 6.79 -4.68 -6.72
CA LEU A 103 6.67 -6.04 -7.20
C LEU A 103 6.83 -7.02 -6.05
N VAL A 104 5.78 -7.79 -5.82
CA VAL A 104 5.81 -8.78 -4.76
C VAL A 104 5.76 -10.17 -5.37
N GLY A 105 6.62 -11.04 -4.89
CA GLY A 105 6.71 -12.37 -5.45
C GLY A 105 6.44 -13.43 -4.41
N THR A 106 6.22 -14.65 -4.86
CA THR A 106 6.01 -15.76 -3.95
C THR A 106 7.31 -16.07 -3.22
N LEU A 107 7.19 -16.50 -1.97
CA LEU A 107 8.32 -16.68 -1.08
C LEU A 107 9.40 -17.59 -1.69
N GLU A 108 10.48 -16.96 -2.13
CA GLU A 108 11.66 -17.69 -2.55
C GLU A 108 12.48 -18.01 -1.31
N HIS A 109 12.80 -19.29 -1.14
CA HIS A 109 13.35 -19.78 0.12
C HIS A 109 14.78 -19.31 0.36
N HIS A 110 15.51 -18.96 -0.70
CA HIS A 110 16.90 -18.57 -0.56
C HIS A 110 17.03 -17.08 -0.24
N HIS A 111 16.77 -16.23 -1.23
CA HIS A 111 16.98 -14.81 -1.08
C HIS A 111 15.77 -14.13 -0.48
N HIS A 112 15.98 -13.45 0.63
CA HIS A 112 14.94 -12.67 1.28
C HIS A 112 15.33 -11.21 1.27
N HIS A 113 14.37 -10.33 1.54
CA HIS A 113 14.67 -8.92 1.71
C HIS A 113 14.66 -8.60 3.20
N HIS A 114 15.70 -9.05 3.88
CA HIS A 114 15.80 -8.92 5.32
C HIS A 114 17.21 -9.32 5.76
#